data_3NGT
#
_entry.id   3NGT
#
_cell.length_a   233.949
_cell.length_b   233.949
_cell.length_c   265.335
_cell.angle_alpha   90.00
_cell.angle_beta   90.00
_cell.angle_gamma   120.00
#
_symmetry.space_group_name_H-M   'H 3 2'
#
loop_
_entity.id
_entity.type
_entity.pdbx_description
1 polymer 'Nucleoside diphosphate kinase'
2 non-polymer 'ADENOSINE MONOPHOSPHATE'
3 water water
#
_entity_poly.entity_id   1
_entity_poly.type   'polypeptide(L)'
_entity_poly.pdbx_seq_one_letter_code
;MSSERTFIAVKPDGVQRGLVGEIIARFERKGYKLVALKILQPTTEQAQGHYKDLCSKPFFPALVKYFSSGPIVCMVWEGK
NVVKSGRVLLGATNPADSQPGTIRGDFAVDVGRNVCHGSDSVESAEREIAFWFKADEIASWTSHSVSQIYE
;
_entity_poly.pdbx_strand_id   A,B,C,D,E,F,G,H,I,J,K,L,M,N
#
# COMPACT_ATOMS: atom_id res chain seq x y z
N SER A 2 -37.87 7.77 21.78
CA SER A 2 -37.63 8.97 22.65
C SER A 2 -36.54 8.77 23.75
N SER A 3 -35.27 8.55 23.37
CA SER A 3 -34.83 8.38 21.98
C SER A 3 -34.31 6.95 21.63
N GLU A 4 -34.97 6.27 20.69
CA GLU A 4 -34.44 5.00 20.27
C GLU A 4 -33.11 5.17 19.48
N ARG A 5 -32.49 4.05 19.11
CA ARG A 5 -31.22 4.08 18.36
C ARG A 5 -31.32 2.99 17.35
N THR A 6 -30.68 3.11 16.20
CA THR A 6 -30.71 1.98 15.32
C THR A 6 -29.35 1.71 14.77
N PHE A 7 -29.15 0.50 14.30
CA PHE A 7 -27.89 0.16 13.66
C PHE A 7 -28.05 0.32 12.16
N ILE A 8 -27.12 1.04 11.55
CA ILE A 8 -27.10 1.18 10.10
C ILE A 8 -25.71 0.75 9.68
N ALA A 9 -25.59 -0.01 8.59
CA ALA A 9 -24.26 -0.30 8.06
C ALA A 9 -24.27 -0.12 6.53
N VAL A 10 -23.14 0.24 5.94
CA VAL A 10 -23.03 0.35 4.51
C VAL A 10 -22.25 -0.88 4.27
N LYS A 11 -22.77 -1.74 3.41
CA LYS A 11 -22.14 -3.03 3.13
C LYS A 11 -20.95 -2.84 2.17
N PRO A 12 -20.11 -3.89 1.94
CA PRO A 12 -18.95 -3.78 1.04
C PRO A 12 -19.24 -3.11 -0.33
N ASP A 13 -20.36 -3.44 -0.96
CA ASP A 13 -20.74 -2.82 -2.24
C ASP A 13 -20.96 -1.31 -2.08
N GLY A 14 -21.73 -0.90 -1.06
CA GLY A 14 -21.83 0.49 -0.71
C GLY A 14 -20.52 1.21 -0.42
N VAL A 15 -19.59 0.58 0.30
CA VAL A 15 -18.28 1.21 0.46
C VAL A 15 -17.48 1.30 -0.87
N GLN A 16 -17.37 0.16 -1.57
CA GLN A 16 -16.74 0.15 -2.94
C GLN A 16 -17.27 1.19 -3.95
N ARG A 17 -18.57 1.52 -3.85
CA ARG A 17 -19.17 2.36 -4.85
C ARG A 17 -19.28 3.79 -4.44
N GLY A 18 -18.72 4.13 -3.28
CA GLY A 18 -18.63 5.51 -2.88
C GLY A 18 -19.89 6.08 -2.29
N LEU A 19 -20.68 5.27 -1.59
CA LEU A 19 -21.98 5.74 -1.16
C LEU A 19 -22.00 6.21 0.28
N VAL A 20 -20.87 6.10 0.97
CA VAL A 20 -20.84 6.31 2.42
C VAL A 20 -21.34 7.69 2.79
N GLY A 21 -20.80 8.70 2.12
CA GLY A 21 -21.17 10.11 2.36
C GLY A 21 -22.64 10.38 2.07
N GLU A 22 -23.16 9.88 0.93
CA GLU A 22 -24.58 10.06 0.58
C GLU A 22 -25.59 9.50 1.61
N ILE A 23 -25.35 8.28 2.12
CA ILE A 23 -26.20 7.66 3.13
C ILE A 23 -26.13 8.42 4.43
N ILE A 24 -24.94 8.81 4.86
CA ILE A 24 -24.87 9.59 6.10
C ILE A 24 -25.69 10.92 5.98
N ALA A 25 -25.51 11.62 4.84
CA ALA A 25 -26.19 12.90 4.56
C ALA A 25 -27.72 12.78 4.61
N ARG A 26 -28.26 11.67 4.11
CA ARG A 26 -29.70 11.43 4.20
C ARG A 26 -30.18 11.24 5.64
N PHE A 27 -29.40 10.54 6.48
CA PHE A 27 -29.72 10.53 7.91
C PHE A 27 -29.53 11.91 8.60
N GLU A 28 -28.45 12.65 8.30
CA GLU A 28 -28.34 13.99 8.93
C GLU A 28 -29.50 14.92 8.55
N ARG A 29 -29.88 14.97 7.28
CA ARG A 29 -30.84 15.96 6.82
C ARG A 29 -32.22 15.55 7.33
N LYS A 30 -32.39 14.26 7.64
CA LYS A 30 -33.64 13.84 8.18
C LYS A 30 -33.77 14.30 9.65
N GLY A 31 -32.67 14.67 10.28
CA GLY A 31 -32.70 15.16 11.66
C GLY A 31 -32.23 14.17 12.72
N TYR A 32 -31.80 12.98 12.31
CA TYR A 32 -31.14 12.04 13.20
C TYR A 32 -29.72 12.45 13.67
N LYS A 33 -29.32 11.86 14.81
CA LYS A 33 -28.10 12.22 15.50
C LYS A 33 -27.11 11.06 15.45
N LEU A 34 -25.94 11.30 14.84
CA LEU A 34 -24.93 10.26 14.72
C LEU A 34 -24.20 10.11 16.04
N VAL A 35 -23.89 8.87 16.40
CA VAL A 35 -23.45 8.58 17.74
C VAL A 35 -22.35 7.54 17.79
N ALA A 36 -22.21 6.75 16.74
CA ALA A 36 -21.08 5.85 16.67
C ALA A 36 -20.76 5.59 15.21
N LEU A 37 -19.48 5.46 14.91
CA LEU A 37 -19.01 5.37 13.55
C LEU A 37 -17.71 4.58 13.50
N LYS A 38 -17.56 3.72 12.51
CA LYS A 38 -16.45 2.81 12.52
C LYS A 38 -16.40 2.20 11.12
N ILE A 39 -15.19 2.01 10.57
CA ILE A 39 -15.06 1.25 9.33
C ILE A 39 -14.20 0.02 9.58
N LEU A 40 -14.69 -1.16 9.20
CA LEU A 40 -13.90 -2.38 9.40
C LEU A 40 -14.33 -3.43 8.44
N GLN A 41 -13.51 -4.47 8.32
CA GLN A 41 -13.82 -5.62 7.48
C GLN A 41 -14.22 -6.69 8.44
N PRO A 42 -15.49 -7.14 8.33
CA PRO A 42 -16.02 -8.16 9.24
C PRO A 42 -15.26 -9.43 9.07
N THR A 43 -15.09 -10.19 10.15
CA THR A 43 -14.65 -11.59 10.03
C THR A 43 -15.87 -12.44 9.76
N THR A 44 -15.67 -13.66 9.31
CA THR A 44 -16.82 -14.49 8.97
C THR A 44 -17.69 -14.81 10.20
N GLU A 45 -17.07 -14.75 11.37
CA GLU A 45 -17.75 -14.95 12.63
C GLU A 45 -18.60 -13.72 12.98
N GLN A 46 -18.03 -12.53 12.76
CA GLN A 46 -18.80 -11.32 12.86
C GLN A 46 -19.97 -11.32 11.87
N ALA A 47 -19.74 -11.72 10.64
CA ALA A 47 -20.84 -11.86 9.68
C ALA A 47 -21.94 -12.79 10.20
N GLN A 48 -21.60 -14.06 10.45
CA GLN A 48 -22.57 -15.00 11.01
C GLN A 48 -23.31 -14.39 12.21
N GLY A 49 -22.56 -13.80 13.13
CA GLY A 49 -23.15 -13.25 14.33
C GLY A 49 -24.07 -12.09 14.06
N HIS A 50 -23.71 -11.25 13.10
CA HIS A 50 -24.55 -10.12 12.76
C HIS A 50 -25.85 -10.54 12.06
N TYR A 51 -25.81 -11.64 11.31
CA TYR A 51 -26.98 -12.14 10.57
C TYR A 51 -27.72 -13.31 11.22
N LYS A 52 -27.69 -13.40 12.56
CA LYS A 52 -28.29 -14.54 13.27
C LYS A 52 -29.76 -14.77 12.90
N ASP A 53 -30.54 -13.71 12.89
CA ASP A 53 -31.97 -13.87 12.64
C ASP A 53 -32.20 -14.40 11.23
N LEU A 54 -31.16 -14.39 10.42
CA LEU A 54 -31.27 -14.89 9.06
C LEU A 54 -30.59 -16.24 8.87
N CYS A 55 -30.18 -16.87 9.97
CA CYS A 55 -29.25 -18.03 9.92
C CYS A 55 -29.84 -19.31 9.35
N SER A 56 -31.16 -19.45 9.40
CA SER A 56 -31.84 -20.56 8.72
C SER A 56 -32.18 -20.36 7.22
N LYS A 57 -31.86 -19.18 6.65
CA LYS A 57 -32.24 -18.86 5.27
C LYS A 57 -31.17 -19.43 4.36
N PRO A 58 -31.53 -19.83 3.12
CA PRO A 58 -30.53 -20.50 2.28
C PRO A 58 -29.53 -19.55 1.60
N PHE A 59 -29.80 -18.24 1.63
CA PHE A 59 -28.83 -17.24 1.11
C PHE A 59 -27.78 -16.89 2.16
N PHE A 60 -27.99 -17.36 3.38
CA PHE A 60 -27.09 -17.06 4.49
C PHE A 60 -25.62 -17.22 4.11
N PRO A 61 -25.21 -18.39 3.65
CA PRO A 61 -23.78 -18.50 3.32
C PRO A 61 -23.26 -17.42 2.34
N ALA A 62 -24.04 -17.09 1.29
CA ALA A 62 -23.69 -16.00 0.36
C ALA A 62 -23.52 -14.68 1.10
N LEU A 63 -24.49 -14.35 1.94
CA LEU A 63 -24.46 -13.10 2.70
C LEU A 63 -23.20 -12.99 3.55
N VAL A 64 -22.97 -14.05 4.36
CA VAL A 64 -21.85 -14.12 5.25
C VAL A 64 -20.56 -13.97 4.44
N LYS A 65 -20.52 -14.55 3.25
CA LYS A 65 -19.30 -14.38 2.48
C LYS A 65 -19.16 -12.93 1.91
N TYR A 66 -20.21 -12.40 1.31
CA TYR A 66 -20.10 -11.06 0.78
C TYR A 66 -19.79 -10.09 1.91
N PHE A 67 -20.62 -10.09 2.94
CA PHE A 67 -20.50 -9.14 4.00
C PHE A 67 -19.09 -9.07 4.55
N SER A 68 -18.39 -10.19 4.54
CA SER A 68 -17.12 -10.23 5.21
C SER A 68 -16.00 -10.07 4.18
N SER A 69 -16.36 -9.64 2.98
CA SER A 69 -15.40 -9.64 1.88
C SER A 69 -14.67 -8.30 1.70
N GLY A 70 -15.13 -7.29 2.44
CA GLY A 70 -14.44 -6.01 2.48
C GLY A 70 -14.88 -5.11 3.63
N PRO A 71 -14.38 -3.85 3.66
CA PRO A 71 -14.84 -3.05 4.76
C PRO A 71 -16.30 -2.68 4.68
N ILE A 72 -16.89 -2.45 5.85
CA ILE A 72 -18.23 -1.95 5.96
C ILE A 72 -18.13 -0.73 6.83
N VAL A 73 -19.09 0.17 6.76
CA VAL A 73 -19.16 1.27 7.71
C VAL A 73 -20.35 1.03 8.67
N CYS A 74 -20.11 1.10 9.96
CA CYS A 74 -21.09 0.80 10.96
C CYS A 74 -21.44 2.08 11.58
N MET A 75 -22.73 2.33 11.75
CA MET A 75 -23.09 3.60 12.36
C MET A 75 -24.17 3.34 13.37
N VAL A 76 -24.30 4.19 14.37
CA VAL A 76 -25.44 4.14 15.25
C VAL A 76 -26.10 5.51 15.17
N TRP A 77 -27.42 5.50 14.95
CA TRP A 77 -28.17 6.73 14.81
C TRP A 77 -29.21 6.86 15.93
N GLU A 78 -29.44 8.07 16.41
CA GLU A 78 -30.42 8.31 17.50
C GLU A 78 -31.53 9.26 17.08
N GLY A 79 -32.71 9.06 17.62
CA GLY A 79 -33.88 9.90 17.36
C GLY A 79 -35.20 9.16 17.52
N LYS A 80 -36.26 9.92 17.74
CA LYS A 80 -37.56 9.33 17.85
C LYS A 80 -37.79 8.72 16.50
N ASN A 81 -38.23 7.46 16.54
CA ASN A 81 -38.55 6.60 15.41
C ASN A 81 -37.40 6.22 14.50
N VAL A 82 -36.15 6.52 14.87
CA VAL A 82 -35.08 6.19 13.93
C VAL A 82 -35.23 4.81 13.33
N VAL A 83 -35.64 3.83 14.13
CA VAL A 83 -35.66 2.44 13.71
C VAL A 83 -36.61 2.23 12.54
N LYS A 84 -37.83 2.76 12.63
CA LYS A 84 -38.80 2.60 11.54
C LYS A 84 -38.42 3.49 10.36
N SER A 85 -38.07 4.74 10.68
CA SER A 85 -37.65 5.71 9.67
C SER A 85 -36.35 5.33 8.98
N GLY A 86 -35.41 4.74 9.72
CA GLY A 86 -34.21 4.21 9.13
C GLY A 86 -34.55 3.28 7.98
N ARG A 87 -35.57 2.44 8.17
CA ARG A 87 -35.88 1.47 7.14
C ARG A 87 -36.65 2.08 5.97
N VAL A 88 -37.42 3.11 6.25
CA VAL A 88 -38.05 3.88 5.20
C VAL A 88 -37.00 4.62 4.34
N LEU A 89 -36.02 5.25 4.99
CA LEU A 89 -34.88 5.81 4.28
C LEU A 89 -34.22 4.79 3.38
N LEU A 90 -33.95 3.60 3.91
CA LEU A 90 -33.28 2.54 3.12
C LEU A 90 -34.08 2.00 1.93
N GLY A 91 -35.39 2.07 1.98
CA GLY A 91 -36.19 1.44 0.93
C GLY A 91 -36.35 -0.04 1.20
N ALA A 92 -37.34 -0.65 0.55
CA ALA A 92 -37.56 -2.08 0.72
C ALA A 92 -36.24 -2.78 0.47
N THR A 93 -35.97 -3.75 1.36
CA THR A 93 -34.81 -4.65 1.30
C THR A 93 -34.45 -5.23 -0.08
N ASN A 94 -35.44 -5.69 -0.87
CA ASN A 94 -35.18 -6.07 -2.27
C ASN A 94 -35.35 -4.87 -3.21
N PRO A 95 -34.24 -4.32 -3.72
CA PRO A 95 -34.33 -3.19 -4.64
C PRO A 95 -35.38 -3.33 -5.73
N ALA A 96 -35.61 -4.52 -6.26
CA ALA A 96 -36.71 -4.67 -7.23
C ALA A 96 -38.06 -4.05 -6.76
N ASP A 97 -38.29 -4.08 -5.45
CA ASP A 97 -39.49 -3.56 -4.82
C ASP A 97 -39.31 -2.10 -4.37
N SER A 98 -38.08 -1.60 -4.46
CA SER A 98 -37.78 -0.30 -3.89
C SER A 98 -38.35 0.87 -4.71
N GLN A 99 -38.55 2.02 -4.05
CA GLN A 99 -38.95 3.26 -4.75
C GLN A 99 -37.86 4.34 -4.78
N PRO A 100 -37.80 5.06 -5.90
CA PRO A 100 -36.88 6.19 -6.10
C PRO A 100 -37.14 7.15 -4.99
N GLY A 101 -36.11 7.81 -4.46
CA GLY A 101 -36.21 8.57 -3.22
C GLY A 101 -35.51 7.88 -2.03
N THR A 102 -35.43 6.56 -2.04
CA THR A 102 -34.79 5.77 -1.00
C THR A 102 -33.40 5.33 -1.45
N ILE A 103 -32.58 4.87 -0.52
CA ILE A 103 -31.23 4.52 -0.85
C ILE A 103 -31.17 3.39 -1.84
N ARG A 104 -32.05 2.39 -1.72
CA ARG A 104 -32.02 1.28 -2.66
C ARG A 104 -32.76 1.55 -3.93
N GLY A 105 -33.87 2.26 -3.83
CA GLY A 105 -34.52 2.80 -5.00
C GLY A 105 -33.61 3.61 -5.90
N ASP A 106 -32.83 4.51 -5.31
CA ASP A 106 -31.87 5.25 -6.09
C ASP A 106 -30.65 4.48 -6.56
N PHE A 107 -30.17 3.48 -5.82
CA PHE A 107 -28.79 3.05 -6.10
C PHE A 107 -28.55 1.60 -6.36
N ALA A 108 -29.52 0.74 -6.05
CA ALA A 108 -29.27 -0.69 -6.13
C ALA A 108 -30.20 -1.50 -7.06
N VAL A 109 -29.77 -2.72 -7.39
CA VAL A 109 -30.50 -3.55 -8.36
C VAL A 109 -30.82 -4.93 -7.79
N ASP A 110 -29.80 -5.55 -7.20
CA ASP A 110 -29.88 -6.87 -6.59
C ASP A 110 -29.94 -6.84 -5.06
N VAL A 111 -30.75 -7.73 -4.50
CA VAL A 111 -30.80 -7.95 -3.08
C VAL A 111 -29.42 -8.33 -2.49
N GLY A 112 -28.60 -9.03 -3.27
CA GLY A 112 -27.31 -9.50 -2.78
C GLY A 112 -26.35 -8.34 -2.75
N ARG A 113 -26.72 -7.27 -3.42
CA ARG A 113 -25.90 -6.04 -3.49
C ARG A 113 -26.84 -4.87 -3.23
N ASN A 114 -27.47 -4.86 -2.05
CA ASN A 114 -28.51 -3.90 -1.73
C ASN A 114 -27.99 -2.80 -0.83
N VAL A 115 -26.70 -2.54 -1.01
CA VAL A 115 -25.96 -1.38 -0.51
C VAL A 115 -25.80 -1.07 0.96
N CYS A 116 -26.85 -1.31 1.75
N CYS A 116 -26.85 -1.35 1.75
CA CYS A 116 -26.85 -0.98 3.18
CA CYS A 116 -26.88 -0.95 3.15
C CYS A 116 -27.68 -1.96 3.98
C CYS A 116 -27.71 -1.93 3.99
N HIS A 117 -27.51 -1.92 5.31
CA HIS A 117 -28.33 -2.77 6.20
C HIS A 117 -28.87 -1.85 7.27
N GLY A 118 -30.11 -2.09 7.71
CA GLY A 118 -30.66 -1.35 8.83
C GLY A 118 -31.43 -2.27 9.73
N SER A 119 -31.41 -2.00 11.04
CA SER A 119 -32.15 -2.81 12.02
C SER A 119 -33.65 -2.86 11.73
N ASP A 120 -34.23 -4.05 11.79
CA ASP A 120 -35.68 -4.17 11.58
C ASP A 120 -36.58 -3.85 12.79
N SER A 121 -36.00 -3.72 13.97
CA SER A 121 -36.80 -3.39 15.13
C SER A 121 -35.91 -2.91 16.23
N VAL A 122 -36.51 -2.37 17.29
CA VAL A 122 -35.72 -1.81 18.36
C VAL A 122 -35.00 -2.93 19.08
N GLU A 123 -35.60 -4.12 19.07
CA GLU A 123 -34.99 -5.24 19.76
C GLU A 123 -33.67 -5.67 19.07
N SER A 124 -33.77 -5.92 17.76
CA SER A 124 -32.62 -6.18 16.88
C SER A 124 -31.57 -5.04 16.95
N ALA A 125 -32.05 -3.79 16.94
CA ALA A 125 -31.16 -2.64 17.05
C ALA A 125 -30.23 -2.75 18.26
N GLU A 126 -30.80 -2.90 19.45
CA GLU A 126 -29.99 -2.94 20.64
C GLU A 126 -28.98 -4.10 20.60
N ARG A 127 -29.34 -5.22 19.99
CA ARG A 127 -28.39 -6.34 19.87
C ARG A 127 -27.19 -6.02 18.96
N GLU A 128 -27.50 -5.46 17.78
CA GLU A 128 -26.52 -5.09 16.79
C GLU A 128 -25.61 -3.96 17.31
N ILE A 129 -26.20 -2.89 17.87
CA ILE A 129 -25.36 -1.85 18.44
C ILE A 129 -24.36 -2.47 19.41
N ALA A 130 -24.87 -3.33 20.29
CA ALA A 130 -24.03 -3.94 21.31
C ALA A 130 -23.07 -4.93 20.69
N PHE A 131 -23.49 -5.60 19.61
CA PHE A 131 -22.63 -6.54 18.90
C PHE A 131 -21.41 -5.86 18.26
N TRP A 132 -21.56 -4.62 17.77
CA TRP A 132 -20.49 -3.96 17.02
C TRP A 132 -19.75 -2.90 17.83
N PHE A 133 -20.37 -2.40 18.89
CA PHE A 133 -19.74 -1.33 19.62
C PHE A 133 -19.58 -1.56 21.10
N LYS A 134 -18.39 -1.27 21.63
CA LYS A 134 -18.24 -1.09 23.07
C LYS A 134 -18.99 0.18 23.47
N ALA A 135 -19.43 0.27 24.71
CA ALA A 135 -20.24 1.44 25.11
C ALA A 135 -19.45 2.74 25.12
N ASP A 136 -18.12 2.61 25.24
CA ASP A 136 -17.21 3.74 25.20
C ASP A 136 -17.02 4.28 23.77
N GLU A 137 -17.44 3.51 22.77
CA GLU A 137 -17.39 3.97 21.38
C GLU A 137 -18.59 4.89 21.09
N ILE A 138 -19.65 4.76 21.88
CA ILE A 138 -20.88 5.48 21.64
C ILE A 138 -20.84 6.83 22.32
N ALA A 139 -21.05 7.93 21.57
CA ALA A 139 -20.87 9.29 22.14
C ALA A 139 -22.16 9.94 22.64
N SER A 140 -22.09 10.56 23.81
CA SER A 140 -23.24 11.22 24.42
C SER A 140 -23.29 12.68 24.02
N TRP A 141 -24.23 13.09 23.18
CA TRP A 141 -24.27 14.52 22.84
C TRP A 141 -25.62 15.10 22.61
N THR A 142 -25.70 16.40 22.67
CA THR A 142 -26.95 17.07 22.40
C THR A 142 -26.79 17.96 21.18
N SER A 143 -27.62 17.70 20.16
CA SER A 143 -27.67 18.49 18.97
C SER A 143 -28.27 19.83 19.33
N HIS A 144 -27.61 20.90 18.92
CA HIS A 144 -28.13 22.24 19.17
C HIS A 144 -29.47 22.44 18.47
N SER A 145 -29.86 21.50 17.61
CA SER A 145 -31.11 21.64 16.85
C SER A 145 -32.27 20.80 17.39
N VAL A 146 -32.08 20.10 18.51
CA VAL A 146 -33.08 19.13 19.02
C VAL A 146 -34.47 19.73 19.08
N SER A 147 -34.56 20.96 19.52
CA SER A 147 -35.85 21.59 19.65
C SER A 147 -36.43 22.17 18.33
N GLN A 148 -35.67 22.15 17.23
CA GLN A 148 -36.24 22.47 15.90
C GLN A 148 -36.85 21.24 15.25
N ILE A 149 -36.36 20.08 15.70
CA ILE A 149 -36.73 18.78 15.15
C ILE A 149 -37.85 18.05 15.90
N TYR A 150 -37.86 18.16 17.23
CA TYR A 150 -38.86 17.43 18.08
C TYR A 150 -39.80 18.31 18.86
N GLU A 151 -41.08 17.98 18.77
CA GLU A 151 -42.11 18.67 19.50
C GLU A 151 -41.81 18.57 21.00
N GLU B 4 0.40 8.00 0.06
CA GLU B 4 0.02 9.02 1.08
C GLU B 4 -1.29 8.73 1.86
N ARG B 5 -1.36 9.19 3.11
CA ARG B 5 -2.64 9.34 3.78
C ARG B 5 -2.66 10.69 4.41
N THR B 6 -3.85 11.18 4.70
CA THR B 6 -4.01 12.40 5.45
C THR B 6 -5.07 12.13 6.51
N PHE B 7 -5.17 13.05 7.47
CA PHE B 7 -6.16 13.04 8.50
C PHE B 7 -7.12 14.20 8.27
N ILE B 8 -8.41 13.89 8.27
CA ILE B 8 -9.46 14.87 8.14
C ILE B 8 -10.34 14.76 9.39
N ALA B 9 -10.67 15.89 9.97
CA ALA B 9 -11.59 15.92 11.10
C ALA B 9 -12.68 16.91 10.75
N VAL B 10 -13.92 16.51 10.97
CA VAL B 10 -15.04 17.40 10.93
C VAL B 10 -15.14 17.91 12.36
N LYS B 11 -15.11 19.22 12.53
CA LYS B 11 -15.01 19.76 13.87
C LYS B 11 -16.37 19.86 14.55
N PRO B 12 -16.44 20.36 15.80
CA PRO B 12 -17.77 20.30 16.45
C PRO B 12 -18.85 21.09 15.75
N ASP B 13 -18.52 22.19 15.11
CA ASP B 13 -19.52 22.94 14.34
C ASP B 13 -19.95 22.15 13.05
N GLY B 14 -18.98 21.58 12.35
CA GLY B 14 -19.28 20.70 11.24
C GLY B 14 -20.24 19.55 11.58
N VAL B 15 -20.07 18.91 12.73
CA VAL B 15 -20.98 17.84 13.15
C VAL B 15 -22.39 18.37 13.58
N GLN B 16 -22.42 19.37 14.43
CA GLN B 16 -23.69 19.99 14.79
C GLN B 16 -24.48 20.42 13.56
N ARG B 17 -23.77 20.84 12.53
CA ARG B 17 -24.49 21.39 11.38
C ARG B 17 -24.78 20.35 10.28
N GLY B 18 -24.63 19.06 10.63
CA GLY B 18 -24.80 17.97 9.71
C GLY B 18 -24.01 18.08 8.41
N LEU B 19 -22.71 18.32 8.49
CA LEU B 19 -21.95 18.36 7.26
C LEU B 19 -21.06 17.10 7.06
N VAL B 20 -21.15 16.16 7.97
CA VAL B 20 -20.30 14.98 7.90
C VAL B 20 -20.39 14.28 6.52
N GLY B 21 -21.60 13.87 6.16
CA GLY B 21 -21.83 13.24 4.87
C GLY B 21 -21.40 14.05 3.68
N GLU B 22 -21.82 15.32 3.66
CA GLU B 22 -21.33 16.23 2.62
C GLU B 22 -19.81 16.13 2.48
N ILE B 23 -19.11 16.28 3.59
CA ILE B 23 -17.66 16.23 3.60
C ILE B 23 -17.13 14.85 3.14
N ILE B 24 -17.81 13.76 3.52
CA ILE B 24 -17.29 12.44 3.22
C ILE B 24 -17.53 12.26 1.75
N ALA B 25 -18.71 12.62 1.30
CA ALA B 25 -19.01 12.46 -0.12
C ALA B 25 -18.04 13.26 -1.02
N ARG B 26 -17.57 14.42 -0.58
CA ARG B 26 -16.62 15.14 -1.47
C ARG B 26 -15.29 14.41 -1.61
N PHE B 27 -14.84 13.75 -0.56
CA PHE B 27 -13.68 12.94 -0.70
C PHE B 27 -13.92 11.70 -1.56
N GLU B 28 -15.08 11.05 -1.45
CA GLU B 28 -15.32 9.82 -2.25
C GLU B 28 -15.39 10.10 -3.74
N ARG B 29 -15.98 11.24 -4.09
CA ARG B 29 -16.25 11.49 -5.47
C ARG B 29 -14.96 11.89 -6.18
N LYS B 30 -14.03 12.45 -5.40
CA LYS B 30 -12.69 12.75 -5.90
C LYS B 30 -11.88 11.50 -6.29
N GLY B 31 -12.18 10.35 -5.67
CA GLY B 31 -11.42 9.13 -5.85
C GLY B 31 -10.59 8.61 -4.68
N TYR B 32 -10.61 9.28 -3.53
CA TYR B 32 -9.77 8.81 -2.44
C TYR B 32 -10.48 7.74 -1.64
N LYS B 33 -9.69 7.00 -0.89
CA LYS B 33 -10.13 5.77 -0.30
C LYS B 33 -10.19 5.96 1.21
N LEU B 34 -11.40 5.87 1.77
CA LEU B 34 -11.60 5.97 3.19
C LEU B 34 -10.98 4.78 3.87
N VAL B 35 -10.17 5.05 4.89
CA VAL B 35 -9.44 4.00 5.59
C VAL B 35 -9.68 3.88 7.13
N ALA B 36 -10.24 4.91 7.76
CA ALA B 36 -10.54 4.88 9.19
C ALA B 36 -11.55 5.99 9.51
N LEU B 37 -12.19 5.91 10.69
CA LEU B 37 -13.40 6.71 10.98
C LEU B 37 -13.90 6.54 12.42
N LYS B 38 -14.17 7.61 13.14
CA LYS B 38 -14.68 7.47 14.50
C LYS B 38 -15.33 8.75 14.91
N ILE B 39 -16.26 8.70 15.87
CA ILE B 39 -16.78 9.90 16.61
C ILE B 39 -16.42 9.75 18.06
N LEU B 40 -15.77 10.78 18.59
CA LEU B 40 -15.43 10.86 19.97
C LEU B 40 -15.61 12.35 20.30
N GLN B 41 -15.91 12.65 21.55
CA GLN B 41 -15.76 14.01 22.06
C GLN B 41 -14.34 14.15 22.56
N PRO B 42 -13.59 15.11 21.99
CA PRO B 42 -12.23 15.22 22.49
C PRO B 42 -12.19 15.65 23.96
N THR B 43 -11.33 15.04 24.76
CA THR B 43 -10.96 15.68 26.05
C THR B 43 -10.06 16.90 25.80
N THR B 44 -9.95 17.73 26.82
CA THR B 44 -9.18 18.96 26.77
C THR B 44 -7.75 18.62 26.46
N GLU B 45 -7.26 17.59 27.11
CA GLU B 45 -5.90 17.10 26.93
C GLU B 45 -5.66 16.72 25.48
N GLN B 46 -6.64 16.01 24.90
CA GLN B 46 -6.58 15.54 23.51
C GLN B 46 -6.59 16.74 22.52
N ALA B 47 -7.34 17.78 22.84
CA ALA B 47 -7.43 18.95 22.00
C ALA B 47 -6.07 19.69 22.00
N GLN B 48 -5.56 19.92 23.22
CA GLN B 48 -4.22 20.46 23.48
C GLN B 48 -3.13 19.68 22.75
N GLY B 49 -3.21 18.35 22.85
CA GLY B 49 -2.24 17.48 22.19
C GLY B 49 -2.23 17.57 20.68
N HIS B 50 -3.43 17.54 20.08
CA HIS B 50 -3.62 17.66 18.65
C HIS B 50 -3.16 19.03 18.12
N TYR B 51 -3.48 20.07 18.90
CA TYR B 51 -3.14 21.45 18.57
C TYR B 51 -1.79 21.90 19.14
N LYS B 52 -0.92 20.92 19.43
CA LYS B 52 0.46 21.15 19.90
C LYS B 52 1.11 22.44 19.38
N ASP B 53 1.31 22.52 18.05
CA ASP B 53 2.14 23.56 17.41
C ASP B 53 1.72 25.01 17.73
N LEU B 54 0.42 25.14 18.05
CA LEU B 54 -0.25 26.42 18.12
C LEU B 54 -0.42 26.89 19.55
N CYS B 55 0.38 26.33 20.45
CA CYS B 55 0.36 26.76 21.85
CA CYS B 55 0.37 26.75 21.84
C CYS B 55 0.67 28.25 22.02
N SER B 56 1.44 28.83 21.07
CA SER B 56 1.82 30.27 21.13
C SER B 56 0.73 31.31 20.88
N LYS B 57 -0.38 30.86 20.29
CA LYS B 57 -1.35 31.78 19.72
C LYS B 57 -2.39 32.35 20.71
N PRO B 58 -2.74 33.62 20.55
CA PRO B 58 -3.71 34.07 21.54
C PRO B 58 -5.05 33.35 21.40
N PHE B 59 -5.36 32.83 20.22
CA PHE B 59 -6.64 32.10 20.08
C PHE B 59 -6.65 30.65 20.66
N PHE B 60 -5.53 30.22 21.24
CA PHE B 60 -5.34 28.80 21.59
C PHE B 60 -6.28 28.23 22.64
N PRO B 61 -6.49 28.93 23.76
CA PRO B 61 -7.54 28.50 24.66
C PRO B 61 -8.95 28.47 24.07
N ALA B 62 -9.29 29.38 23.18
CA ALA B 62 -10.66 29.32 22.57
C ALA B 62 -10.85 28.04 21.75
N LEU B 63 -9.91 27.82 20.85
CA LEU B 63 -9.84 26.66 20.00
C LEU B 63 -9.93 25.38 20.80
N VAL B 64 -9.13 25.29 21.87
CA VAL B 64 -9.08 24.08 22.71
C VAL B 64 -10.41 23.83 23.43
N LYS B 65 -11.03 24.91 23.93
CA LYS B 65 -12.31 24.76 24.61
C LYS B 65 -13.28 24.22 23.57
N TYR B 66 -13.20 24.80 22.38
CA TYR B 66 -14.20 24.60 21.37
C TYR B 66 -14.16 23.23 20.77
N PHE B 67 -12.96 22.79 20.45
CA PHE B 67 -12.67 21.54 19.81
C PHE B 67 -12.99 20.39 20.76
N SER B 68 -13.00 20.65 22.06
CA SER B 68 -13.42 19.61 23.01
C SER B 68 -14.87 19.77 23.49
N SER B 69 -15.65 20.63 22.84
CA SER B 69 -16.94 20.94 23.37
C SER B 69 -18.05 20.01 22.84
N GLY B 70 -17.68 19.05 21.99
CA GLY B 70 -18.67 18.21 21.32
C GLY B 70 -18.06 17.08 20.51
N PRO B 71 -18.89 16.18 19.97
CA PRO B 71 -18.12 15.17 19.25
C PRO B 71 -17.54 15.70 17.93
N ILE B 72 -16.40 15.15 17.50
CA ILE B 72 -15.84 15.41 16.21
C ILE B 72 -15.91 14.12 15.44
N VAL B 73 -15.68 14.21 14.14
CA VAL B 73 -15.54 13.03 13.31
C VAL B 73 -14.11 12.98 12.73
N CYS B 74 -13.37 11.97 13.16
CA CYS B 74 -12.05 11.75 12.63
C CYS B 74 -12.10 10.83 11.43
N MET B 75 -11.27 11.11 10.42
CA MET B 75 -11.14 10.19 9.31
C MET B 75 -9.72 10.13 8.85
N VAL B 76 -9.43 9.04 8.13
CA VAL B 76 -8.19 8.92 7.42
C VAL B 76 -8.45 8.49 5.98
N TRP B 77 -7.90 9.28 5.06
CA TRP B 77 -7.99 9.05 3.61
C TRP B 77 -6.67 8.67 2.93
N GLU B 78 -6.76 7.79 1.94
CA GLU B 78 -5.60 7.34 1.18
C GLU B 78 -5.65 7.66 -0.33
N GLY B 79 -4.48 8.00 -0.88
CA GLY B 79 -4.37 8.17 -2.33
C GLY B 79 -3.19 9.03 -2.71
N LYS B 80 -2.82 9.01 -3.98
CA LYS B 80 -1.76 9.90 -4.41
C LYS B 80 -2.15 11.33 -4.15
N ASN B 81 -1.44 11.94 -3.22
CA ASN B 81 -1.38 13.38 -3.10
C ASN B 81 -2.52 13.88 -2.23
N VAL B 82 -3.02 12.98 -1.37
CA VAL B 82 -4.17 13.32 -0.53
C VAL B 82 -3.88 14.45 0.39
N VAL B 83 -2.68 14.55 0.93
CA VAL B 83 -2.42 15.62 1.86
C VAL B 83 -2.64 16.99 1.21
N LYS B 84 -2.03 17.22 0.06
CA LYS B 84 -2.19 18.49 -0.60
C LYS B 84 -3.59 18.64 -1.12
N SER B 85 -4.14 17.60 -1.73
CA SER B 85 -5.51 17.68 -2.28
C SER B 85 -6.66 17.72 -1.26
N GLY B 86 -6.53 17.00 -0.14
CA GLY B 86 -7.42 17.15 1.01
C GLY B 86 -7.55 18.63 1.33
N ARG B 87 -6.43 19.31 1.50
CA ARG B 87 -6.50 20.73 1.81
C ARG B 87 -7.07 21.63 0.71
N VAL B 88 -6.82 21.30 -0.53
CA VAL B 88 -7.47 22.02 -1.62
C VAL B 88 -8.98 21.79 -1.53
N LEU B 89 -9.45 20.57 -1.22
CA LEU B 89 -10.89 20.34 -1.04
C LEU B 89 -11.48 21.11 0.14
N LEU B 90 -10.73 21.26 1.22
CA LEU B 90 -11.22 21.99 2.37
C LEU B 90 -11.37 23.49 2.12
N GLY B 91 -10.40 24.07 1.41
CA GLY B 91 -10.39 25.48 1.18
C GLY B 91 -9.39 26.12 2.10
N ALA B 92 -9.13 27.40 1.91
CA ALA B 92 -8.24 28.17 2.78
C ALA B 92 -8.60 27.97 4.25
N THR B 93 -7.66 28.17 5.17
CA THR B 93 -7.97 28.04 6.59
C THR B 93 -8.99 29.07 7.11
N ASN B 94 -8.87 30.31 6.65
CA ASN B 94 -9.86 31.37 6.95
C ASN B 94 -10.98 31.37 5.88
N PRO B 95 -12.19 30.96 6.23
CA PRO B 95 -13.29 30.95 5.28
C PRO B 95 -13.44 32.24 4.46
N ALA B 96 -13.17 33.39 5.06
CA ALA B 96 -13.20 34.62 4.28
C ALA B 96 -12.28 34.61 3.04
N ASP B 97 -11.22 33.79 3.05
CA ASP B 97 -10.31 33.65 1.90
C ASP B 97 -10.73 32.46 1.01
N SER B 98 -11.68 31.66 1.47
CA SER B 98 -12.09 30.44 0.76
C SER B 98 -12.94 30.75 -0.46
N GLN B 99 -12.81 29.91 -1.48
CA GLN B 99 -13.57 30.07 -2.72
C GLN B 99 -14.76 29.11 -2.67
N PRO B 100 -15.92 29.53 -3.21
CA PRO B 100 -17.06 28.60 -3.35
C PRO B 100 -16.58 27.36 -4.08
N GLY B 101 -17.21 26.21 -3.85
CA GLY B 101 -16.61 24.97 -4.34
C GLY B 101 -15.80 24.23 -3.29
N THR B 102 -15.36 24.92 -2.26
CA THR B 102 -14.55 24.23 -1.26
C THR B 102 -15.44 24.09 -0.04
N ILE B 103 -15.06 23.23 0.91
CA ILE B 103 -15.88 22.97 2.08
C ILE B 103 -16.11 24.27 2.86
N ARG B 104 -15.04 25.03 3.13
CA ARG B 104 -15.15 26.28 3.88
C ARG B 104 -15.72 27.42 3.11
N GLY B 105 -15.51 27.36 1.80
CA GLY B 105 -16.12 28.30 0.86
C GLY B 105 -17.63 28.14 0.81
N ASP B 106 -18.14 26.91 0.66
CA ASP B 106 -19.57 26.71 0.65
C ASP B 106 -20.16 26.84 2.08
N PHE B 107 -19.44 26.39 3.12
CA PHE B 107 -20.12 26.23 4.41
C PHE B 107 -19.80 27.14 5.56
N ALA B 108 -18.72 27.90 5.50
CA ALA B 108 -18.24 28.55 6.71
C ALA B 108 -17.93 30.04 6.59
N VAL B 109 -18.05 30.76 7.69
CA VAL B 109 -17.90 32.21 7.67
C VAL B 109 -16.71 32.69 8.52
N ASP B 110 -16.44 31.95 9.60
CA ASP B 110 -15.60 32.44 10.69
C ASP B 110 -14.47 31.46 10.94
N VAL B 111 -13.21 31.90 11.01
CA VAL B 111 -12.09 30.98 11.20
C VAL B 111 -12.19 30.17 12.51
N GLY B 112 -12.78 30.75 13.54
CA GLY B 112 -13.05 30.00 14.76
C GLY B 112 -14.11 28.93 14.59
N ARG B 113 -14.83 28.95 13.46
CA ARG B 113 -15.84 27.94 13.18
C ARG B 113 -15.68 27.52 11.76
N ASN B 114 -14.50 27.00 11.48
CA ASN B 114 -14.13 26.75 10.12
C ASN B 114 -14.36 25.28 9.72
N VAL B 115 -15.28 24.64 10.45
CA VAL B 115 -15.99 23.40 10.05
C VAL B 115 -15.19 22.11 10.04
N CYS B 116 -13.90 22.18 9.72
CA CYS B 116 -13.18 20.94 9.46
CA CYS B 116 -13.18 20.96 9.41
C CYS B 116 -11.68 21.12 9.47
N HIS B 117 -10.97 20.02 9.58
CA HIS B 117 -9.53 20.14 9.62
C HIS B 117 -8.85 19.12 8.72
N GLY B 118 -7.79 19.55 8.06
CA GLY B 118 -6.96 18.66 7.30
C GLY B 118 -5.49 18.83 7.61
N SER B 119 -4.75 17.74 7.50
CA SER B 119 -3.33 17.76 7.80
C SER B 119 -2.53 18.67 6.88
N ASP B 120 -1.64 19.46 7.48
CA ASP B 120 -0.67 20.40 6.83
C ASP B 120 0.26 19.76 5.80
N SER B 121 0.69 18.54 6.07
CA SER B 121 1.87 17.95 5.45
C SER B 121 1.92 16.47 5.83
N VAL B 122 2.76 15.72 5.13
CA VAL B 122 2.80 14.28 5.35
C VAL B 122 3.25 13.96 6.76
N GLU B 123 4.19 14.73 7.30
CA GLU B 123 4.62 14.47 8.67
C GLU B 123 3.54 14.77 9.70
N SER B 124 2.79 15.85 9.49
CA SER B 124 1.66 16.20 10.36
C SER B 124 0.53 15.18 10.27
N ALA B 125 0.41 14.54 9.10
CA ALA B 125 -0.62 13.56 8.88
C ALA B 125 -0.22 12.29 9.59
N GLU B 126 1.00 11.84 9.33
CA GLU B 126 1.51 10.69 10.06
C GLU B 126 1.40 10.96 11.59
N ARG B 127 1.62 12.19 12.02
CA ARG B 127 1.47 12.46 13.45
C ARG B 127 -0.02 12.40 13.93
N GLU B 128 -0.94 12.98 13.15
CA GLU B 128 -2.32 13.14 13.61
C GLU B 128 -3.03 11.81 13.58
N ILE B 129 -2.63 10.95 12.64
CA ILE B 129 -3.14 9.59 12.51
C ILE B 129 -2.78 8.64 13.66
N ALA B 130 -1.55 8.67 14.17
CA ALA B 130 -1.21 7.84 15.35
C ALA B 130 -1.83 8.39 16.63
N PHE B 131 -2.01 9.70 16.70
CA PHE B 131 -2.61 10.32 17.88
C PHE B 131 -4.08 9.94 18.04
N TRP B 132 -4.82 9.95 16.95
CA TRP B 132 -6.26 9.74 17.03
C TRP B 132 -6.63 8.28 16.84
N PHE B 133 -5.89 7.57 16.02
CA PHE B 133 -6.23 6.22 15.66
C PHE B 133 -5.18 5.23 16.15
N LYS B 134 -5.67 4.07 16.60
CA LYS B 134 -4.85 2.93 16.89
C LYS B 134 -4.71 2.23 15.57
N ALA B 135 -3.57 1.59 15.34
CA ALA B 135 -3.23 1.05 14.02
C ALA B 135 -4.21 0.04 13.43
N ASP B 136 -4.99 -0.60 14.30
CA ASP B 136 -5.90 -1.68 13.90
C ASP B 136 -7.33 -1.16 13.82
N GLU B 137 -7.48 0.15 13.91
CA GLU B 137 -8.70 0.79 13.48
C GLU B 137 -8.59 1.17 12.00
N ILE B 138 -7.47 0.83 11.35
CA ILE B 138 -7.21 1.34 10.02
C ILE B 138 -7.32 0.18 9.05
N ALA B 139 -8.32 0.25 8.19
CA ALA B 139 -8.65 -0.84 7.28
C ALA B 139 -7.67 -0.93 6.14
N SER B 140 -7.44 -2.14 5.68
CA SER B 140 -6.61 -2.36 4.52
C SER B 140 -7.45 -2.97 3.39
N TRP B 141 -7.71 -2.19 2.33
CA TRP B 141 -8.44 -2.71 1.21
C TRP B 141 -8.08 -2.03 -0.08
N THR B 142 -8.64 -2.57 -1.16
CA THR B 142 -8.36 -2.20 -2.50
C THR B 142 -9.68 -1.93 -3.17
N SER B 143 -9.82 -0.67 -3.60
CA SER B 143 -10.94 -0.21 -4.39
C SER B 143 -10.92 -0.90 -5.73
N HIS B 144 -12.05 -1.51 -6.08
CA HIS B 144 -12.37 -1.97 -7.42
C HIS B 144 -12.28 -0.89 -8.51
N SER B 145 -11.94 0.34 -8.16
CA SER B 145 -11.84 1.47 -9.12
C SER B 145 -10.44 2.04 -9.25
N VAL B 146 -9.51 1.47 -8.50
CA VAL B 146 -8.13 1.96 -8.47
C VAL B 146 -7.58 2.28 -9.84
N SER B 147 -7.84 1.44 -10.84
CA SER B 147 -7.45 1.73 -12.22
C SER B 147 -8.23 2.84 -12.91
N GLN B 148 -9.44 3.15 -12.45
CA GLN B 148 -10.16 4.22 -13.12
C GLN B 148 -9.57 5.57 -12.69
N ILE B 149 -8.89 5.56 -11.55
CA ILE B 149 -8.44 6.80 -10.95
C ILE B 149 -6.95 7.07 -11.16
N TYR B 150 -6.14 6.01 -11.05
CA TYR B 150 -4.69 6.11 -11.30
C TYR B 150 -4.25 5.38 -12.57
N GLU B 151 -3.38 6.02 -13.34
CA GLU B 151 -2.72 5.37 -14.44
C GLU B 151 -1.64 4.56 -13.79
N GLU C 4 -55.02 27.96 -11.18
CA GLU C 4 -55.02 27.55 -9.72
C GLU C 4 -53.78 28.00 -8.99
N ARG C 5 -53.94 28.23 -7.68
CA ARG C 5 -52.95 28.84 -6.80
C ARG C 5 -52.96 28.13 -5.50
N THR C 6 -51.84 28.03 -4.82
CA THR C 6 -51.89 27.46 -3.48
C THR C 6 -51.01 28.26 -2.56
N PHE C 7 -51.31 28.17 -1.27
CA PHE C 7 -50.46 28.80 -0.29
C PHE C 7 -49.51 27.73 0.31
N ILE C 8 -48.24 28.11 0.45
CA ILE C 8 -47.21 27.19 0.89
C ILE C 8 -46.43 27.99 1.89
N ALA C 9 -46.19 27.46 3.09
CA ALA C 9 -45.36 28.19 4.01
C ALA C 9 -44.33 27.24 4.56
N VAL C 10 -43.15 27.79 4.86
CA VAL C 10 -42.12 27.07 5.55
C VAL C 10 -42.23 27.49 6.99
N LYS C 11 -42.41 26.53 7.88
CA LYS C 11 -42.71 26.86 9.25
C LYS C 11 -41.45 27.28 10.02
N PRO C 12 -41.56 27.64 11.29
CA PRO C 12 -40.35 28.22 11.86
C PRO C 12 -39.19 27.25 11.93
N ASP C 13 -39.51 25.96 12.04
CA ASP C 13 -38.47 24.92 12.13
C ASP C 13 -37.73 24.80 10.79
N GLY C 14 -38.46 24.90 9.68
CA GLY C 14 -37.83 24.89 8.37
C GLY C 14 -36.95 26.10 8.05
N VAL C 15 -37.41 27.28 8.39
CA VAL C 15 -36.56 28.45 8.32
C VAL C 15 -35.30 28.25 9.21
N GLN C 16 -35.48 27.84 10.45
CA GLN C 16 -34.31 27.67 11.30
C GLN C 16 -33.31 26.70 10.69
N ARG C 17 -33.80 25.65 10.04
CA ARG C 17 -32.93 24.56 9.63
C ARG C 17 -32.39 24.75 8.20
N GLY C 18 -32.65 25.93 7.64
CA GLY C 18 -32.12 26.34 6.34
C GLY C 18 -32.72 25.55 5.18
N LEU C 19 -34.05 25.38 5.16
CA LEU C 19 -34.68 24.57 4.11
C LEU C 19 -35.53 25.37 3.15
N VAL C 20 -35.54 26.70 3.32
CA VAL C 20 -36.28 27.60 2.44
C VAL C 20 -35.90 27.40 0.98
N GLY C 21 -34.59 27.44 0.69
CA GLY C 21 -34.06 27.24 -0.70
C GLY C 21 -34.37 25.87 -1.30
N GLU C 22 -34.25 24.81 -0.50
CA GLU C 22 -34.54 23.47 -0.98
C GLU C 22 -36.05 23.26 -1.45
N ILE C 23 -37.00 23.64 -0.59
CA ILE C 23 -38.43 23.60 -0.86
C ILE C 23 -38.79 24.47 -2.04
N ILE C 24 -38.20 25.63 -2.18
CA ILE C 24 -38.48 26.48 -3.35
C ILE C 24 -37.90 25.82 -4.60
N ALA C 25 -36.67 25.27 -4.53
CA ALA C 25 -36.11 24.58 -5.72
C ALA C 25 -37.04 23.47 -6.25
N ARG C 26 -37.63 22.68 -5.37
CA ARG C 26 -38.52 21.58 -5.82
C ARG C 26 -39.84 22.07 -6.50
N PHE C 27 -40.42 23.13 -5.97
CA PHE C 27 -41.51 23.78 -6.69
C PHE C 27 -41.07 24.40 -8.01
N GLU C 28 -40.00 25.18 -8.03
CA GLU C 28 -39.42 25.60 -9.32
C GLU C 28 -39.23 24.41 -10.28
N ARG C 29 -38.52 23.39 -9.85
CA ARG C 29 -38.09 22.40 -10.79
C ARG C 29 -39.31 21.56 -11.32
N LYS C 30 -40.39 21.51 -10.54
CA LYS C 30 -41.61 20.84 -10.91
C LYS C 30 -42.40 21.50 -12.04
N GLY C 31 -42.19 22.81 -12.21
CA GLY C 31 -42.84 23.61 -13.27
C GLY C 31 -43.77 24.67 -12.71
N TYR C 32 -43.89 24.77 -11.39
CA TYR C 32 -44.76 25.76 -10.83
C TYR C 32 -44.18 27.16 -10.89
N LYS C 33 -45.05 28.16 -10.76
CA LYS C 33 -44.68 29.53 -10.93
C LYS C 33 -44.88 30.31 -9.65
N LEU C 34 -43.79 30.88 -9.12
CA LEU C 34 -43.79 31.69 -7.90
C LEU C 34 -44.39 33.04 -8.21
N VAL C 35 -45.12 33.61 -7.24
CA VAL C 35 -46.04 34.69 -7.52
C VAL C 35 -46.15 35.64 -6.31
N ALA C 36 -45.82 35.13 -5.12
CA ALA C 36 -45.83 35.93 -3.92
C ALA C 36 -44.85 35.31 -3.00
N LEU C 37 -44.31 36.12 -2.08
CA LEU C 37 -43.16 35.71 -1.31
C LEU C 37 -42.89 36.70 -0.19
N LYS C 38 -42.62 36.20 1.00
CA LYS C 38 -42.22 37.07 2.08
C LYS C 38 -41.83 36.26 3.29
N ILE C 39 -41.14 36.93 4.25
CA ILE C 39 -40.73 36.30 5.49
C ILE C 39 -41.14 37.19 6.66
N LEU C 40 -41.69 36.57 7.71
CA LEU C 40 -42.17 37.30 8.88
C LEU C 40 -42.48 36.34 10.00
N GLN C 41 -42.21 36.77 11.23
CA GLN C 41 -42.69 36.06 12.41
C GLN C 41 -44.15 36.41 12.65
N PRO C 42 -45.04 35.41 12.53
CA PRO C 42 -46.45 35.67 12.79
C PRO C 42 -46.66 36.03 14.28
N THR C 43 -47.64 36.90 14.53
CA THR C 43 -48.10 37.12 15.90
C THR C 43 -48.93 35.93 16.34
N THR C 44 -49.10 35.79 17.65
CA THR C 44 -50.16 34.95 18.25
C THR C 44 -51.46 34.97 17.45
N GLU C 45 -51.98 36.17 17.19
CA GLU C 45 -53.25 36.36 16.48
C GLU C 45 -53.19 35.73 15.11
N GLN C 46 -52.17 36.12 14.35
CA GLN C 46 -51.97 35.58 13.00
C GLN C 46 -51.88 34.04 13.01
N ALA C 47 -51.12 33.47 13.95
CA ALA C 47 -51.06 32.00 14.04
C ALA C 47 -52.48 31.44 14.21
N GLN C 48 -53.09 31.81 15.33
CA GLN C 48 -54.48 31.47 15.68
C GLN C 48 -55.41 31.58 14.50
N GLY C 49 -55.39 32.73 13.82
CA GLY C 49 -56.30 32.93 12.73
C GLY C 49 -55.89 32.09 11.57
N HIS C 50 -54.58 31.93 11.35
CA HIS C 50 -54.12 31.04 10.28
C HIS C 50 -54.65 29.64 10.43
N TYR C 51 -54.56 29.09 11.65
CA TYR C 51 -55.07 27.74 11.95
C TYR C 51 -56.57 27.61 12.41
N LYS C 52 -57.38 28.65 12.17
CA LYS C 52 -58.79 28.62 12.54
C LYS C 52 -59.42 27.21 12.54
N ASP C 53 -59.22 26.45 11.46
CA ASP C 53 -59.86 25.10 11.29
C ASP C 53 -59.44 24.02 12.30
N LEU C 54 -58.36 24.26 13.07
CA LEU C 54 -57.96 23.31 14.11
C LEU C 54 -58.13 23.86 15.53
N CYS C 55 -59.04 24.80 15.74
CA CYS C 55 -59.21 25.31 17.12
C CYS C 55 -59.69 24.26 18.14
N SER C 56 -60.52 23.31 17.71
CA SER C 56 -61.04 22.23 18.57
C SER C 56 -60.04 21.14 18.93
N LYS C 57 -59.00 20.96 18.11
CA LYS C 57 -57.96 19.97 18.34
C LYS C 57 -57.15 20.26 19.61
N PRO C 58 -56.64 19.22 20.27
CA PRO C 58 -55.92 19.41 21.51
C PRO C 58 -54.47 19.91 21.38
N PHE C 59 -53.86 19.70 20.22
CA PHE C 59 -52.52 20.19 19.88
C PHE C 59 -52.53 21.67 19.41
N PHE C 60 -53.73 22.22 19.23
CA PHE C 60 -53.91 23.59 18.75
C PHE C 60 -53.04 24.67 19.44
N PRO C 61 -53.13 24.79 20.79
CA PRO C 61 -52.32 25.87 21.41
C PRO C 61 -50.82 25.66 21.31
N ALA C 62 -50.36 24.40 21.36
CA ALA C 62 -48.91 24.13 21.09
C ALA C 62 -48.57 24.54 19.67
N LEU C 63 -49.47 24.23 18.74
CA LEU C 63 -49.35 24.65 17.37
C LEU C 63 -49.23 26.17 17.18
N VAL C 64 -50.21 26.91 17.70
CA VAL C 64 -50.26 28.36 17.58
C VAL C 64 -49.00 29.03 18.17
N LYS C 65 -48.50 28.50 19.29
CA LYS C 65 -47.35 29.07 19.97
C LYS C 65 -46.10 28.77 19.15
N TYR C 66 -46.10 27.58 18.53
CA TYR C 66 -44.95 27.19 17.71
C TYR C 66 -44.86 28.01 16.40
N PHE C 67 -45.99 28.19 15.73
CA PHE C 67 -46.05 28.90 14.46
C PHE C 67 -45.63 30.37 14.65
N SER C 68 -45.87 30.91 15.85
CA SER C 68 -45.58 32.30 16.14
C SER C 68 -44.21 32.55 16.80
N SER C 69 -43.47 31.50 17.13
CA SER C 69 -42.15 31.66 17.75
C SER C 69 -41.01 32.16 16.82
N GLY C 70 -41.25 32.24 15.52
CA GLY C 70 -40.21 32.70 14.62
C GLY C 70 -40.68 33.00 13.22
N PRO C 71 -39.74 33.35 12.32
CA PRO C 71 -40.12 33.57 10.94
C PRO C 71 -40.68 32.34 10.25
N ILE C 72 -41.66 32.60 9.44
CA ILE C 72 -42.07 31.61 8.50
C ILE C 72 -41.73 32.26 7.18
N VAL C 73 -41.78 31.49 6.10
CA VAL C 73 -41.72 32.09 4.79
C VAL C 73 -43.00 31.67 4.13
N CYS C 74 -43.81 32.63 3.70
CA CYS C 74 -45.08 32.38 2.98
C CYS C 74 -44.83 32.45 1.52
N MET C 75 -45.53 31.64 0.75
CA MET C 75 -45.43 31.73 -0.72
C MET C 75 -46.76 31.41 -1.39
N VAL C 76 -46.91 31.92 -2.60
CA VAL C 76 -47.99 31.46 -3.43
C VAL C 76 -47.38 30.94 -4.70
N TRP C 77 -47.89 29.81 -5.18
CA TRP C 77 -47.43 29.14 -6.38
C TRP C 77 -48.60 28.95 -7.28
N GLU C 78 -48.39 29.15 -8.56
CA GLU C 78 -49.50 29.15 -9.45
C GLU C 78 -49.21 28.07 -10.45
N GLY C 79 -50.19 27.22 -10.71
CA GLY C 79 -50.09 26.16 -11.71
C GLY C 79 -51.33 25.29 -11.86
N LYS C 80 -51.39 24.55 -12.95
CA LYS C 80 -52.40 23.56 -13.11
C LYS C 80 -52.19 22.48 -12.03
N ASN C 81 -53.24 22.21 -11.26
CA ASN C 81 -53.23 21.31 -10.11
C ASN C 81 -52.23 21.61 -8.97
N VAL C 82 -51.64 22.80 -8.93
CA VAL C 82 -50.71 23.13 -7.80
C VAL C 82 -51.14 22.73 -6.42
N VAL C 83 -52.43 22.78 -6.13
CA VAL C 83 -52.90 22.46 -4.76
C VAL C 83 -52.68 20.98 -4.43
N LYS C 84 -53.24 20.11 -5.25
CA LYS C 84 -53.05 18.67 -5.09
C LYS C 84 -51.55 18.32 -5.21
N SER C 85 -50.90 18.91 -6.19
CA SER C 85 -49.55 18.55 -6.49
C SER C 85 -48.55 19.12 -5.43
N GLY C 86 -48.79 20.37 -5.00
CA GLY C 86 -48.11 20.96 -3.85
C GLY C 86 -48.14 20.11 -2.59
N ARG C 87 -49.26 19.44 -2.32
CA ARG C 87 -49.35 18.60 -1.13
C ARG C 87 -48.56 17.29 -1.30
N VAL C 88 -48.66 16.70 -2.47
CA VAL C 88 -47.85 15.55 -2.86
C VAL C 88 -46.36 15.88 -2.75
N LEU C 89 -45.92 17.00 -3.30
CA LEU C 89 -44.51 17.44 -3.09
C LEU C 89 -44.04 17.51 -1.61
N LEU C 90 -44.91 18.01 -0.74
CA LEU C 90 -44.59 18.23 0.66
C LEU C 90 -44.55 16.92 1.46
N GLY C 91 -45.34 15.96 1.00
CA GLY C 91 -45.54 14.66 1.66
C GLY C 91 -46.69 14.67 2.66
N ALA C 92 -47.01 13.50 3.19
CA ALA C 92 -48.07 13.34 4.19
C ALA C 92 -47.79 14.24 5.36
N THR C 93 -48.87 14.77 5.92
CA THR C 93 -48.85 15.70 7.03
C THR C 93 -47.97 15.22 8.18
N ASN C 94 -48.20 14.01 8.66
CA ASN C 94 -47.39 13.35 9.68
C ASN C 94 -46.13 12.75 9.02
N PRO C 95 -44.95 13.33 9.30
CA PRO C 95 -43.76 12.86 8.60
C PRO C 95 -43.60 11.33 8.70
N ALA C 96 -43.91 10.73 9.84
CA ALA C 96 -43.89 9.26 9.96
C ALA C 96 -44.62 8.48 8.86
N ASP C 97 -45.52 9.13 8.12
CA ASP C 97 -46.21 8.50 6.98
C ASP C 97 -45.70 8.96 5.59
N SER C 98 -44.70 9.85 5.60
CA SER C 98 -44.18 10.48 4.38
C SER C 98 -43.07 9.67 3.70
N GLN C 99 -43.16 9.57 2.38
CA GLN C 99 -42.20 8.80 1.65
C GLN C 99 -40.97 9.62 1.36
N PRO C 100 -39.80 8.97 1.38
CA PRO C 100 -38.62 9.66 0.95
C PRO C 100 -38.91 10.13 -0.45
N GLY C 101 -38.34 11.29 -0.81
CA GLY C 101 -38.70 11.97 -2.05
C GLY C 101 -39.55 13.17 -1.78
N THR C 102 -40.25 13.23 -0.64
CA THR C 102 -41.05 14.40 -0.28
C THR C 102 -40.26 15.25 0.72
N ILE C 103 -40.71 16.49 0.91
CA ILE C 103 -40.06 17.44 1.78
C ILE C 103 -40.06 16.84 3.18
N ARG C 104 -41.22 16.45 3.70
CA ARG C 104 -41.34 15.87 5.05
C ARG C 104 -40.69 14.51 5.10
N GLY C 105 -40.72 13.79 4.01
CA GLY C 105 -40.00 12.53 3.90
C GLY C 105 -38.48 12.62 3.98
N ASP C 106 -37.92 13.66 3.38
CA ASP C 106 -36.49 13.83 3.42
C ASP C 106 -36.12 14.52 4.69
N PHE C 107 -36.97 15.42 5.20
CA PHE C 107 -36.50 16.43 6.17
C PHE C 107 -37.06 16.45 7.62
N ALA C 108 -38.08 15.66 7.90
CA ALA C 108 -38.79 15.80 9.16
C ALA C 108 -39.17 14.49 9.90
N VAL C 109 -39.42 14.62 11.20
CA VAL C 109 -39.63 13.48 12.07
C VAL C 109 -40.99 13.54 12.69
N ASP C 110 -41.32 14.69 13.24
CA ASP C 110 -42.46 14.84 14.17
C ASP C 110 -43.57 15.76 13.60
N VAL C 111 -44.83 15.36 13.69
CA VAL C 111 -45.88 16.17 13.11
C VAL C 111 -45.84 17.55 13.69
N GLY C 112 -45.27 17.70 14.89
CA GLY C 112 -45.16 19.02 15.48
C GLY C 112 -44.05 19.93 14.95
N ARG C 113 -43.28 19.39 14.00
CA ARG C 113 -42.12 20.07 13.45
C ARG C 113 -42.01 19.47 12.09
N ASN C 114 -43.04 19.70 11.30
CA ASN C 114 -43.13 19.03 10.05
C ASN C 114 -42.85 19.98 8.92
N VAL C 115 -42.02 20.98 9.24
CA VAL C 115 -41.22 21.75 8.27
C VAL C 115 -41.98 22.74 7.40
N CYS C 116 -43.12 22.35 6.86
CA CYS C 116 -43.79 23.19 5.90
CA CYS C 116 -43.78 23.19 5.89
C CYS C 116 -45.30 23.06 5.97
N HIS C 117 -46.01 24.05 5.42
CA HIS C 117 -47.43 23.91 5.32
C HIS C 117 -47.88 24.11 3.86
N GLY C 118 -48.92 23.38 3.48
CA GLY C 118 -49.61 23.54 2.19
C GLY C 118 -51.11 23.47 2.33
N SER C 119 -51.79 24.41 1.69
CA SER C 119 -53.24 24.41 1.61
C SER C 119 -53.82 23.04 1.25
N ASP C 120 -54.84 22.61 2.00
CA ASP C 120 -55.49 21.32 1.66
C ASP C 120 -56.46 21.35 0.52
N SER C 121 -56.97 22.53 0.18
CA SER C 121 -57.89 22.60 -0.93
C SER C 121 -57.86 24.00 -1.52
N VAL C 122 -58.46 24.17 -2.70
CA VAL C 122 -58.48 25.49 -3.33
C VAL C 122 -59.20 26.56 -2.50
N GLU C 123 -60.28 26.17 -1.80
CA GLU C 123 -60.99 27.12 -0.91
C GLU C 123 -60.10 27.56 0.24
N SER C 124 -59.38 26.61 0.87
CA SER C 124 -58.44 26.97 1.93
C SER C 124 -57.24 27.75 1.36
N ALA C 125 -56.92 27.49 0.08
CA ALA C 125 -55.85 28.23 -0.64
C ALA C 125 -56.18 29.69 -0.80
N GLU C 126 -57.30 30.00 -1.45
CA GLU C 126 -57.77 31.41 -1.59
C GLU C 126 -57.93 32.14 -0.26
N ARG C 127 -58.27 31.42 0.78
CA ARG C 127 -58.34 32.03 2.10
C ARG C 127 -56.96 32.32 2.76
N GLU C 128 -56.02 31.39 2.69
CA GLU C 128 -54.69 31.66 3.28
C GLU C 128 -53.92 32.75 2.49
N ILE C 129 -54.05 32.71 1.17
CA ILE C 129 -53.42 33.73 0.33
C ILE C 129 -53.88 35.10 0.79
N ALA C 130 -55.20 35.28 0.81
CA ALA C 130 -55.83 36.52 1.26
C ALA C 130 -55.63 36.78 2.74
N PHE C 131 -55.39 35.74 3.54
CA PHE C 131 -55.05 35.97 4.94
C PHE C 131 -53.66 36.58 5.05
N TRP C 132 -52.80 36.30 4.07
CA TRP C 132 -51.34 36.60 4.22
C TRP C 132 -50.83 37.68 3.30
N PHE C 133 -51.46 37.83 2.16
CA PHE C 133 -50.97 38.72 1.16
C PHE C 133 -52.01 39.72 0.72
N LYS C 134 -51.59 40.98 0.54
CA LYS C 134 -52.38 41.99 -0.15
C LYS C 134 -52.19 41.83 -1.63
N ALA C 135 -53.24 41.96 -2.43
CA ALA C 135 -53.11 41.97 -3.90
C ALA C 135 -51.88 42.74 -4.41
N ASP C 136 -51.67 43.96 -3.93
CA ASP C 136 -50.38 44.67 -4.03
C ASP C 136 -49.26 43.68 -4.33
N GLU C 137 -49.05 42.76 -3.36
CA GLU C 137 -47.89 41.87 -3.29
C GLU C 137 -47.88 40.64 -4.20
N ILE C 138 -48.96 40.36 -4.93
CA ILE C 138 -48.98 39.17 -5.77
C ILE C 138 -48.64 39.54 -7.21
N ALA C 139 -47.53 39.00 -7.72
CA ALA C 139 -46.99 39.36 -9.03
C ALA C 139 -47.70 38.67 -10.16
N SER C 140 -47.83 39.35 -11.29
CA SER C 140 -48.48 38.77 -12.44
C SER C 140 -47.47 38.73 -13.53
N TRP C 141 -47.11 37.54 -13.96
CA TRP C 141 -46.06 37.37 -14.99
C TRP C 141 -46.24 36.11 -15.78
N THR C 142 -45.52 36.01 -16.88
CA THR C 142 -45.64 34.88 -17.77
C THR C 142 -44.28 34.22 -17.97
N SER C 143 -44.18 32.98 -17.52
CA SER C 143 -42.96 32.18 -17.63
C SER C 143 -42.62 31.86 -19.09
N HIS C 144 -41.38 32.12 -19.50
CA HIS C 144 -40.98 31.78 -20.87
C HIS C 144 -41.13 30.30 -21.20
N SER C 145 -41.25 29.44 -20.18
CA SER C 145 -41.34 27.98 -20.39
C SER C 145 -42.76 27.38 -20.39
N VAL C 146 -43.82 28.19 -20.36
CA VAL C 146 -45.19 27.63 -20.28
C VAL C 146 -45.44 26.49 -21.26
N SER C 147 -44.99 26.64 -22.51
CA SER C 147 -45.32 25.63 -23.52
C SER C 147 -44.50 24.33 -23.45
N GLN C 148 -43.39 24.36 -22.71
CA GLN C 148 -42.68 23.12 -22.39
C GLN C 148 -43.28 22.31 -21.22
N ILE C 149 -44.08 22.98 -20.41
CA ILE C 149 -44.62 22.38 -19.18
C ILE C 149 -46.08 21.97 -19.35
N TYR C 150 -46.87 22.84 -19.97
CA TYR C 150 -48.28 22.51 -20.33
C TYR C 150 -48.49 22.38 -21.83
N GLU C 151 -49.24 21.34 -22.21
CA GLU C 151 -49.64 21.02 -23.60
C GLU C 151 -49.41 22.14 -24.67
N SER D 2 -20.67 32.71 -30.31
CA SER D 2 -20.48 33.60 -31.47
C SER D 2 -21.41 33.24 -32.67
N SER D 3 -22.28 32.21 -32.55
CA SER D 3 -22.21 31.20 -31.48
C SER D 3 -21.26 30.02 -31.85
N GLU D 4 -20.09 30.04 -31.21
CA GLU D 4 -19.12 28.99 -31.37
C GLU D 4 -19.64 27.64 -30.93
N ARG D 5 -18.84 26.64 -31.26
CA ARG D 5 -19.10 25.32 -30.87
C ARG D 5 -17.85 24.76 -30.27
N THR D 6 -18.05 23.89 -29.27
CA THR D 6 -16.96 23.14 -28.68
C THR D 6 -17.23 21.66 -28.66
N PHE D 7 -16.16 20.92 -28.74
CA PHE D 7 -16.24 19.49 -28.61
C PHE D 7 -15.77 19.12 -27.21
N ILE D 8 -16.62 18.39 -26.48
CA ILE D 8 -16.32 17.92 -25.12
C ILE D 8 -16.32 16.42 -25.13
N ALA D 9 -15.42 15.77 -24.41
CA ALA D 9 -15.46 14.30 -24.46
C ALA D 9 -15.24 13.64 -23.12
N VAL D 10 -16.23 12.85 -22.66
CA VAL D 10 -16.03 12.10 -21.45
C VAL D 10 -15.12 10.96 -21.83
N LYS D 11 -13.93 10.93 -21.26
CA LYS D 11 -12.99 9.85 -21.51
C LYS D 11 -13.47 8.55 -20.87
N PRO D 12 -12.76 7.46 -21.17
CA PRO D 12 -13.17 6.11 -20.68
C PRO D 12 -13.28 5.98 -19.18
N ASP D 13 -12.37 6.62 -18.44
CA ASP D 13 -12.47 6.67 -16.95
C ASP D 13 -13.71 7.46 -16.51
N GLY D 14 -14.04 8.56 -17.22
CA GLY D 14 -15.26 9.28 -16.94
C GLY D 14 -16.50 8.41 -17.08
N VAL D 15 -16.52 7.57 -18.12
CA VAL D 15 -17.66 6.74 -18.42
C VAL D 15 -17.70 5.63 -17.38
N GLN D 16 -16.56 5.07 -17.06
CA GLN D 16 -16.60 3.95 -16.13
C GLN D 16 -17.02 4.36 -14.75
N ARG D 17 -16.84 5.64 -14.43
CA ARG D 17 -17.13 6.17 -13.07
C ARG D 17 -18.53 6.79 -12.92
N GLY D 18 -19.36 6.59 -13.92
CA GLY D 18 -20.70 7.12 -13.85
C GLY D 18 -20.80 8.62 -13.89
N LEU D 19 -19.85 9.28 -14.55
CA LEU D 19 -19.84 10.74 -14.57
C LEU D 19 -20.46 11.41 -15.81
N VAL D 20 -21.11 10.66 -16.70
CA VAL D 20 -21.64 11.27 -17.92
C VAL D 20 -22.76 12.27 -17.63
N GLY D 21 -23.70 11.87 -16.77
CA GLY D 21 -24.80 12.75 -16.38
C GLY D 21 -24.34 14.02 -15.69
N GLU D 22 -23.47 13.89 -14.69
CA GLU D 22 -22.99 15.07 -14.01
C GLU D 22 -22.40 16.10 -15.00
N ILE D 23 -21.55 15.65 -15.91
CA ILE D 23 -20.91 16.52 -16.86
C ILE D 23 -21.89 17.23 -17.78
N ILE D 24 -22.84 16.47 -18.34
CA ILE D 24 -23.82 17.00 -19.29
C ILE D 24 -24.64 18.06 -18.53
N ALA D 25 -24.96 17.72 -17.30
CA ALA D 25 -25.75 18.62 -16.47
C ALA D 25 -25.03 19.95 -16.20
N ARG D 26 -23.72 19.95 -16.00
CA ARG D 26 -23.08 21.22 -15.79
C ARG D 26 -23.12 22.10 -17.07
N PHE D 27 -22.82 21.54 -18.24
CA PHE D 27 -23.03 22.33 -19.46
C PHE D 27 -24.48 22.81 -19.62
N GLU D 28 -25.47 22.00 -19.26
CA GLU D 28 -26.86 22.47 -19.33
C GLU D 28 -27.13 23.64 -18.38
N ARG D 29 -26.75 23.50 -17.11
CA ARG D 29 -27.13 24.52 -16.15
C ARG D 29 -26.48 25.83 -16.57
N LYS D 30 -25.33 25.74 -17.21
CA LYS D 30 -24.60 26.91 -17.60
C LYS D 30 -25.33 27.70 -18.73
N GLY D 31 -26.23 27.03 -19.46
CA GLY D 31 -26.94 27.73 -20.51
C GLY D 31 -26.55 27.32 -21.93
N TYR D 32 -25.70 26.30 -22.09
CA TYR D 32 -25.31 25.94 -23.43
C TYR D 32 -26.15 24.82 -24.00
N LYS D 33 -25.99 24.65 -25.32
CA LYS D 33 -26.91 23.89 -26.09
C LYS D 33 -26.24 22.67 -26.73
N LEU D 34 -26.78 21.51 -26.37
CA LEU D 34 -26.36 20.22 -26.86
C LEU D 34 -26.85 20.04 -28.34
N VAL D 35 -25.91 19.69 -29.21
CA VAL D 35 -26.07 19.80 -30.63
C VAL D 35 -25.66 18.48 -31.30
N ALA D 36 -24.81 17.68 -30.65
CA ALA D 36 -24.47 16.28 -31.09
C ALA D 36 -24.09 15.45 -29.89
N LEU D 37 -24.47 14.18 -29.88
CA LEU D 37 -24.13 13.27 -28.77
C LEU D 37 -23.82 11.87 -29.25
N LYS D 38 -22.86 11.19 -28.66
CA LYS D 38 -22.45 9.91 -29.21
C LYS D 38 -21.69 9.06 -28.17
N ILE D 39 -21.94 7.76 -28.16
CA ILE D 39 -21.15 6.83 -27.34
C ILE D 39 -20.56 5.78 -28.27
N LEU D 40 -19.24 5.67 -28.25
CA LEU D 40 -18.50 4.70 -29.06
C LEU D 40 -17.15 4.39 -28.41
N GLN D 41 -16.61 3.21 -28.68
CA GLN D 41 -15.18 2.92 -28.37
C GLN D 41 -14.29 3.34 -29.53
N PRO D 42 -13.46 4.36 -29.34
CA PRO D 42 -12.51 4.77 -30.37
C PRO D 42 -11.60 3.62 -30.79
N THR D 43 -11.25 3.60 -32.06
CA THR D 43 -10.19 2.71 -32.50
C THR D 43 -8.87 3.32 -32.10
N THR D 44 -7.86 2.47 -32.11
CA THR D 44 -6.47 2.88 -31.89
C THR D 44 -6.13 4.02 -32.87
N GLU D 45 -6.68 3.96 -34.08
CA GLU D 45 -6.49 4.98 -35.14
C GLU D 45 -7.27 6.31 -34.91
N GLN D 46 -8.49 6.19 -34.41
CA GLN D 46 -9.24 7.38 -34.00
C GLN D 46 -8.52 8.10 -32.85
N ALA D 47 -7.94 7.32 -31.95
CA ALA D 47 -7.26 7.92 -30.81
C ALA D 47 -6.04 8.75 -31.23
N GLN D 48 -5.25 8.25 -32.19
CA GLN D 48 -4.09 9.01 -32.73
C GLN D 48 -4.55 10.22 -33.50
N GLY D 49 -5.58 10.01 -34.32
CA GLY D 49 -6.15 11.09 -35.10
C GLY D 49 -6.47 12.25 -34.19
N HIS D 50 -7.29 11.98 -33.16
CA HIS D 50 -7.73 12.98 -32.20
C HIS D 50 -6.57 13.68 -31.50
N TYR D 51 -5.59 12.92 -31.00
CA TYR D 51 -4.47 13.53 -30.26
C TYR D 51 -3.23 13.79 -31.13
N LYS D 52 -3.44 13.92 -32.43
CA LYS D 52 -2.35 14.05 -33.40
C LYS D 52 -1.26 15.02 -32.98
N ASP D 53 -1.63 16.19 -32.47
CA ASP D 53 -0.64 17.22 -32.24
C ASP D 53 0.14 17.03 -30.95
N LEU D 54 0.22 15.77 -30.52
CA LEU D 54 0.85 15.38 -29.26
C LEU D 54 1.59 14.05 -29.44
N CYS D 55 1.57 13.50 -30.65
CA CYS D 55 2.29 12.23 -30.97
C CYS D 55 3.76 12.07 -30.45
N SER D 56 4.47 13.19 -30.26
CA SER D 56 5.88 13.17 -29.83
C SER D 56 6.07 13.01 -28.34
N LYS D 57 5.12 13.51 -27.54
CA LYS D 57 5.25 13.48 -26.08
C LYS D 57 5.35 12.06 -25.65
N PRO D 58 6.11 11.80 -24.59
CA PRO D 58 6.33 10.43 -24.06
C PRO D 58 5.09 9.62 -23.63
N PHE D 59 4.00 10.29 -23.29
CA PHE D 59 2.85 9.57 -22.72
C PHE D 59 1.88 9.17 -23.81
N PHE D 60 2.10 9.69 -25.01
CA PHE D 60 1.17 9.47 -26.11
C PHE D 60 0.79 8.00 -26.31
N PRO D 61 1.75 7.09 -26.29
CA PRO D 61 1.30 5.73 -26.48
C PRO D 61 0.39 5.22 -25.38
N ALA D 62 0.65 5.60 -24.13
CA ALA D 62 -0.25 5.18 -23.03
C ALA D 62 -1.60 5.89 -23.15
N LEU D 63 -1.56 7.19 -23.44
CA LEU D 63 -2.75 7.94 -23.77
C LEU D 63 -3.59 7.21 -24.81
N VAL D 64 -2.98 6.91 -25.95
CA VAL D 64 -3.74 6.36 -27.07
C VAL D 64 -4.33 5.02 -26.71
N LYS D 65 -3.54 4.20 -26.02
CA LYS D 65 -4.02 2.89 -25.60
C LYS D 65 -5.26 3.14 -24.74
N TYR D 66 -5.08 3.93 -23.69
CA TYR D 66 -6.14 4.30 -22.76
C TYR D 66 -7.40 4.83 -23.43
N PHE D 67 -7.24 5.84 -24.29
CA PHE D 67 -8.37 6.48 -24.94
C PHE D 67 -9.22 5.49 -25.70
N SER D 68 -8.59 4.43 -26.18
CA SER D 68 -9.28 3.47 -27.01
C SER D 68 -9.62 2.19 -26.22
N SER D 69 -9.42 2.24 -24.90
CA SER D 69 -9.63 1.05 -24.05
C SER D 69 -11.09 0.71 -23.73
N GLY D 70 -12.01 1.62 -24.06
CA GLY D 70 -13.45 1.47 -23.82
C GLY D 70 -14.26 2.66 -24.28
N PRO D 71 -15.57 2.70 -23.96
CA PRO D 71 -16.27 3.82 -24.63
C PRO D 71 -16.02 5.19 -24.07
N ILE D 72 -16.03 6.18 -24.97
CA ILE D 72 -16.12 7.59 -24.63
C ILE D 72 -17.51 8.14 -25.02
N VAL D 73 -17.87 9.29 -24.46
CA VAL D 73 -19.08 10.02 -24.88
C VAL D 73 -18.64 11.32 -25.53
N CYS D 74 -18.93 11.45 -26.81
CA CYS D 74 -18.53 12.65 -27.53
C CYS D 74 -19.71 13.57 -27.51
N MET D 75 -19.46 14.87 -27.42
CA MET D 75 -20.55 15.83 -27.52
C MET D 75 -20.10 17.08 -28.25
N VAL D 76 -21.06 17.81 -28.84
CA VAL D 76 -20.82 19.17 -29.27
C VAL D 76 -21.76 20.13 -28.53
N TRP D 77 -21.23 21.24 -28.01
CA TRP D 77 -22.04 22.26 -27.34
C TRP D 77 -21.95 23.58 -28.13
N GLU D 78 -23.06 24.30 -28.18
CA GLU D 78 -23.12 25.56 -28.89
C GLU D 78 -23.51 26.70 -27.96
N GLY D 79 -22.85 27.85 -28.13
CA GLY D 79 -23.09 29.07 -27.35
C GLY D 79 -21.97 30.09 -27.40
N LYS D 80 -22.27 31.31 -27.02
CA LYS D 80 -21.28 32.35 -27.08
C LYS D 80 -20.26 31.98 -26.04
N ASN D 81 -19.02 31.79 -26.51
CA ASN D 81 -17.89 31.45 -25.66
C ASN D 81 -17.78 30.00 -25.22
N VAL D 82 -18.52 29.06 -25.82
CA VAL D 82 -18.51 27.68 -25.26
C VAL D 82 -17.11 27.06 -25.09
N VAL D 83 -16.15 27.51 -25.88
CA VAL D 83 -14.83 26.93 -25.91
C VAL D 83 -14.08 27.42 -24.67
N LYS D 84 -13.90 28.73 -24.55
CA LYS D 84 -13.35 29.31 -23.33
C LYS D 84 -14.07 28.79 -22.08
N SER D 85 -15.40 28.87 -22.07
CA SER D 85 -16.19 28.40 -20.93
C SER D 85 -16.13 26.94 -20.62
N GLY D 86 -16.16 26.10 -21.65
CA GLY D 86 -16.02 24.65 -21.48
C GLY D 86 -14.69 24.27 -20.85
N ARG D 87 -13.64 25.04 -21.09
CA ARG D 87 -12.37 24.70 -20.47
C ARG D 87 -12.46 25.07 -19.01
N VAL D 88 -12.98 26.25 -18.74
CA VAL D 88 -13.25 26.72 -17.39
C VAL D 88 -14.10 25.72 -16.57
N LEU D 89 -15.23 25.22 -17.11
CA LEU D 89 -16.04 24.27 -16.41
C LEU D 89 -15.24 23.02 -16.05
N LEU D 90 -14.40 22.59 -16.99
CA LEU D 90 -13.62 21.37 -16.87
C LEU D 90 -12.45 21.45 -15.86
N GLY D 91 -11.77 22.60 -15.84
CA GLY D 91 -10.66 22.83 -14.92
C GLY D 91 -9.35 22.48 -15.56
N ALA D 92 -8.26 22.91 -14.96
CA ALA D 92 -6.93 22.64 -15.49
C ALA D 92 -6.85 21.21 -16.01
N THR D 93 -6.18 21.06 -17.15
CA THR D 93 -5.88 19.77 -17.69
C THR D 93 -5.29 18.83 -16.67
N ASN D 94 -4.30 19.31 -15.90
CA ASN D 94 -3.76 18.52 -14.78
C ASN D 94 -4.70 18.70 -13.58
N PRO D 95 -5.30 17.60 -13.07
CA PRO D 95 -6.24 17.79 -11.95
C PRO D 95 -5.62 18.39 -10.65
N ALA D 96 -4.34 18.14 -10.40
CA ALA D 96 -3.67 18.73 -9.24
C ALA D 96 -3.69 20.23 -9.28
N ASP D 97 -3.76 20.81 -10.47
CA ASP D 97 -3.87 22.26 -10.60
C ASP D 97 -5.34 22.70 -10.59
N SER D 98 -6.26 21.74 -10.60
CA SER D 98 -7.69 22.06 -10.68
C SER D 98 -8.31 22.61 -9.39
N GLN D 99 -9.27 23.50 -9.55
CA GLN D 99 -9.96 24.08 -8.40
C GLN D 99 -11.23 23.26 -8.22
N PRO D 100 -11.53 22.89 -6.96
CA PRO D 100 -12.86 22.40 -6.63
C PRO D 100 -13.95 23.27 -7.28
N GLY D 101 -14.99 22.65 -7.80
CA GLY D 101 -16.04 23.35 -8.48
C GLY D 101 -16.00 23.02 -9.94
N THR D 102 -14.85 22.57 -10.42
CA THR D 102 -14.66 22.23 -11.82
C THR D 102 -14.76 20.73 -11.87
N ILE D 103 -14.96 20.17 -13.04
CA ILE D 103 -15.09 18.72 -13.18
C ILE D 103 -13.84 17.97 -12.70
N ARG D 104 -12.66 18.38 -13.15
CA ARG D 104 -11.44 17.73 -12.71
C ARG D 104 -11.18 18.01 -11.25
N GLY D 105 -11.48 19.22 -10.79
CA GLY D 105 -11.31 19.53 -9.40
C GLY D 105 -12.12 18.66 -8.43
N ASP D 106 -13.39 18.46 -8.73
CA ASP D 106 -14.31 17.69 -7.92
C ASP D 106 -14.05 16.18 -8.10
N PHE D 107 -13.61 15.75 -9.30
CA PHE D 107 -13.60 14.31 -9.66
C PHE D 107 -12.27 13.61 -9.99
N ALA D 108 -11.17 14.32 -10.16
CA ALA D 108 -10.03 13.59 -10.67
C ALA D 108 -8.79 13.79 -9.85
N VAL D 109 -7.92 12.78 -9.90
CA VAL D 109 -6.67 12.86 -9.19
C VAL D 109 -5.42 12.88 -10.09
N ASP D 110 -5.48 12.19 -11.22
CA ASP D 110 -4.30 11.87 -12.03
C ASP D 110 -4.50 12.36 -13.44
N VAL D 111 -3.51 13.08 -13.98
CA VAL D 111 -3.63 13.65 -15.31
C VAL D 111 -3.87 12.56 -16.36
N GLY D 112 -3.39 11.35 -16.09
CA GLY D 112 -3.62 10.24 -16.99
C GLY D 112 -5.01 9.65 -16.86
N ARG D 113 -5.72 10.03 -15.81
CA ARG D 113 -7.12 9.62 -15.66
C ARG D 113 -7.95 10.86 -15.33
N ASN D 114 -8.02 11.78 -16.30
CA ASN D 114 -8.53 13.09 -16.06
C ASN D 114 -9.93 13.39 -16.60
N VAL D 115 -10.73 12.33 -16.70
CA VAL D 115 -12.19 12.36 -16.77
C VAL D 115 -12.79 12.78 -18.10
N CYS D 116 -12.26 13.81 -18.72
CA CYS D 116 -12.94 14.34 -19.87
C CYS D 116 -11.99 15.25 -20.63
N HIS D 117 -12.45 15.72 -21.78
CA HIS D 117 -11.64 16.54 -22.67
C HIS D 117 -12.47 17.65 -23.28
N GLY D 118 -11.93 18.85 -23.39
CA GLY D 118 -12.58 19.95 -24.12
C GLY D 118 -11.65 20.64 -25.12
N SER D 119 -12.18 21.09 -26.26
CA SER D 119 -11.32 21.74 -27.23
C SER D 119 -10.58 22.88 -26.60
N ASP D 120 -9.27 22.98 -26.88
CA ASP D 120 -8.45 24.10 -26.39
C ASP D 120 -8.67 25.43 -27.12
N SER D 121 -9.37 25.41 -28.24
CA SER D 121 -9.61 26.64 -29.00
C SER D 121 -10.70 26.40 -30.00
N VAL D 122 -11.18 27.50 -30.58
CA VAL D 122 -12.22 27.42 -31.59
C VAL D 122 -11.70 26.75 -32.85
N GLU D 123 -10.45 27.01 -33.17
CA GLU D 123 -9.76 26.30 -34.25
C GLU D 123 -9.77 24.79 -34.04
N SER D 124 -9.29 24.33 -32.89
CA SER D 124 -9.27 22.89 -32.55
C SER D 124 -10.66 22.27 -32.40
N ALA D 125 -11.66 23.08 -32.06
CA ALA D 125 -12.99 22.56 -31.88
C ALA D 125 -13.52 22.11 -33.23
N GLU D 126 -13.37 22.97 -34.23
CA GLU D 126 -13.75 22.65 -35.61
C GLU D 126 -13.00 21.42 -36.13
N ARG D 127 -11.71 21.28 -35.80
CA ARG D 127 -11.05 20.02 -36.17
C ARG D 127 -11.69 18.83 -35.45
N GLU D 128 -11.94 18.96 -34.13
CA GLU D 128 -12.40 17.79 -33.35
C GLU D 128 -13.82 17.37 -33.76
N ILE D 129 -14.66 18.37 -34.08
CA ILE D 129 -16.07 18.21 -34.44
C ILE D 129 -16.21 17.53 -35.83
N ALA D 130 -15.49 18.08 -36.81
CA ALA D 130 -15.32 17.43 -38.12
C ALA D 130 -14.82 16.01 -37.98
N PHE D 131 -13.89 15.79 -37.08
CA PHE D 131 -13.29 14.47 -36.96
C PHE D 131 -14.23 13.44 -36.37
N TRP D 132 -15.05 13.82 -35.39
CA TRP D 132 -15.83 12.82 -34.70
C TRP D 132 -17.27 12.81 -35.22
N PHE D 133 -17.74 13.94 -35.74
CA PHE D 133 -19.12 13.98 -36.19
C PHE D 133 -19.35 14.34 -37.67
N LYS D 134 -20.15 13.51 -38.35
CA LYS D 134 -20.77 13.85 -39.62
C LYS D 134 -21.62 15.07 -39.35
N ALA D 135 -21.43 16.09 -40.17
CA ALA D 135 -22.17 17.34 -40.11
C ALA D 135 -23.69 17.21 -40.07
N ASP D 136 -24.18 16.00 -40.35
CA ASP D 136 -25.61 15.67 -40.26
C ASP D 136 -25.93 14.94 -38.95
N GLU D 137 -24.88 14.63 -38.19
CA GLU D 137 -25.08 14.13 -36.84
C GLU D 137 -25.33 15.30 -35.93
N ILE D 138 -25.31 16.52 -36.50
CA ILE D 138 -25.40 17.73 -35.68
C ILE D 138 -26.76 18.37 -35.78
N ALA D 139 -27.51 18.32 -34.68
CA ALA D 139 -28.84 18.91 -34.65
C ALA D 139 -28.80 20.42 -34.91
N SER D 140 -29.89 20.95 -35.42
CA SER D 140 -30.03 22.37 -35.61
C SER D 140 -31.35 22.73 -34.95
N TRP D 141 -31.25 23.52 -33.89
CA TRP D 141 -32.41 23.82 -33.10
C TRP D 141 -32.23 25.05 -32.22
N THR D 142 -33.37 25.56 -31.75
CA THR D 142 -33.47 26.83 -31.05
C THR D 142 -34.01 26.55 -29.66
N SER D 143 -33.29 26.97 -28.65
CA SER D 143 -33.69 26.76 -27.27
C SER D 143 -34.77 27.78 -26.98
N HIS D 144 -35.88 27.36 -26.38
CA HIS D 144 -36.89 28.28 -25.85
C HIS D 144 -36.36 29.34 -24.81
N SER D 145 -35.13 29.20 -24.35
CA SER D 145 -34.57 30.07 -23.31
C SER D 145 -33.53 31.07 -23.80
N VAL D 146 -33.19 31.02 -25.08
CA VAL D 146 -32.10 31.82 -25.61
C VAL D 146 -32.11 33.30 -25.19
N SER D 147 -33.30 33.91 -25.11
CA SER D 147 -33.44 35.31 -24.70
C SER D 147 -33.16 35.56 -23.20
N GLN D 148 -33.34 34.53 -22.37
CA GLN D 148 -33.02 34.59 -20.96
C GLN D 148 -31.51 34.43 -20.70
N ILE D 149 -30.81 33.85 -21.66
CA ILE D 149 -29.40 33.54 -21.47
C ILE D 149 -28.52 34.57 -22.16
N TYR D 150 -28.96 35.07 -23.30
CA TYR D 150 -28.20 36.07 -24.08
C TYR D 150 -28.93 37.35 -24.17
N GLU D 151 -28.21 38.44 -23.94
CA GLU D 151 -28.82 39.74 -23.88
C GLU D 151 -28.77 40.40 -25.24
N SER E 2 -29.55 -9.99 -17.38
CA SER E 2 -28.47 -8.95 -17.26
C SER E 2 -27.98 -8.48 -18.62
N SER E 3 -28.44 -9.18 -19.63
CA SER E 3 -28.23 -8.85 -21.01
C SER E 3 -29.37 -7.92 -21.40
N GLU E 4 -30.37 -7.83 -20.53
CA GLU E 4 -31.58 -7.03 -20.80
C GLU E 4 -31.29 -5.55 -21.11
N ARG E 5 -31.94 -5.02 -22.15
CA ARG E 5 -31.76 -3.63 -22.50
C ARG E 5 -33.10 -2.92 -22.54
N THR E 6 -33.07 -1.64 -22.30
CA THR E 6 -34.27 -0.86 -22.53
C THR E 6 -33.95 0.41 -23.28
N PHE E 7 -34.99 0.96 -23.89
CA PHE E 7 -34.83 2.17 -24.65
C PHE E 7 -35.40 3.33 -23.84
N ILE E 8 -34.62 4.41 -23.72
CA ILE E 8 -35.10 5.59 -22.99
C ILE E 8 -35.05 6.80 -23.90
N ALA E 9 -36.06 7.63 -23.89
CA ALA E 9 -35.90 8.89 -24.63
C ALA E 9 -36.24 10.10 -23.80
N VAL E 10 -35.44 11.14 -23.94
CA VAL E 10 -35.78 12.45 -23.42
C VAL E 10 -36.54 13.13 -24.50
N LYS E 11 -37.81 13.35 -24.22
CA LYS E 11 -38.70 13.99 -25.16
C LYS E 11 -38.28 15.44 -25.34
N PRO E 12 -38.84 16.11 -26.35
CA PRO E 12 -38.48 17.52 -26.63
C PRO E 12 -38.60 18.47 -25.45
N ASP E 13 -39.65 18.34 -24.65
CA ASP E 13 -39.79 19.19 -23.44
C ASP E 13 -38.66 18.92 -22.47
N GLY E 14 -38.26 17.67 -22.31
CA GLY E 14 -37.11 17.38 -21.49
C GLY E 14 -35.81 18.01 -21.95
N VAL E 15 -35.52 17.94 -23.25
CA VAL E 15 -34.28 18.48 -23.74
C VAL E 15 -34.32 20.01 -23.57
N GLN E 16 -35.45 20.60 -23.94
CA GLN E 16 -35.64 22.04 -23.92
C GLN E 16 -35.47 22.57 -22.51
N ARG E 17 -35.86 21.75 -21.54
CA ARG E 17 -35.88 22.18 -20.17
C ARG E 17 -34.61 21.81 -19.43
N GLY E 18 -33.61 21.25 -20.13
CA GLY E 18 -32.33 21.04 -19.51
C GLY E 18 -32.23 19.87 -18.54
N LEU E 19 -32.98 18.82 -18.80
CA LEU E 19 -33.02 17.68 -17.92
C LEU E 19 -32.20 16.47 -18.36
N VAL E 20 -31.39 16.60 -19.41
CA VAL E 20 -30.79 15.42 -20.02
C VAL E 20 -29.79 14.84 -19.06
N GLY E 21 -28.97 15.73 -18.50
CA GLY E 21 -27.90 15.30 -17.54
C GLY E 21 -28.50 14.58 -16.36
N GLU E 22 -29.49 15.22 -15.74
CA GLU E 22 -30.26 14.66 -14.62
C GLU E 22 -30.82 13.25 -14.86
N ILE E 23 -31.51 13.05 -15.98
CA ILE E 23 -32.00 11.73 -16.31
C ILE E 23 -30.86 10.73 -16.46
N ILE E 24 -29.79 11.10 -17.16
CA ILE E 24 -28.69 10.17 -17.36
C ILE E 24 -28.02 9.84 -16.01
N ALA E 25 -27.81 10.85 -15.17
CA ALA E 25 -27.16 10.62 -13.87
C ALA E 25 -27.99 9.61 -13.04
N ARG E 26 -29.32 9.77 -12.97
CA ARG E 26 -30.09 8.76 -12.22
C ARG E 26 -29.98 7.32 -12.71
N PHE E 27 -29.86 7.10 -14.02
CA PHE E 27 -29.65 5.76 -14.53
C PHE E 27 -28.23 5.27 -14.19
N GLU E 28 -27.26 6.19 -14.24
CA GLU E 28 -25.90 5.83 -13.92
C GLU E 28 -25.85 5.39 -12.48
N ARG E 29 -26.46 6.17 -11.60
CA ARG E 29 -26.28 5.88 -10.20
C ARG E 29 -27.06 4.67 -9.72
N LYS E 30 -28.12 4.32 -10.44
CA LYS E 30 -28.90 3.15 -10.20
C LYS E 30 -28.06 1.87 -10.48
N GLY E 31 -27.11 2.00 -11.41
CA GLY E 31 -26.10 0.97 -11.72
C GLY E 31 -26.20 0.37 -13.12
N TYR E 32 -26.99 1.03 -13.99
CA TYR E 32 -27.22 0.57 -15.35
C TYR E 32 -26.20 1.08 -16.35
N LYS E 33 -26.02 0.35 -17.46
CA LYS E 33 -24.94 0.63 -18.39
C LYS E 33 -25.43 1.34 -19.67
N LEU E 34 -24.90 2.54 -19.93
CA LEU E 34 -25.15 3.27 -21.15
C LEU E 34 -24.44 2.57 -22.28
N VAL E 35 -25.20 2.30 -23.33
CA VAL E 35 -24.71 1.47 -24.41
C VAL E 35 -24.97 2.11 -25.82
N ALA E 36 -25.89 3.06 -25.91
CA ALA E 36 -26.12 3.84 -27.15
C ALA E 36 -26.69 5.20 -26.78
N LEU E 37 -26.49 6.18 -27.65
CA LEU E 37 -26.72 7.55 -27.27
C LEU E 37 -26.68 8.48 -28.46
N LYS E 38 -27.72 9.29 -28.64
CA LYS E 38 -27.67 10.33 -29.67
C LYS E 38 -28.78 11.31 -29.57
N ILE E 39 -28.60 12.41 -30.28
CA ILE E 39 -29.56 13.49 -30.31
C ILE E 39 -29.99 13.68 -31.75
N LEU E 40 -31.29 13.70 -31.96
CA LEU E 40 -31.84 14.01 -33.28
C LEU E 40 -33.23 14.64 -33.19
N GLN E 41 -33.62 15.34 -34.25
CA GLN E 41 -34.99 15.76 -34.35
C GLN E 41 -35.73 14.67 -35.14
N PRO E 42 -36.77 14.07 -34.55
CA PRO E 42 -37.46 12.98 -35.26
C PRO E 42 -38.25 13.55 -36.40
N THR E 43 -38.23 12.88 -37.55
CA THR E 43 -39.23 13.18 -38.59
C THR E 43 -40.57 12.64 -38.09
N THR E 44 -41.66 13.11 -38.68
CA THR E 44 -42.97 12.63 -38.26
C THR E 44 -43.18 11.12 -38.53
N GLU E 45 -42.52 10.58 -39.56
CA GLU E 45 -42.57 9.14 -39.76
C GLU E 45 -41.72 8.39 -38.72
N GLN E 46 -40.61 8.96 -38.32
CA GLN E 46 -39.91 8.39 -37.18
C GLN E 46 -40.84 8.40 -35.97
N ALA E 47 -41.63 9.47 -35.83
CA ALA E 47 -42.62 9.58 -34.76
C ALA E 47 -43.70 8.49 -34.82
N GLN E 48 -44.34 8.35 -35.98
CA GLN E 48 -45.47 7.44 -36.13
C GLN E 48 -45.06 6.01 -35.84
N GLY E 49 -43.90 5.64 -36.35
CA GLY E 49 -43.33 4.31 -36.13
C GLY E 49 -42.93 4.03 -34.70
N HIS E 50 -42.45 5.07 -34.00
CA HIS E 50 -42.08 4.94 -32.58
C HIS E 50 -43.32 4.63 -31.74
N TYR E 51 -44.41 5.33 -32.03
CA TYR E 51 -45.64 5.22 -31.26
C TYR E 51 -46.68 4.26 -31.87
N LYS E 52 -46.22 3.28 -32.65
CA LYS E 52 -47.12 2.27 -33.26
C LYS E 52 -48.15 1.70 -32.30
N ASP E 53 -47.74 1.46 -31.05
CA ASP E 53 -48.60 0.87 -30.05
C ASP E 53 -49.79 1.78 -29.80
N LEU E 54 -49.59 3.08 -30.10
CA LEU E 54 -50.62 4.09 -29.86
C LEU E 54 -51.28 4.67 -31.11
N CYS E 55 -51.04 4.11 -32.29
CA CYS E 55 -51.64 4.65 -33.53
C CYS E 55 -53.16 4.78 -33.50
N SER E 56 -53.82 3.91 -32.75
CA SER E 56 -55.28 3.92 -32.66
C SER E 56 -55.87 4.84 -31.59
N LYS E 57 -55.02 5.56 -30.85
CA LYS E 57 -55.51 6.41 -29.75
C LYS E 57 -55.87 7.79 -30.24
N PRO E 58 -56.84 8.46 -29.59
CA PRO E 58 -57.22 9.82 -30.02
C PRO E 58 -56.08 10.86 -29.97
N PHE E 59 -55.20 10.78 -28.97
CA PHE E 59 -54.13 11.76 -28.78
C PHE E 59 -52.92 11.53 -29.71
N PHE E 60 -52.99 10.46 -30.50
CA PHE E 60 -51.85 10.04 -31.35
C PHE E 60 -51.27 11.11 -32.28
N PRO E 61 -52.11 11.90 -32.97
CA PRO E 61 -51.49 12.90 -33.83
C PRO E 61 -50.83 14.05 -33.04
N ALA E 62 -51.47 14.53 -31.97
CA ALA E 62 -50.88 15.57 -31.14
C ALA E 62 -49.54 15.11 -30.53
N LEU E 63 -49.47 13.82 -30.21
CA LEU E 63 -48.28 13.20 -29.70
C LEU E 63 -47.20 13.14 -30.80
N VAL E 64 -47.55 12.57 -31.95
CA VAL E 64 -46.67 12.58 -33.14
C VAL E 64 -46.23 13.99 -33.52
N LYS E 65 -47.14 14.96 -33.39
CA LYS E 65 -46.78 16.33 -33.68
C LYS E 65 -45.77 16.86 -32.67
N TYR E 66 -45.93 16.48 -31.40
CA TYR E 66 -45.01 17.06 -30.41
C TYR E 66 -43.65 16.38 -30.45
N PHE E 67 -43.68 15.07 -30.57
CA PHE E 67 -42.46 14.27 -30.60
C PHE E 67 -41.54 14.64 -31.77
N SER E 68 -42.11 15.17 -32.84
CA SER E 68 -41.33 15.47 -34.02
C SER E 68 -40.98 16.93 -34.10
N SER E 69 -41.23 17.68 -33.02
CA SER E 69 -41.12 19.15 -33.02
C SER E 69 -39.79 19.73 -32.56
N GLY E 70 -38.90 18.87 -32.10
CA GLY E 70 -37.56 19.29 -31.63
C GLY E 70 -36.63 18.12 -31.37
N PRO E 71 -35.38 18.40 -30.98
CA PRO E 71 -34.45 17.33 -30.71
C PRO E 71 -34.90 16.50 -29.54
N ILE E 72 -34.83 15.18 -29.67
CA ILE E 72 -34.90 14.24 -28.54
C ILE E 72 -33.53 13.60 -28.31
N VAL E 73 -33.36 12.98 -27.15
CA VAL E 73 -32.15 12.24 -26.93
C VAL E 73 -32.58 10.81 -26.73
N CYS E 74 -32.04 9.91 -27.55
CA CYS E 74 -32.31 8.47 -27.44
C CYS E 74 -31.15 7.82 -26.75
N MET E 75 -31.44 6.80 -25.94
CA MET E 75 -30.40 6.09 -25.20
C MET E 75 -30.74 4.62 -25.02
N VAL E 76 -29.74 3.76 -24.97
CA VAL E 76 -30.00 2.38 -24.64
C VAL E 76 -29.32 2.00 -23.32
N TRP E 77 -30.08 1.42 -22.39
CA TRP E 77 -29.53 1.00 -21.11
C TRP E 77 -29.56 -0.51 -20.94
N GLU E 78 -28.54 -1.07 -20.30
CA GLU E 78 -28.42 -2.51 -20.14
C GLU E 78 -28.25 -2.90 -18.70
N GLY E 79 -29.01 -3.92 -18.28
CA GLY E 79 -28.85 -4.52 -16.97
C GLY E 79 -29.98 -5.41 -16.49
N LYS E 80 -29.74 -6.16 -15.43
CA LYS E 80 -30.76 -7.00 -14.90
C LYS E 80 -31.90 -6.07 -14.61
N ASN E 81 -33.03 -6.36 -15.23
CA ASN E 81 -34.29 -5.67 -14.99
C ASN E 81 -34.40 -4.20 -15.46
N VAL E 82 -33.53 -3.71 -16.36
CA VAL E 82 -33.59 -2.27 -16.76
C VAL E 82 -34.96 -1.78 -17.17
N VAL E 83 -35.72 -2.63 -17.88
CA VAL E 83 -37.01 -2.24 -18.45
C VAL E 83 -38.03 -1.85 -17.39
N LYS E 84 -38.19 -2.73 -16.42
CA LYS E 84 -39.03 -2.51 -15.27
C LYS E 84 -38.49 -1.37 -14.40
N SER E 85 -37.21 -1.42 -13.98
CA SER E 85 -36.61 -0.34 -13.21
C SER E 85 -36.58 0.97 -13.93
N GLY E 86 -36.26 0.97 -15.22
CA GLY E 86 -36.33 2.19 -16.03
C GLY E 86 -37.68 2.85 -15.91
N ARG E 87 -38.72 2.04 -15.87
CA ARG E 87 -40.07 2.54 -15.77
C ARG E 87 -40.37 3.01 -14.34
N VAL E 88 -39.88 2.28 -13.36
CA VAL E 88 -39.95 2.73 -11.99
C VAL E 88 -39.24 4.08 -11.79
N LEU E 89 -38.00 4.21 -12.33
CA LEU E 89 -37.22 5.45 -12.26
C LEU E 89 -37.89 6.67 -12.88
N LEU E 90 -38.59 6.45 -13.99
CA LEU E 90 -39.32 7.49 -14.69
C LEU E 90 -40.65 7.86 -14.02
N GLY E 91 -41.23 6.95 -13.23
CA GLY E 91 -42.54 7.23 -12.59
C GLY E 91 -43.71 7.03 -13.53
N ALA E 92 -44.93 7.20 -13.02
CA ALA E 92 -46.12 6.94 -13.82
C ALA E 92 -46.10 7.79 -15.05
N THR E 93 -46.75 7.30 -16.10
CA THR E 93 -46.84 7.98 -17.39
C THR E 93 -47.57 9.30 -17.29
N ASN E 94 -48.75 9.28 -16.69
CA ASN E 94 -49.39 10.51 -16.28
C ASN E 94 -48.71 11.07 -15.02
N PRO E 95 -48.04 12.22 -15.15
CA PRO E 95 -47.32 12.80 -14.01
C PRO E 95 -48.20 12.92 -12.75
N ALA E 96 -49.46 13.31 -12.92
CA ALA E 96 -50.38 13.42 -11.79
C ALA E 96 -50.42 12.18 -10.89
N ASP E 97 -50.07 11.02 -11.45
CA ASP E 97 -49.99 9.78 -10.69
C ASP E 97 -48.59 9.48 -10.15
N SER E 98 -47.59 10.30 -10.49
CA SER E 98 -46.20 9.98 -10.10
C SER E 98 -45.70 10.58 -8.78
N GLN E 99 -45.01 9.73 -8.01
CA GLN E 99 -44.44 10.10 -6.73
C GLN E 99 -43.14 10.88 -6.89
N PRO E 100 -42.93 11.85 -6.01
CA PRO E 100 -41.67 12.58 -5.82
C PRO E 100 -40.54 11.61 -5.65
N GLY E 101 -39.40 11.89 -6.29
CA GLY E 101 -38.37 10.90 -6.37
C GLY E 101 -38.22 10.28 -7.75
N THR E 102 -39.23 10.38 -8.60
CA THR E 102 -39.19 9.88 -9.95
C THR E 102 -39.04 11.05 -10.90
N ILE E 103 -38.69 10.78 -12.14
CA ILE E 103 -38.46 11.86 -13.09
C ILE E 103 -39.72 12.75 -13.26
N ARG E 104 -40.87 12.11 -13.51
CA ARG E 104 -42.11 12.88 -13.69
C ARG E 104 -42.60 13.45 -12.39
N GLY E 105 -42.53 12.66 -11.32
CA GLY E 105 -42.84 13.15 -10.01
C GLY E 105 -42.07 14.41 -9.68
N ASP E 106 -40.74 14.43 -9.85
CA ASP E 106 -39.98 15.66 -9.61
C ASP E 106 -40.15 16.82 -10.63
N PHE E 107 -40.39 16.51 -11.90
CA PHE E 107 -40.23 17.48 -13.00
C PHE E 107 -41.44 17.73 -13.88
N ALA E 108 -42.44 16.85 -13.89
CA ALA E 108 -43.50 17.05 -14.86
C ALA E 108 -44.91 17.23 -14.30
N VAL E 109 -45.76 17.90 -15.05
CA VAL E 109 -47.10 18.18 -14.63
C VAL E 109 -48.18 17.59 -15.58
N ASP E 110 -47.98 17.67 -16.90
CA ASP E 110 -48.98 17.23 -17.87
C ASP E 110 -48.49 15.99 -18.61
N VAL E 111 -49.39 15.04 -18.85
CA VAL E 111 -49.02 13.87 -19.65
C VAL E 111 -48.60 14.22 -21.11
N GLY E 112 -48.99 15.38 -21.64
CA GLY E 112 -48.52 15.82 -22.94
C GLY E 112 -47.09 16.37 -22.89
N ARG E 113 -46.61 16.70 -21.69
CA ARG E 113 -45.25 17.20 -21.54
C ARG E 113 -44.58 16.45 -20.45
N ASN E 114 -44.50 15.15 -20.61
CA ASN E 114 -44.14 14.30 -19.54
C ASN E 114 -42.69 13.89 -19.60
N VAL E 115 -41.89 14.68 -20.32
CA VAL E 115 -40.45 14.74 -20.12
C VAL E 115 -39.64 13.65 -20.80
N CYS E 116 -40.02 12.40 -20.58
CA CYS E 116 -39.16 11.28 -20.98
CA CYS E 116 -39.17 11.28 -21.01
C CYS E 116 -39.99 10.06 -21.40
N HIS E 117 -39.36 9.12 -22.09
CA HIS E 117 -40.02 7.90 -22.47
C HIS E 117 -39.18 6.65 -22.17
N GLY E 118 -39.82 5.60 -21.70
CA GLY E 118 -39.20 4.28 -21.53
C GLY E 118 -40.06 3.10 -21.99
N SER E 119 -39.47 2.18 -22.74
CA SER E 119 -40.16 0.96 -23.20
C SER E 119 -40.99 0.29 -22.09
N ASP E 120 -42.18 -0.18 -22.44
CA ASP E 120 -43.10 -0.72 -21.44
C ASP E 120 -42.83 -2.20 -21.13
N SER E 121 -42.13 -2.86 -22.04
CA SER E 121 -41.74 -4.25 -21.86
C SER E 121 -40.41 -4.54 -22.54
N VAL E 122 -39.80 -5.66 -22.20
CA VAL E 122 -38.76 -6.19 -23.07
C VAL E 122 -39.54 -6.77 -24.24
N GLU E 123 -39.19 -6.39 -25.44
CA GLU E 123 -39.97 -6.79 -26.61
C GLU E 123 -40.30 -5.50 -27.33
N SER E 124 -41.10 -4.64 -26.69
CA SER E 124 -41.12 -3.22 -27.06
C SER E 124 -39.71 -2.63 -27.07
N ALA E 125 -38.92 -2.97 -26.05
CA ALA E 125 -37.55 -2.49 -25.93
C ALA E 125 -36.71 -2.96 -27.12
N GLU E 126 -36.69 -4.26 -27.38
CA GLU E 126 -36.02 -4.77 -28.57
C GLU E 126 -36.53 -4.00 -29.80
N ARG E 127 -37.82 -3.75 -29.89
CA ARG E 127 -38.36 -3.08 -31.06
C ARG E 127 -37.84 -1.63 -31.15
N GLU E 128 -37.88 -0.92 -30.04
CA GLU E 128 -37.55 0.49 -30.05
C GLU E 128 -36.04 0.69 -30.16
N ILE E 129 -35.27 -0.22 -29.57
CA ILE E 129 -33.83 -0.17 -29.78
C ILE E 129 -33.52 -0.38 -31.25
N ALA E 130 -34.14 -1.41 -31.83
CA ALA E 130 -33.94 -1.81 -33.24
C ALA E 130 -34.29 -0.70 -34.22
N PHE E 131 -35.34 0.05 -33.88
CA PHE E 131 -35.92 1.13 -34.68
C PHE E 131 -35.07 2.41 -34.75
N TRP E 132 -34.36 2.72 -33.68
CA TRP E 132 -33.67 3.98 -33.54
C TRP E 132 -32.15 3.84 -33.77
N PHE E 133 -31.62 2.67 -33.44
CA PHE E 133 -30.20 2.49 -33.53
C PHE E 133 -29.84 1.35 -34.44
N LYS E 134 -28.86 1.55 -35.30
CA LYS E 134 -28.23 0.45 -36.05
C LYS E 134 -27.42 -0.35 -35.08
N ALA E 135 -27.35 -1.66 -35.27
CA ALA E 135 -26.52 -2.50 -34.40
C ALA E 135 -25.04 -2.07 -34.31
N ASP E 136 -24.57 -1.30 -35.30
CA ASP E 136 -23.19 -0.76 -35.30
C ASP E 136 -23.07 0.40 -34.29
N GLU E 137 -24.23 0.89 -33.87
CA GLU E 137 -24.33 2.06 -33.02
C GLU E 137 -24.30 1.75 -31.53
N ILE E 138 -24.43 0.46 -31.17
CA ILE E 138 -24.51 -0.01 -29.79
C ILE E 138 -23.15 -0.54 -29.31
N ALA E 139 -22.50 0.17 -28.38
CA ALA E 139 -21.17 -0.21 -27.93
C ALA E 139 -21.29 -1.39 -27.01
N SER E 140 -20.21 -2.13 -26.83
CA SER E 140 -20.27 -3.33 -26.04
C SER E 140 -19.12 -3.20 -25.12
N TRP E 141 -19.38 -3.16 -23.82
CA TRP E 141 -18.29 -3.04 -22.87
C TRP E 141 -18.63 -3.60 -21.53
N THR E 142 -17.65 -3.64 -20.66
CA THR E 142 -17.85 -4.18 -19.34
C THR E 142 -17.58 -3.07 -18.32
N SER E 143 -18.58 -2.80 -17.49
CA SER E 143 -18.43 -1.91 -16.35
C SER E 143 -17.45 -2.54 -15.35
N HIS E 144 -16.45 -1.74 -14.91
CA HIS E 144 -15.52 -2.22 -13.86
C HIS E 144 -16.21 -2.48 -12.52
N SER E 145 -17.45 -2.00 -12.37
CA SER E 145 -18.20 -2.21 -11.13
C SER E 145 -19.29 -3.29 -11.21
N VAL E 146 -19.37 -3.99 -12.33
CA VAL E 146 -20.37 -5.04 -12.52
C VAL E 146 -20.55 -5.93 -11.27
N SER E 147 -19.48 -6.28 -10.57
CA SER E 147 -19.65 -7.19 -9.45
C SER E 147 -19.87 -6.48 -8.10
N GLN E 148 -19.84 -5.16 -8.11
CA GLN E 148 -20.34 -4.45 -6.95
C GLN E 148 -21.88 -4.26 -7.05
N ILE E 149 -22.42 -4.48 -8.25
CA ILE E 149 -23.82 -4.20 -8.53
C ILE E 149 -24.66 -5.44 -8.67
N TYR E 150 -24.13 -6.49 -9.27
CA TYR E 150 -24.92 -7.72 -9.43
C TYR E 150 -24.33 -8.90 -8.72
N GLU E 151 -25.19 -9.78 -8.22
CA GLU E 151 -24.73 -11.05 -7.65
C GLU E 151 -24.47 -12.06 -8.78
N SER F 2 -18.94 41.18 14.14
CA SER F 2 -19.29 42.26 13.17
C SER F 2 -20.77 42.18 12.67
N SER F 3 -21.08 42.94 11.62
CA SER F 3 -22.43 43.48 11.38
C SER F 3 -23.57 42.49 11.08
N GLU F 4 -24.27 42.65 9.95
CA GLU F 4 -24.03 43.55 8.80
C GLU F 4 -25.06 43.00 7.81
N ARG F 5 -25.52 43.80 6.86
CA ARG F 5 -26.58 43.31 6.01
C ARG F 5 -26.24 43.53 4.56
N THR F 6 -26.77 42.67 3.69
CA THR F 6 -26.57 42.84 2.27
C THR F 6 -27.87 42.62 1.55
N PHE F 7 -27.95 43.22 0.37
CA PHE F 7 -29.06 43.08 -0.50
C PHE F 7 -28.73 42.18 -1.68
N ILE F 8 -29.53 41.13 -1.88
CA ILE F 8 -29.40 40.27 -3.05
C ILE F 8 -30.70 40.27 -3.83
N ALA F 9 -30.61 40.39 -5.15
CA ALA F 9 -31.77 40.24 -6.02
C ALA F 9 -31.47 39.23 -7.12
N VAL F 10 -32.38 38.32 -7.33
CA VAL F 10 -32.34 37.41 -8.47
C VAL F 10 -33.08 38.23 -9.50
N LYS F 11 -32.52 38.36 -10.69
CA LYS F 11 -33.08 39.28 -11.71
C LYS F 11 -33.99 38.52 -12.68
N PRO F 12 -34.76 39.24 -13.51
CA PRO F 12 -35.73 38.54 -14.38
C PRO F 12 -35.21 37.28 -15.08
N ASP F 13 -33.98 37.26 -15.59
CA ASP F 13 -33.45 36.01 -16.15
C ASP F 13 -33.25 34.89 -15.11
N GLY F 14 -32.66 35.20 -13.97
CA GLY F 14 -32.66 34.28 -12.84
C GLY F 14 -34.03 33.75 -12.41
N VAL F 15 -35.03 34.62 -12.35
CA VAL F 15 -36.36 34.18 -11.98
C VAL F 15 -36.94 33.28 -13.11
N GLN F 16 -36.77 33.69 -14.37
CA GLN F 16 -37.32 32.85 -15.47
C GLN F 16 -36.66 31.47 -15.53
N ARG F 17 -35.43 31.34 -15.07
CA ARG F 17 -34.70 30.09 -15.28
C ARG F 17 -34.79 29.17 -14.05
N GLY F 18 -35.69 29.53 -13.13
CA GLY F 18 -35.94 28.76 -11.92
C GLY F 18 -34.69 28.56 -11.08
N LEU F 19 -33.99 29.68 -10.82
CA LEU F 19 -32.80 29.65 -10.02
C LEU F 19 -33.02 30.25 -8.66
N VAL F 20 -34.26 30.65 -8.34
CA VAL F 20 -34.49 31.35 -7.04
C VAL F 20 -34.05 30.52 -5.83
N GLY F 21 -34.55 29.29 -5.72
CA GLY F 21 -34.20 28.38 -4.63
C GLY F 21 -32.72 28.00 -4.57
N GLU F 22 -32.13 27.76 -5.72
CA GLU F 22 -30.72 27.45 -5.77
C GLU F 22 -29.91 28.57 -5.08
N ILE F 23 -30.18 29.82 -5.44
CA ILE F 23 -29.48 30.93 -4.82
C ILE F 23 -29.76 31.01 -3.29
N ILE F 24 -31.01 30.88 -2.88
CA ILE F 24 -31.32 30.96 -1.48
C ILE F 24 -30.56 29.86 -0.72
N ALA F 25 -30.64 28.62 -1.20
CA ALA F 25 -29.95 27.50 -0.53
C ALA F 25 -28.44 27.83 -0.33
N ARG F 26 -27.82 28.47 -1.34
CA ARG F 26 -26.40 28.80 -1.22
C ARG F 26 -26.08 29.75 -0.05
N PHE F 27 -26.90 30.76 0.13
CA PHE F 27 -26.72 31.64 1.28
C PHE F 27 -27.07 30.91 2.57
N GLU F 28 -28.02 29.98 2.52
CA GLU F 28 -28.33 29.17 3.72
C GLU F 28 -27.16 28.30 4.12
N ARG F 29 -26.63 27.53 3.19
CA ARG F 29 -25.57 26.57 3.50
C ARG F 29 -24.36 27.33 4.02
N LYS F 30 -24.22 28.57 3.56
CA LYS F 30 -23.10 29.38 3.97
C LYS F 30 -23.21 29.76 5.47
N GLY F 31 -24.44 29.83 5.99
CA GLY F 31 -24.66 30.16 7.38
C GLY F 31 -25.35 31.50 7.59
N TYR F 32 -25.74 32.17 6.51
CA TYR F 32 -26.33 33.47 6.67
C TYR F 32 -27.82 33.41 6.94
N LYS F 33 -28.32 34.56 7.37
CA LYS F 33 -29.62 34.69 7.93
C LYS F 33 -30.56 35.49 7.01
N LEU F 34 -31.67 34.87 6.61
CA LEU F 34 -32.66 35.57 5.81
C LEU F 34 -33.46 36.51 6.70
N VAL F 35 -33.62 37.73 6.23
CA VAL F 35 -34.22 38.73 7.04
C VAL F 35 -35.31 39.46 6.24
N ALA F 36 -35.30 39.37 4.91
CA ALA F 36 -36.37 39.98 4.11
C ALA F 36 -36.41 39.34 2.76
N LEU F 37 -37.59 39.32 2.16
CA LEU F 37 -37.81 38.56 0.94
C LEU F 37 -39.04 39.03 0.17
N LYS F 38 -38.88 39.40 -1.08
CA LYS F 38 -40.08 39.63 -1.89
C LYS F 38 -39.93 39.39 -3.38
N ILE F 39 -41.05 39.21 -4.05
CA ILE F 39 -41.12 39.04 -5.48
C ILE F 39 -41.93 40.21 -6.10
N LEU F 40 -41.29 40.99 -6.96
CA LEU F 40 -42.00 42.10 -7.60
C LEU F 40 -41.45 42.39 -8.98
N GLN F 41 -42.33 42.80 -9.88
CA GLN F 41 -41.85 43.40 -11.12
C GLN F 41 -41.48 44.85 -10.87
N PRO F 42 -40.21 45.21 -11.02
CA PRO F 42 -39.82 46.61 -10.85
C PRO F 42 -40.46 47.50 -11.92
N THR F 43 -40.93 48.68 -11.52
CA THR F 43 -41.34 49.69 -12.50
C THR F 43 -40.09 50.27 -13.07
N THR F 44 -40.18 50.83 -14.27
CA THR F 44 -39.02 51.45 -14.88
C THR F 44 -38.32 52.48 -14.00
N GLU F 45 -39.07 53.13 -13.12
CA GLU F 45 -38.50 54.18 -12.23
C GLU F 45 -37.73 53.58 -11.09
N GLN F 46 -38.27 52.51 -10.51
CA GLN F 46 -37.49 51.70 -9.56
C GLN F 46 -36.17 51.24 -10.17
N ALA F 47 -36.24 50.65 -11.38
CA ALA F 47 -35.03 50.16 -12.02
C ALA F 47 -33.94 51.24 -12.04
N GLN F 48 -34.33 52.44 -12.46
CA GLN F 48 -33.44 53.62 -12.60
C GLN F 48 -32.93 54.09 -11.25
N GLY F 49 -33.81 54.10 -10.26
CA GLY F 49 -33.38 54.45 -8.89
C GLY F 49 -32.26 53.55 -8.41
N HIS F 50 -32.42 52.25 -8.67
CA HIS F 50 -31.48 51.24 -8.21
C HIS F 50 -30.19 51.26 -9.05
N TYR F 51 -30.31 51.49 -10.35
CA TYR F 51 -29.13 51.59 -11.20
C TYR F 51 -28.61 53.03 -11.37
N LYS F 52 -29.24 53.97 -10.65
CA LYS F 52 -28.82 55.37 -10.47
C LYS F 52 -27.34 55.74 -10.60
N ASP F 53 -26.47 55.08 -9.82
CA ASP F 53 -25.02 55.35 -9.89
C ASP F 53 -24.45 55.34 -11.31
N LEU F 54 -25.19 54.76 -12.26
CA LEU F 54 -24.69 54.57 -13.63
C LEU F 54 -25.71 54.91 -14.72
N CYS F 55 -26.46 55.97 -14.48
CA CYS F 55 -27.33 56.56 -15.50
C CYS F 55 -26.57 56.95 -16.76
N SER F 56 -25.30 57.36 -16.60
CA SER F 56 -24.43 57.79 -17.73
C SER F 56 -23.61 56.67 -18.36
N LYS F 57 -24.22 55.50 -18.52
CA LYS F 57 -23.57 54.38 -19.15
C LYS F 57 -24.25 54.12 -20.47
N PRO F 58 -23.47 53.77 -21.50
CA PRO F 58 -24.15 53.37 -22.72
C PRO F 58 -25.11 52.20 -22.50
N PHE F 59 -24.79 51.28 -21.60
CA PHE F 59 -25.66 50.11 -21.41
C PHE F 59 -26.93 50.38 -20.59
N PHE F 60 -26.91 51.47 -19.81
CA PHE F 60 -27.98 51.81 -18.86
C PHE F 60 -29.41 51.72 -19.36
N PRO F 61 -29.70 52.21 -20.58
CA PRO F 61 -31.12 52.11 -20.95
C PRO F 61 -31.60 50.70 -21.17
N ALA F 62 -30.69 49.80 -21.51
CA ALA F 62 -31.07 48.41 -21.77
C ALA F 62 -31.18 47.62 -20.48
N LEU F 63 -30.25 47.88 -19.55
CA LEU F 63 -30.33 47.42 -18.19
C LEU F 63 -31.72 47.72 -17.62
N VAL F 64 -32.04 49.01 -17.63
CA VAL F 64 -33.28 49.52 -17.09
C VAL F 64 -34.45 48.81 -17.72
N LYS F 65 -34.52 48.84 -19.04
CA LYS F 65 -35.50 48.06 -19.74
C LYS F 65 -35.42 46.60 -19.27
N TYR F 66 -34.24 46.00 -19.19
CA TYR F 66 -34.20 44.58 -18.80
C TYR F 66 -34.73 44.32 -17.41
N PHE F 67 -34.20 45.08 -16.48
CA PHE F 67 -34.44 44.88 -15.06
C PHE F 67 -35.91 45.02 -14.72
N SER F 68 -36.71 45.61 -15.59
CA SER F 68 -38.13 45.88 -15.23
C SER F 68 -39.11 45.15 -16.14
N SER F 69 -38.56 44.26 -16.96
CA SER F 69 -39.32 43.48 -17.91
C SER F 69 -40.07 42.26 -17.29
N GLY F 70 -39.77 41.96 -16.03
CA GLY F 70 -40.43 40.87 -15.32
C GLY F 70 -40.07 40.86 -13.84
N PRO F 71 -40.62 39.92 -13.06
CA PRO F 71 -40.36 39.88 -11.62
C PRO F 71 -38.93 39.52 -11.21
N ILE F 72 -38.43 40.24 -10.21
CA ILE F 72 -37.20 39.91 -9.55
C ILE F 72 -37.56 39.42 -8.17
N VAL F 73 -36.61 38.74 -7.52
CA VAL F 73 -36.73 38.33 -6.12
C VAL F 73 -35.71 39.13 -5.31
N CYS F 74 -36.17 39.96 -4.38
CA CYS F 74 -35.21 40.73 -3.59
C CYS F 74 -35.01 40.07 -2.29
N MET F 75 -33.79 40.14 -1.77
CA MET F 75 -33.52 39.54 -0.43
C MET F 75 -32.64 40.44 0.44
N VAL F 76 -32.74 40.27 1.76
CA VAL F 76 -31.75 40.81 2.69
C VAL F 76 -31.14 39.69 3.52
N TRP F 77 -29.79 39.65 3.56
CA TRP F 77 -29.08 38.68 4.37
C TRP F 77 -28.23 39.37 5.43
N GLU F 78 -28.05 38.74 6.58
CA GLU F 78 -27.37 39.34 7.70
C GLU F 78 -26.27 38.42 8.22
N GLY F 79 -25.11 38.99 8.56
CA GLY F 79 -24.02 38.25 9.19
C GLY F 79 -22.62 38.78 8.97
N LYS F 80 -21.68 38.23 9.73
CA LYS F 80 -20.33 38.70 9.67
C LYS F 80 -19.87 38.55 8.23
N ASN F 81 -19.52 39.70 7.67
CA ASN F 81 -18.92 39.84 6.38
C ASN F 81 -19.78 39.35 5.22
N VAL F 82 -21.11 39.44 5.39
CA VAL F 82 -22.01 39.05 4.28
C VAL F 82 -21.85 39.86 3.04
N VAL F 83 -21.47 41.12 3.16
CA VAL F 83 -21.37 41.92 1.96
C VAL F 83 -20.30 41.32 1.04
N LYS F 84 -19.05 41.33 1.50
CA LYS F 84 -17.99 40.73 0.73
C LYS F 84 -18.24 39.25 0.44
N SER F 85 -18.55 38.47 1.46
CA SER F 85 -18.72 37.06 1.23
C SER F 85 -19.92 36.80 0.30
N GLY F 86 -20.90 37.69 0.28
CA GLY F 86 -22.00 37.58 -0.68
C GLY F 86 -21.59 37.77 -2.15
N ARG F 87 -20.59 38.61 -2.38
CA ARG F 87 -20.15 38.90 -3.74
C ARG F 87 -19.32 37.74 -4.20
N VAL F 88 -18.57 37.16 -3.28
CA VAL F 88 -17.84 35.96 -3.57
C VAL F 88 -18.73 34.78 -4.06
N LEU F 89 -19.84 34.48 -3.35
CA LEU F 89 -20.83 33.46 -3.78
C LEU F 89 -21.42 33.73 -5.15
N LEU F 90 -21.63 35.01 -5.47
CA LEU F 90 -22.21 35.32 -6.77
C LEU F 90 -21.19 35.17 -7.89
N GLY F 91 -19.94 35.43 -7.60
CA GLY F 91 -18.90 35.41 -8.63
C GLY F 91 -18.80 36.78 -9.29
N ALA F 92 -17.78 36.96 -10.10
CA ALA F 92 -17.50 38.22 -10.76
C ALA F 92 -18.70 38.73 -11.58
N THR F 93 -18.84 40.04 -11.74
CA THR F 93 -19.95 40.61 -12.51
C THR F 93 -20.13 40.09 -13.95
N ASN F 94 -19.05 40.07 -14.72
CA ASN F 94 -19.03 39.44 -16.04
C ASN F 94 -18.88 37.93 -15.88
N PRO F 95 -19.85 37.14 -16.36
CA PRO F 95 -19.79 35.70 -16.14
C PRO F 95 -18.59 35.04 -16.81
N ALA F 96 -17.91 35.75 -17.70
CA ALA F 96 -16.71 35.18 -18.33
C ALA F 96 -15.51 35.15 -17.37
N ASP F 97 -15.54 35.98 -16.33
CA ASP F 97 -14.46 35.98 -15.36
C ASP F 97 -14.79 35.15 -14.09
N SER F 98 -15.85 34.37 -14.18
CA SER F 98 -16.47 33.78 -13.00
C SER F 98 -15.94 32.41 -12.85
N GLN F 99 -15.53 32.06 -11.63
CA GLN F 99 -15.16 30.66 -11.35
C GLN F 99 -16.38 29.76 -11.16
N PRO F 100 -16.34 28.52 -11.68
CA PRO F 100 -17.36 27.50 -11.32
C PRO F 100 -17.45 27.34 -9.80
N GLY F 101 -18.65 27.14 -9.27
CA GLY F 101 -18.88 27.13 -7.83
C GLY F 101 -19.57 28.41 -7.38
N THR F 102 -19.35 29.51 -8.10
CA THR F 102 -20.09 30.69 -7.86
C THR F 102 -21.37 30.62 -8.65
N ILE F 103 -22.37 31.43 -8.25
CA ILE F 103 -23.67 31.49 -8.94
C ILE F 103 -23.47 31.79 -10.40
N ARG F 104 -22.78 32.88 -10.72
CA ARG F 104 -22.62 33.23 -12.15
C ARG F 104 -21.70 32.22 -12.87
N GLY F 105 -20.75 31.68 -12.12
CA GLY F 105 -19.82 30.70 -12.69
C GLY F 105 -20.57 29.49 -13.18
N ASP F 106 -21.49 29.00 -12.35
CA ASP F 106 -22.30 27.87 -12.66
C ASP F 106 -23.43 28.20 -13.61
N PHE F 107 -24.04 29.39 -13.59
CA PHE F 107 -25.28 29.56 -14.36
C PHE F 107 -25.37 30.59 -15.48
N ALA F 108 -24.36 31.45 -15.60
CA ALA F 108 -24.52 32.60 -16.54
C ALA F 108 -23.47 32.61 -17.64
N VAL F 109 -23.79 33.31 -18.72
CA VAL F 109 -22.86 33.54 -19.80
C VAL F 109 -22.68 35.05 -20.09
N ASP F 110 -23.78 35.78 -20.11
CA ASP F 110 -23.75 37.13 -20.64
C ASP F 110 -23.86 38.10 -19.47
N VAL F 111 -22.88 39.01 -19.33
CA VAL F 111 -23.11 40.17 -18.46
C VAL F 111 -24.43 40.69 -19.02
N GLY F 112 -25.30 41.22 -18.20
CA GLY F 112 -26.53 41.57 -18.90
C GLY F 112 -27.55 40.46 -18.85
N ARG F 113 -27.11 39.20 -18.73
CA ARG F 113 -28.00 38.13 -18.34
C ARG F 113 -27.32 37.36 -17.23
N ASN F 114 -26.99 38.11 -16.18
CA ASN F 114 -26.05 37.65 -15.17
C ASN F 114 -26.68 37.23 -13.86
N VAL F 115 -27.95 36.86 -13.99
CA VAL F 115 -28.72 36.07 -13.03
C VAL F 115 -29.07 36.73 -11.73
N CYS F 116 -28.15 37.47 -11.13
CA CYS F 116 -28.40 37.97 -9.79
CA CYS F 116 -28.36 37.92 -9.77
C CYS F 116 -27.52 39.16 -9.50
N HIS F 117 -27.93 39.98 -8.53
CA HIS F 117 -27.13 41.13 -8.14
C HIS F 117 -26.82 41.10 -6.66
N GLY F 118 -25.60 41.50 -6.29
CA GLY F 118 -25.24 41.71 -4.88
C GLY F 118 -24.72 43.14 -4.64
N SER F 119 -25.04 43.69 -3.48
CA SER F 119 -24.44 44.94 -3.03
C SER F 119 -22.92 44.92 -3.13
N ASP F 120 -22.33 45.94 -3.76
CA ASP F 120 -20.87 46.05 -3.84
C ASP F 120 -20.13 46.48 -2.55
N SER F 121 -20.86 47.02 -1.57
CA SER F 121 -20.23 47.43 -0.30
C SER F 121 -21.26 47.72 0.77
N VAL F 122 -20.79 48.09 1.95
CA VAL F 122 -21.70 48.33 3.06
C VAL F 122 -22.61 49.50 2.73
N GLU F 123 -22.02 50.69 2.54
CA GLU F 123 -22.75 51.85 2.04
C GLU F 123 -23.79 51.49 0.98
N SER F 124 -23.38 50.87 -0.13
CA SER F 124 -24.34 50.42 -1.16
C SER F 124 -25.45 49.54 -0.64
N ALA F 125 -25.17 48.71 0.37
CA ALA F 125 -26.21 47.81 0.90
C ALA F 125 -27.28 48.54 1.72
N GLU F 126 -26.89 49.56 2.47
CA GLU F 126 -27.88 50.36 3.19
C GLU F 126 -28.69 51.17 2.18
N ARG F 127 -28.10 51.53 1.06
CA ARG F 127 -28.83 52.26 0.07
C ARG F 127 -29.81 51.35 -0.61
N GLU F 128 -29.41 50.13 -0.93
CA GLU F 128 -30.28 49.25 -1.68
C GLU F 128 -31.43 48.72 -0.79
N ILE F 129 -31.11 48.37 0.46
CA ILE F 129 -32.10 47.89 1.43
C ILE F 129 -33.11 48.98 1.83
N ALA F 130 -32.64 50.23 2.01
CA ALA F 130 -33.57 51.39 2.16
C ALA F 130 -34.42 51.56 0.92
N PHE F 131 -33.83 51.41 -0.25
CA PHE F 131 -34.62 51.53 -1.47
C PHE F 131 -35.71 50.46 -1.59
N TRP F 132 -35.37 49.20 -1.41
CA TRP F 132 -36.30 48.18 -1.82
C TRP F 132 -37.22 47.72 -0.71
N PHE F 133 -36.80 47.92 0.54
CA PHE F 133 -37.55 47.34 1.64
C PHE F 133 -38.11 48.35 2.63
N LYS F 134 -39.36 48.14 3.03
CA LYS F 134 -39.92 48.72 4.23
C LYS F 134 -39.13 48.20 5.43
N ALA F 135 -38.54 49.11 6.19
CA ALA F 135 -37.73 48.76 7.35
C ALA F 135 -38.52 48.13 8.52
N ASP F 136 -39.85 48.30 8.47
CA ASP F 136 -40.80 47.78 9.47
C ASP F 136 -41.47 46.58 8.75
N GLU F 137 -40.63 45.66 8.29
CA GLU F 137 -41.02 44.47 7.50
C GLU F 137 -39.71 43.70 7.22
N ILE F 138 -38.72 43.98 8.07
CA ILE F 138 -37.49 43.25 8.07
C ILE F 138 -37.56 42.41 9.36
N ALA F 139 -37.65 41.08 9.23
CA ALA F 139 -37.65 40.19 10.40
C ALA F 139 -36.41 40.38 11.26
N SER F 140 -36.55 40.28 12.56
CA SER F 140 -35.41 40.24 13.43
C SER F 140 -35.61 38.98 14.24
N TRP F 141 -34.73 38.02 14.06
CA TRP F 141 -34.80 36.79 14.77
C TRP F 141 -33.42 36.31 14.98
N THR F 142 -33.28 35.29 15.84
CA THR F 142 -32.00 34.73 16.12
C THR F 142 -31.97 33.31 15.65
N SER F 143 -30.98 32.98 14.84
CA SER F 143 -30.77 31.62 14.37
C SER F 143 -30.48 30.73 15.55
N HIS F 144 -31.11 29.58 15.61
CA HIS F 144 -30.78 28.66 16.70
C HIS F 144 -29.31 28.21 16.58
N SER F 145 -28.70 28.35 15.40
CA SER F 145 -27.26 27.98 15.20
C SER F 145 -26.16 29.09 15.31
N VAL F 146 -26.48 30.32 15.68
CA VAL F 146 -25.36 31.31 15.79
C VAL F 146 -24.06 30.79 16.40
N SER F 147 -24.10 30.13 17.56
CA SER F 147 -22.83 29.78 18.17
C SER F 147 -22.11 28.67 17.46
N GLN F 148 -22.79 28.04 16.48
CA GLN F 148 -22.13 27.10 15.55
C GLN F 148 -21.44 27.80 14.38
N ILE F 149 -21.89 29.00 14.04
CA ILE F 149 -21.37 29.71 12.89
C ILE F 149 -20.35 30.76 13.26
N TYR F 150 -20.45 31.30 14.46
CA TYR F 150 -19.54 32.35 14.91
C TYR F 150 -18.94 32.09 16.26
N GLU F 151 -17.70 32.55 16.42
CA GLU F 151 -16.95 32.41 17.65
C GLU F 151 -17.43 33.53 18.54
N SER G 3 18.87 -47.30 4.76
CA SER G 3 17.81 -47.66 5.76
C SER G 3 16.54 -46.86 5.53
N GLU G 4 15.66 -46.83 6.53
CA GLU G 4 14.42 -46.05 6.39
C GLU G 4 14.77 -44.60 6.15
N ARG G 5 14.05 -44.02 5.20
CA ARG G 5 14.24 -42.64 4.83
C ARG G 5 12.93 -41.86 4.92
N THR G 6 13.01 -40.56 5.11
CA THR G 6 11.81 -39.74 5.15
C THR G 6 12.01 -38.48 4.34
N PHE G 7 10.92 -37.88 3.90
CA PHE G 7 11.02 -36.57 3.26
C PHE G 7 10.50 -35.47 4.17
N ILE G 8 11.36 -34.48 4.42
CA ILE G 8 11.03 -33.34 5.24
C ILE G 8 11.13 -32.02 4.44
N ALA G 9 10.00 -31.31 4.32
CA ALA G 9 9.95 -30.02 3.64
C ALA G 9 9.63 -28.84 4.57
N VAL G 10 10.59 -27.91 4.67
CA VAL G 10 10.27 -26.62 5.26
C VAL G 10 9.49 -25.80 4.23
N LYS G 11 8.24 -25.48 4.55
CA LYS G 11 7.33 -24.79 3.61
C LYS G 11 7.61 -23.29 3.45
N PRO G 12 6.98 -22.64 2.44
CA PRO G 12 7.32 -21.24 2.28
C PRO G 12 7.28 -20.44 3.56
N ASP G 13 6.30 -20.66 4.43
CA ASP G 13 6.25 -19.90 5.69
C ASP G 13 7.44 -20.19 6.61
N GLY G 14 7.84 -21.45 6.65
CA GLY G 14 9.01 -21.85 7.39
C GLY G 14 10.21 -21.07 6.92
N VAL G 15 10.42 -21.04 5.61
CA VAL G 15 11.61 -20.43 5.02
C VAL G 15 11.55 -18.93 5.27
N GLN G 16 10.35 -18.39 5.11
CA GLN G 16 10.15 -16.94 5.33
C GLN G 16 10.41 -16.51 6.77
N ARG G 17 10.14 -17.39 7.73
CA ARG G 17 10.35 -17.09 9.18
C ARG G 17 11.72 -17.52 9.70
N GLY G 18 12.58 -18.00 8.81
CA GLY G 18 13.95 -18.30 9.17
C GLY G 18 14.12 -19.46 10.12
N LEU G 19 13.27 -20.48 9.95
CA LEU G 19 13.26 -21.67 10.79
C LEU G 19 14.02 -22.88 10.21
N VAL G 20 14.67 -22.72 9.06
CA VAL G 20 15.28 -23.87 8.34
C VAL G 20 16.36 -24.54 9.20
N GLY G 21 17.22 -23.73 9.79
CA GLY G 21 18.31 -24.22 10.65
C GLY G 21 17.86 -24.87 11.91
N GLU G 22 16.90 -24.26 12.59
CA GLU G 22 16.24 -24.80 13.77
C GLU G 22 15.71 -26.22 13.50
N ILE G 23 14.92 -26.35 12.45
CA ILE G 23 14.41 -27.64 12.01
C ILE G 23 15.54 -28.65 11.71
N ILE G 24 16.55 -28.24 10.91
CA ILE G 24 17.70 -29.10 10.62
C ILE G 24 18.38 -29.56 11.93
N ALA G 25 18.68 -28.63 12.84
CA ALA G 25 19.27 -28.96 14.13
C ALA G 25 18.47 -30.01 14.94
N ARG G 26 17.14 -29.89 14.97
CA ARG G 26 16.34 -30.89 15.71
C ARG G 26 16.48 -32.33 15.18
N PHE G 27 16.43 -32.48 13.87
CA PHE G 27 16.74 -33.76 13.24
C PHE G 27 18.16 -34.23 13.47
N GLU G 28 19.14 -33.30 13.50
CA GLU G 28 20.53 -33.68 13.77
C GLU G 28 20.79 -34.14 15.19
N ARG G 29 20.22 -33.43 16.15
CA ARG G 29 20.44 -33.81 17.54
C ARG G 29 19.74 -35.13 17.88
N LYS G 30 18.68 -35.46 17.17
CA LYS G 30 17.96 -36.68 17.39
C LYS G 30 18.76 -37.91 16.95
N GLY G 31 19.82 -37.71 16.17
CA GLY G 31 20.68 -38.79 15.72
C GLY G 31 20.54 -39.14 14.25
N TYR G 32 19.77 -38.38 13.50
CA TYR G 32 19.47 -38.77 12.13
C TYR G 32 20.46 -38.20 11.16
N LYS G 33 20.59 -38.85 9.99
CA LYS G 33 21.65 -38.54 9.04
C LYS G 33 21.13 -37.72 7.88
N LEU G 34 21.64 -36.50 7.71
CA LEU G 34 21.23 -35.68 6.55
C LEU G 34 21.77 -36.37 5.31
N VAL G 35 20.93 -36.53 4.30
CA VAL G 35 21.32 -37.29 3.14
C VAL G 35 20.98 -36.59 1.81
N ALA G 36 20.14 -35.55 1.87
CA ALA G 36 19.81 -34.78 0.67
C ALA G 36 19.18 -33.45 1.01
N LEU G 37 19.51 -32.43 0.22
CA LEU G 37 19.21 -31.05 0.57
C LEU G 37 19.04 -30.23 -0.68
N LYS G 38 18.01 -29.42 -0.72
CA LYS G 38 17.78 -28.57 -1.87
C LYS G 38 16.86 -27.44 -1.41
N ILE G 39 17.09 -26.22 -1.92
CA ILE G 39 16.12 -25.12 -1.81
C ILE G 39 15.63 -24.64 -3.19
N LEU G 40 14.32 -24.66 -3.38
CA LEU G 40 13.69 -24.29 -4.65
C LEU G 40 12.23 -23.89 -4.48
N GLN G 41 11.76 -23.01 -5.35
CA GLN G 41 10.34 -22.66 -5.38
C GLN G 41 9.61 -23.66 -6.28
N PRO G 42 8.83 -24.57 -5.68
CA PRO G 42 8.12 -25.58 -6.48
C PRO G 42 7.24 -25.00 -7.60
N THR G 43 7.16 -25.73 -8.72
CA THR G 43 6.16 -25.37 -9.72
C THR G 43 4.82 -25.86 -9.21
N THR G 44 3.77 -25.20 -9.68
CA THR G 44 2.43 -25.58 -9.29
C THR G 44 2.27 -27.09 -9.47
N GLU G 45 2.82 -27.60 -10.57
CA GLU G 45 2.70 -29.00 -10.93
C GLU G 45 3.46 -29.87 -9.96
N GLN G 46 4.68 -29.44 -9.61
CA GLN G 46 5.48 -30.09 -8.57
C GLN G 46 4.70 -30.13 -7.25
N ALA G 47 3.96 -29.05 -6.98
CA ALA G 47 3.08 -29.00 -5.81
C ALA G 47 2.05 -30.11 -5.92
N GLN G 48 1.27 -30.08 -7.00
CA GLN G 48 0.29 -31.12 -7.34
C GLN G 48 0.88 -32.52 -7.18
N GLY G 49 2.00 -32.76 -7.85
CA GLY G 49 2.72 -34.01 -7.73
C GLY G 49 2.98 -34.37 -6.28
N HIS G 50 3.48 -33.40 -5.52
CA HIS G 50 3.84 -33.62 -4.11
C HIS G 50 2.60 -33.91 -3.25
N TYR G 51 1.47 -33.30 -3.60
CA TYR G 51 0.26 -33.44 -2.81
C TYR G 51 -0.79 -34.42 -3.40
N LYS G 52 -0.29 -35.47 -4.04
CA LYS G 52 -1.10 -36.44 -4.76
C LYS G 52 -2.11 -37.14 -3.86
N ASP G 53 -1.62 -37.72 -2.76
CA ASP G 53 -2.47 -38.43 -1.79
C ASP G 53 -3.55 -37.54 -1.15
N LEU G 54 -3.52 -36.24 -1.48
CA LEU G 54 -4.51 -35.25 -1.01
C LEU G 54 -5.31 -34.65 -2.15
N CYS G 55 -5.17 -35.23 -3.35
CA CYS G 55 -5.88 -34.77 -4.56
C CYS G 55 -7.41 -34.72 -4.38
N SER G 56 -7.95 -35.73 -3.70
CA SER G 56 -9.38 -35.80 -3.42
C SER G 56 -9.95 -34.68 -2.52
N LYS G 57 -9.07 -33.89 -1.90
CA LYS G 57 -9.45 -32.89 -0.89
C LYS G 57 -9.80 -31.51 -1.48
N PRO G 58 -10.50 -30.66 -0.70
CA PRO G 58 -10.97 -29.36 -1.19
C PRO G 58 -10.08 -28.16 -0.89
N PHE G 59 -9.13 -28.32 0.04
CA PHE G 59 -8.17 -27.25 0.35
C PHE G 59 -6.95 -27.41 -0.54
N PHE G 60 -6.94 -28.52 -1.28
CA PHE G 60 -5.86 -28.87 -2.21
C PHE G 60 -5.39 -27.74 -3.16
N PRO G 61 -6.33 -27.02 -3.80
CA PRO G 61 -5.96 -26.07 -4.88
C PRO G 61 -5.06 -24.81 -4.67
N ALA G 62 -5.38 -23.77 -3.87
CA ALA G 62 -6.04 -23.71 -2.55
C ALA G 62 -5.05 -24.10 -1.42
N LEU G 63 -3.91 -24.67 -1.83
CA LEU G 63 -2.84 -25.17 -0.99
C LEU G 63 -1.63 -25.38 -1.90
N VAL G 64 -1.89 -25.95 -3.07
CA VAL G 64 -0.90 -26.05 -4.13
C VAL G 64 -0.36 -24.67 -4.49
N LYS G 65 -1.21 -23.65 -4.35
CA LYS G 65 -0.82 -22.28 -4.66
C LYS G 65 0.15 -21.80 -3.62
N TYR G 66 -0.14 -22.07 -2.35
CA TYR G 66 0.72 -21.62 -1.27
C TYR G 66 2.08 -22.28 -1.33
N PHE G 67 2.07 -23.60 -1.48
CA PHE G 67 3.28 -24.41 -1.57
C PHE G 67 4.20 -23.97 -2.72
N SER G 68 3.60 -23.47 -3.79
CA SER G 68 4.35 -23.05 -4.95
C SER G 68 4.56 -21.54 -5.00
N SER G 69 4.44 -20.87 -3.84
CA SER G 69 4.44 -19.42 -3.77
C SER G 69 5.77 -18.83 -3.29
N GLY G 70 6.74 -19.70 -3.02
CA GLY G 70 8.06 -19.29 -2.59
C GLY G 70 9.03 -20.45 -2.43
N PRO G 71 10.28 -20.17 -2.07
CA PRO G 71 11.13 -21.34 -1.89
C PRO G 71 10.67 -22.21 -0.73
N ILE G 72 10.84 -23.52 -0.90
CA ILE G 72 10.83 -24.48 0.18
C ILE G 72 12.25 -25.01 0.26
N VAL G 73 12.55 -25.70 1.36
CA VAL G 73 13.77 -26.48 1.49
C VAL G 73 13.40 -27.97 1.55
N CYS G 74 13.90 -28.77 0.60
CA CYS G 74 13.63 -30.22 0.56
C CYS G 74 14.74 -30.92 1.30
N MET G 75 14.43 -32.02 1.98
CA MET G 75 15.48 -32.81 2.63
C MET G 75 15.14 -34.28 2.68
N VAL G 76 16.16 -35.12 2.69
CA VAL G 76 15.93 -36.50 3.07
C VAL G 76 16.77 -36.80 4.30
N TRP G 77 16.18 -37.50 5.26
CA TRP G 77 16.88 -37.96 6.47
C TRP G 77 16.72 -39.46 6.57
N GLU G 78 17.75 -40.10 7.13
CA GLU G 78 17.82 -41.55 7.17
C GLU G 78 18.11 -42.07 8.54
N GLY G 79 17.39 -43.11 8.95
CA GLY G 79 17.69 -43.79 10.21
C GLY G 79 16.55 -44.70 10.65
N LYS G 80 16.81 -45.54 11.65
CA LYS G 80 15.73 -46.35 12.24
C LYS G 80 14.53 -45.46 12.65
N ASN G 81 13.35 -45.85 12.17
CA ASN G 81 12.10 -45.17 12.46
C ASN G 81 12.00 -43.69 12.09
N VAL G 82 12.81 -43.19 11.15
CA VAL G 82 12.76 -41.75 10.86
C VAL G 82 11.40 -41.28 10.56
N VAL G 83 10.66 -42.05 9.78
CA VAL G 83 9.35 -41.61 9.30
C VAL G 83 8.44 -41.23 10.46
N LYS G 84 8.24 -42.13 11.42
CA LYS G 84 7.36 -41.84 12.54
C LYS G 84 8.05 -40.90 13.53
N SER G 85 9.37 -40.86 13.55
CA SER G 85 10.02 -39.91 14.43
C SER G 85 10.05 -38.52 13.82
N GLY G 86 10.10 -38.46 12.50
CA GLY G 86 9.99 -37.21 11.78
C GLY G 86 8.67 -36.56 12.08
N ARG G 87 7.60 -37.37 11.99
CA ARG G 87 6.26 -36.91 12.27
C ARG G 87 6.10 -36.44 13.73
N VAL G 88 6.70 -37.16 14.66
CA VAL G 88 6.53 -36.80 16.05
C VAL G 88 7.20 -35.46 16.28
N LEU G 89 8.48 -35.33 15.96
CA LEU G 89 9.23 -34.08 16.12
C LEU G 89 8.52 -32.87 15.49
N LEU G 90 7.82 -33.10 14.39
CA LEU G 90 7.10 -32.05 13.72
C LEU G 90 5.82 -31.67 14.48
N GLY G 91 5.20 -32.64 15.13
CA GLY G 91 3.96 -32.40 15.83
C GLY G 91 2.73 -32.66 14.99
N ALA G 92 1.58 -32.62 15.64
CA ALA G 92 0.31 -32.80 14.95
C ALA G 92 0.22 -31.81 13.80
N THR G 93 -0.41 -32.26 12.71
CA THR G 93 -0.50 -31.47 11.50
C THR G 93 -1.20 -30.16 11.80
N ASN G 94 -2.24 -30.19 12.64
CA ASN G 94 -2.85 -28.96 13.12
C ASN G 94 -2.22 -28.38 14.39
N PRO G 95 -1.53 -27.24 14.26
CA PRO G 95 -0.77 -26.66 15.39
C PRO G 95 -1.60 -26.45 16.68
N ALA G 96 -2.88 -26.15 16.51
CA ALA G 96 -3.84 -26.13 17.62
C ALA G 96 -3.83 -27.44 18.43
N ASP G 97 -3.55 -28.55 17.76
CA ASP G 97 -3.42 -29.88 18.35
C ASP G 97 -1.97 -30.22 18.75
N SER G 98 -1.01 -29.32 18.49
CA SER G 98 0.41 -29.62 18.71
C SER G 98 0.97 -29.26 20.06
N GLN G 99 1.95 -30.01 20.51
CA GLN G 99 2.50 -29.87 21.84
C GLN G 99 3.76 -29.04 21.84
N PRO G 100 3.95 -28.18 22.86
CA PRO G 100 5.18 -27.45 23.01
C PRO G 100 6.26 -28.48 23.02
N GLY G 101 7.45 -28.16 22.50
CA GLY G 101 8.48 -29.16 22.27
C GLY G 101 8.61 -29.64 20.83
N THR G 102 7.51 -29.65 20.07
CA THR G 102 7.50 -30.12 18.68
C THR G 102 7.67 -28.91 17.80
N ILE G 103 8.00 -29.06 16.51
CA ILE G 103 8.28 -27.87 15.68
C ILE G 103 7.07 -26.97 15.61
N ARG G 104 5.93 -27.62 15.37
CA ARG G 104 4.63 -26.95 15.27
C ARG G 104 4.15 -26.44 16.58
N GLY G 105 4.42 -27.18 17.65
CA GLY G 105 4.12 -26.73 18.99
C GLY G 105 4.78 -25.38 19.22
N ASP G 106 6.10 -25.31 18.99
CA ASP G 106 6.86 -24.10 19.28
C ASP G 106 6.66 -22.92 18.32
N PHE G 107 6.38 -23.17 17.04
CA PHE G 107 6.39 -22.07 16.07
C PHE G 107 5.15 -21.80 15.27
N ALA G 108 4.16 -22.69 15.28
CA ALA G 108 2.99 -22.53 14.39
C ALA G 108 1.61 -22.27 15.04
N VAL G 109 0.72 -21.59 14.31
CA VAL G 109 -0.66 -21.29 14.72
C VAL G 109 -1.74 -21.95 13.87
N ASP G 110 -1.65 -21.81 12.55
CA ASP G 110 -2.74 -22.22 11.65
C ASP G 110 -2.29 -23.38 10.79
N VAL G 111 -3.19 -24.31 10.51
CA VAL G 111 -2.86 -25.46 9.69
C VAL G 111 -2.32 -25.00 8.33
N GLY G 112 -2.89 -23.91 7.81
CA GLY G 112 -2.43 -23.35 6.56
C GLY G 112 -1.03 -22.77 6.61
N ARG G 113 -0.50 -22.54 7.81
CA ARG G 113 0.84 -22.02 7.95
C ARG G 113 1.54 -22.85 8.98
N ASN G 114 1.75 -24.12 8.66
CA ASN G 114 2.22 -25.08 9.64
C ASN G 114 3.66 -25.53 9.40
N VAL G 115 4.41 -24.58 8.84
CA VAL G 115 5.87 -24.50 8.68
C VAL G 115 6.62 -25.57 7.93
N CYS G 116 6.16 -26.81 8.00
CA CYS G 116 6.93 -27.93 7.43
C CYS G 116 6.07 -29.16 7.20
N HIS G 117 6.60 -30.06 6.38
CA HIS G 117 5.88 -31.24 5.93
C HIS G 117 6.67 -32.49 6.25
N GLY G 118 5.97 -33.53 6.69
CA GLY G 118 6.55 -34.85 6.94
C GLY G 118 5.85 -35.91 6.09
N SER G 119 6.60 -36.91 5.64
CA SER G 119 5.94 -38.02 4.98
C SER G 119 5.17 -38.80 6.01
N ASP G 120 3.93 -39.16 5.66
CA ASP G 120 3.02 -39.87 6.58
C ASP G 120 3.31 -41.36 6.76
N SER G 121 4.14 -41.94 5.89
CA SER G 121 4.50 -43.35 5.98
C SER G 121 5.76 -43.69 5.18
N VAL G 122 6.26 -44.91 5.35
CA VAL G 122 7.36 -45.40 4.51
C VAL G 122 6.94 -45.37 3.04
N GLU G 123 5.72 -45.85 2.78
CA GLU G 123 5.11 -45.74 1.46
C GLU G 123 5.32 -44.35 0.88
N SER G 124 4.63 -43.36 1.45
CA SER G 124 4.73 -41.96 1.00
C SER G 124 6.16 -41.42 0.88
N ALA G 125 6.96 -41.62 1.93
CA ALA G 125 8.34 -41.20 1.95
C ALA G 125 9.04 -41.55 0.64
N GLU G 126 9.26 -42.86 0.44
CA GLU G 126 9.82 -43.43 -0.77
C GLU G 126 9.33 -42.72 -2.02
N ARG G 127 8.04 -42.40 -2.09
CA ARG G 127 7.51 -41.68 -3.24
C ARG G 127 7.95 -40.22 -3.32
N GLU G 128 7.87 -39.52 -2.18
CA GLU G 128 8.27 -38.11 -2.10
C GLU G 128 9.76 -37.91 -2.43
N ILE G 129 10.60 -38.84 -1.96
CA ILE G 129 12.04 -38.76 -2.19
C ILE G 129 12.38 -38.93 -3.67
N ALA G 130 11.91 -40.03 -4.24
CA ALA G 130 12.01 -40.28 -5.68
C ALA G 130 11.52 -39.09 -6.52
N PHE G 131 10.43 -38.46 -6.08
CA PHE G 131 9.80 -37.35 -6.80
C PHE G 131 10.66 -36.07 -6.86
N TRP G 132 11.25 -35.67 -5.74
CA TRP G 132 12.05 -34.44 -5.63
C TRP G 132 13.54 -34.63 -5.98
N PHE G 133 14.06 -35.82 -5.69
CA PHE G 133 15.48 -36.15 -5.84
C PHE G 133 15.76 -37.26 -6.86
N LYS G 134 16.57 -36.91 -7.86
CA LYS G 134 17.17 -37.90 -8.73
C LYS G 134 18.25 -38.45 -7.83
N ALA G 135 18.46 -39.76 -7.87
CA ALA G 135 19.36 -40.47 -6.95
C ALA G 135 20.83 -40.12 -7.20
N ASP G 136 21.02 -39.11 -8.03
CA ASP G 136 22.29 -38.48 -8.11
C ASP G 136 22.50 -37.62 -6.85
N GLU G 137 21.45 -36.92 -6.46
CA GLU G 137 21.53 -35.91 -5.42
C GLU G 137 21.71 -36.49 -4.04
N ILE G 138 21.25 -37.72 -3.88
CA ILE G 138 21.31 -38.39 -2.60
C ILE G 138 22.73 -38.82 -2.34
N ALA G 139 23.27 -38.35 -1.22
CA ALA G 139 24.64 -38.64 -0.83
C ALA G 139 24.73 -39.73 0.27
N SER G 140 24.92 -40.96 -0.16
CA SER G 140 25.30 -42.06 0.72
C SER G 140 26.55 -41.75 1.54
N TRP G 141 26.47 -41.93 2.85
CA TRP G 141 27.62 -41.84 3.73
C TRP G 141 27.36 -42.52 5.05
N THR G 142 28.35 -42.48 5.93
CA THR G 142 28.24 -43.20 7.15
C THR G 142 28.58 -42.30 8.29
N SER G 143 27.59 -41.97 9.11
CA SER G 143 27.82 -41.09 10.26
C SER G 143 28.89 -41.77 11.04
N HIS G 144 29.82 -41.01 11.58
CA HIS G 144 30.81 -41.57 12.47
C HIS G 144 30.20 -41.85 13.82
N SER G 145 28.97 -41.44 14.04
CA SER G 145 28.38 -41.65 15.37
C SER G 145 27.41 -42.83 15.39
N VAL G 146 27.29 -43.52 14.26
CA VAL G 146 26.24 -44.52 14.05
C VAL G 146 26.09 -45.56 15.17
N SER G 147 27.19 -45.92 15.83
CA SER G 147 27.13 -46.95 16.86
C SER G 147 26.89 -46.36 18.26
N GLN G 148 26.81 -45.05 18.32
CA GLN G 148 26.38 -44.36 19.54
C GLN G 148 24.86 -44.23 19.49
N ILE G 149 24.28 -44.30 18.30
CA ILE G 149 22.87 -44.00 18.13
C ILE G 149 22.03 -45.26 17.98
N TYR G 150 22.57 -46.25 17.27
CA TYR G 150 21.84 -47.51 17.00
C TYR G 150 22.51 -48.73 17.63
N GLU G 151 21.70 -49.73 17.98
CA GLU G 151 22.18 -51.03 18.46
C GLU G 151 22.72 -51.82 17.28
N SER H 3 24.31 -5.80 -2.86
CA SER H 3 23.83 -7.11 -2.32
C SER H 3 24.60 -8.31 -2.84
N GLU H 4 25.86 -8.34 -2.42
CA GLU H 4 26.70 -9.51 -2.28
C GLU H 4 25.99 -10.89 -2.16
N ARG H 5 26.64 -11.91 -2.72
CA ARG H 5 26.35 -13.29 -2.46
C ARG H 5 27.63 -13.86 -1.88
N THR H 6 27.52 -14.81 -0.98
CA THR H 6 28.73 -15.47 -0.50
C THR H 6 28.51 -16.97 -0.61
N PHE H 7 29.64 -17.68 -0.68
CA PHE H 7 29.66 -19.10 -0.64
C PHE H 7 30.04 -19.51 0.76
N ILE H 8 29.28 -20.43 1.31
CA ILE H 8 29.60 -20.99 2.64
C ILE H 8 29.42 -22.49 2.54
N ALA H 9 30.29 -23.25 3.17
CA ALA H 9 30.23 -24.68 3.07
C ALA H 9 30.58 -25.29 4.38
N VAL H 10 29.73 -26.18 4.86
CA VAL H 10 30.07 -26.93 6.05
C VAL H 10 31.01 -28.01 5.56
N LYS H 11 32.23 -28.01 6.07
CA LYS H 11 33.22 -29.07 5.76
C LYS H 11 32.75 -30.44 6.33
N PRO H 12 33.50 -31.55 6.04
CA PRO H 12 32.88 -32.85 6.25
C PRO H 12 32.86 -33.24 7.70
N ASP H 13 33.69 -32.56 8.49
CA ASP H 13 33.71 -32.73 9.95
C ASP H 13 32.58 -31.91 10.56
N GLY H 14 32.16 -30.87 9.86
CA GLY H 14 31.04 -30.07 10.30
C GLY H 14 29.82 -30.92 10.09
N VAL H 15 29.70 -31.51 8.90
CA VAL H 15 28.57 -32.39 8.62
C VAL H 15 28.59 -33.54 9.61
N GLN H 16 29.75 -34.12 9.84
CA GLN H 16 29.85 -35.24 10.77
C GLN H 16 29.47 -34.92 12.20
N ARG H 17 29.71 -33.69 12.66
CA ARG H 17 29.50 -33.36 14.07
C ARG H 17 28.13 -32.73 14.37
N GLY H 18 27.24 -32.74 13.40
CA GLY H 18 25.87 -32.25 13.54
C GLY H 18 25.70 -30.73 13.51
N LEU H 19 26.54 -30.02 12.78
CA LEU H 19 26.62 -28.59 12.93
C LEU H 19 25.83 -27.82 11.89
N VAL H 20 25.26 -28.52 10.91
CA VAL H 20 24.63 -27.89 9.79
C VAL H 20 23.56 -26.86 10.24
N GLY H 21 22.48 -27.34 10.86
CA GLY H 21 21.41 -26.51 11.44
C GLY H 21 21.92 -25.30 12.21
N GLU H 22 22.83 -25.52 13.15
CA GLU H 22 23.45 -24.43 13.87
C GLU H 22 23.93 -23.28 12.97
N ILE H 23 24.76 -23.60 11.98
CA ILE H 23 25.36 -22.63 11.07
C ILE H 23 24.32 -21.94 10.14
N ILE H 24 23.39 -22.70 9.59
CA ILE H 24 22.30 -22.08 8.87
C ILE H 24 21.56 -21.10 9.80
N ALA H 25 21.44 -21.48 11.08
CA ALA H 25 20.65 -20.67 12.04
C ALA H 25 21.31 -19.33 12.28
N ARG H 26 22.63 -19.36 12.45
CA ARG H 26 23.40 -18.11 12.64
C ARG H 26 23.32 -17.12 11.48
N PHE H 27 23.27 -17.64 10.26
CA PHE H 27 23.01 -16.78 9.12
C PHE H 27 21.58 -16.26 9.02
N GLU H 28 20.58 -17.10 9.32
CA GLU H 28 19.18 -16.63 9.32
C GLU H 28 18.95 -15.55 10.34
N ARG H 29 19.49 -15.75 11.55
CA ARG H 29 19.32 -14.79 12.66
C ARG H 29 19.86 -13.40 12.32
N LYS H 30 20.96 -13.40 11.59
CA LYS H 30 21.70 -12.20 11.27
C LYS H 30 20.90 -11.34 10.26
N GLY H 31 20.12 -12.00 9.41
CA GLY H 31 19.27 -11.29 8.44
C GLY H 31 19.39 -11.81 7.02
N TYR H 32 20.44 -12.60 6.78
CA TYR H 32 20.74 -13.05 5.43
C TYR H 32 19.78 -14.08 4.84
N LYS H 33 19.83 -14.18 3.51
CA LYS H 33 18.85 -14.89 2.73
C LYS H 33 19.51 -16.06 2.00
N LEU H 34 19.17 -17.26 2.47
CA LEU H 34 19.54 -18.51 1.86
C LEU H 34 19.03 -18.57 0.45
N VAL H 35 19.95 -18.89 -0.48
CA VAL H 35 19.67 -18.81 -1.90
C VAL H 35 19.96 -20.09 -2.71
N ALA H 36 20.80 -20.97 -2.15
CA ALA H 36 21.08 -22.26 -2.78
C ALA H 36 21.59 -23.18 -1.73
N LEU H 37 21.13 -24.43 -1.79
CA LEU H 37 21.57 -25.42 -0.81
C LEU H 37 21.85 -26.78 -1.46
N LYS H 38 22.84 -27.51 -0.94
CA LYS H 38 23.04 -28.93 -1.28
C LYS H 38 24.09 -29.67 -0.48
N ILE H 39 23.97 -30.99 -0.51
CA ILE H 39 24.86 -31.89 0.21
C ILE H 39 25.55 -32.82 -0.81
N LEU H 40 26.87 -32.82 -0.80
CA LEU H 40 27.63 -33.66 -1.71
C LEU H 40 28.99 -33.98 -1.14
N GLN H 41 29.48 -35.17 -1.49
CA GLN H 41 30.84 -35.57 -1.15
C GLN H 41 31.70 -35.11 -2.29
N PRO H 42 32.65 -34.20 -2.03
CA PRO H 42 33.48 -33.81 -3.17
C PRO H 42 34.44 -34.91 -3.61
N THR H 43 34.71 -34.94 -4.91
CA THR H 43 35.81 -35.73 -5.47
C THR H 43 37.14 -35.07 -5.10
N THR H 44 38.24 -35.79 -5.33
CA THR H 44 39.60 -35.27 -5.16
C THR H 44 39.86 -34.14 -6.14
N GLU H 45 39.35 -34.30 -7.36
CA GLU H 45 39.42 -33.26 -8.36
C GLU H 45 38.80 -31.94 -7.84
N GLN H 46 37.56 -32.03 -7.35
CA GLN H 46 36.81 -30.86 -6.85
C GLN H 46 37.54 -30.16 -5.70
N ALA H 47 38.17 -30.95 -4.82
CA ALA H 47 38.97 -30.40 -3.72
C ALA H 47 40.23 -29.70 -4.24
N GLN H 48 40.56 -29.91 -5.51
CA GLN H 48 41.70 -29.23 -6.15
C GLN H 48 41.29 -27.94 -6.87
N GLY H 49 40.19 -28.00 -7.63
CA GLY H 49 39.65 -26.80 -8.31
C GLY H 49 39.17 -25.70 -7.37
N HIS H 50 39.08 -26.07 -6.09
CA HIS H 50 38.62 -25.24 -5.01
C HIS H 50 39.66 -25.52 -3.92
N TYR H 51 40.63 -24.63 -3.76
CA TYR H 51 41.87 -24.82 -2.95
C TYR H 51 43.13 -24.56 -3.81
N LYS H 52 44.07 -23.75 -3.29
CA LYS H 52 45.25 -23.27 -4.10
C LYS H 52 46.66 -23.74 -3.65
N ASP H 53 47.25 -24.58 -4.50
CA ASP H 53 48.55 -25.23 -4.25
C ASP H 53 49.71 -24.45 -4.87
N SER H 56 50.28 -27.86 -2.94
CA SER H 56 51.35 -27.07 -2.32
C SER H 56 50.89 -26.18 -1.16
N LYS H 57 51.86 -25.87 -0.29
CA LYS H 57 51.69 -25.65 1.14
C LYS H 57 51.74 -27.05 1.73
N PRO H 58 52.54 -27.24 2.81
CA PRO H 58 52.91 -28.61 3.24
C PRO H 58 51.75 -29.44 3.76
N PHE H 59 50.54 -28.89 3.67
CA PHE H 59 49.33 -29.51 4.20
C PHE H 59 48.27 -29.80 3.14
N PHE H 60 48.34 -29.10 2.02
CA PHE H 60 47.46 -29.34 0.85
C PHE H 60 47.14 -30.83 0.60
N PRO H 61 48.15 -31.72 0.66
CA PRO H 61 47.86 -33.14 0.51
C PRO H 61 46.87 -33.69 1.55
N ALA H 62 46.96 -33.21 2.78
CA ALA H 62 46.04 -33.69 3.81
C ALA H 62 44.68 -33.02 3.65
N LEU H 63 44.72 -31.69 3.46
CA LEU H 63 43.55 -30.88 3.15
C LEU H 63 42.68 -31.54 2.08
N VAL H 64 43.16 -31.56 0.84
CA VAL H 64 42.46 -32.22 -0.27
C VAL H 64 41.87 -33.60 0.07
N LYS H 65 42.61 -34.41 0.81
CA LYS H 65 42.06 -35.70 1.09
C LYS H 65 40.84 -35.55 2.02
N TYR H 66 40.95 -34.71 3.06
CA TYR H 66 39.83 -34.47 4.00
C TYR H 66 38.54 -33.86 3.39
N PHE H 67 38.69 -32.75 2.68
CA PHE H 67 37.60 -32.14 1.95
C PHE H 67 36.87 -33.17 1.08
N SER H 68 37.56 -34.22 0.70
CA SER H 68 37.01 -35.16 -0.28
C SER H 68 36.41 -36.42 0.33
N SER H 69 36.75 -36.68 1.60
CA SER H 69 36.45 -37.95 2.28
C SER H 69 35.00 -38.19 2.69
N GLY H 70 34.19 -37.12 2.72
CA GLY H 70 32.80 -37.23 3.12
C GLY H 70 31.97 -36.06 2.62
N PRO H 71 30.65 -36.04 2.93
CA PRO H 71 29.74 -35.03 2.39
C PRO H 71 29.97 -33.69 3.07
N ILE H 72 29.92 -32.62 2.25
CA ILE H 72 29.98 -31.25 2.72
C ILE H 72 28.61 -30.64 2.47
N VAL H 73 28.27 -29.54 3.16
CA VAL H 73 27.02 -28.83 2.81
C VAL H 73 27.31 -27.47 2.23
N CYS H 74 26.84 -27.24 1.02
CA CYS H 74 27.20 -26.08 0.26
C CYS H 74 26.05 -25.16 0.33
N MET H 75 26.33 -23.89 0.65
CA MET H 75 25.26 -22.88 0.66
C MET H 75 25.69 -21.60 -0.01
N VAL H 76 24.70 -20.82 -0.43
CA VAL H 76 24.89 -19.47 -0.93
C VAL H 76 23.93 -18.52 -0.22
N TRP H 77 24.48 -17.56 0.51
CA TRP H 77 23.68 -16.52 1.14
C TRP H 77 23.77 -15.21 0.33
N GLU H 78 22.71 -14.42 0.30
CA GLU H 78 22.70 -13.11 -0.37
C GLU H 78 22.43 -12.03 0.67
N GLY H 79 22.92 -10.81 0.44
CA GLY H 79 22.68 -9.68 1.34
C GLY H 79 23.84 -8.69 1.45
N LYS H 80 23.59 -7.59 2.14
CA LYS H 80 24.59 -6.54 2.22
C LYS H 80 25.77 -6.97 3.07
N ASN H 81 26.94 -6.90 2.46
CA ASN H 81 28.20 -7.34 3.06
C ASN H 81 28.25 -8.77 3.59
N VAL H 82 27.38 -9.63 3.07
CA VAL H 82 27.47 -11.07 3.40
C VAL H 82 28.93 -11.55 3.43
N VAL H 83 29.67 -11.29 2.35
CA VAL H 83 31.06 -11.73 2.29
C VAL H 83 31.83 -11.32 3.54
N LYS H 84 31.93 -10.02 3.82
CA LYS H 84 32.73 -9.54 4.96
C LYS H 84 32.18 -10.05 6.31
N SER H 85 30.87 -9.96 6.49
CA SER H 85 30.22 -10.40 7.71
C SER H 85 30.05 -11.95 7.81
N GLY H 86 29.99 -12.63 6.68
CA GLY H 86 29.97 -14.09 6.66
C GLY H 86 31.22 -14.62 7.32
N ARG H 87 32.36 -14.02 7.00
CA ARG H 87 33.63 -14.47 7.58
C ARG H 87 33.67 -14.09 9.05
N VAL H 88 33.08 -12.94 9.37
CA VAL H 88 33.01 -12.48 10.74
C VAL H 88 32.28 -13.49 11.64
N LEU H 89 31.12 -14.00 11.16
CA LEU H 89 30.34 -15.05 11.83
C LEU H 89 31.12 -16.36 11.94
N LEU H 90 31.78 -16.75 10.84
CA LEU H 90 32.64 -17.92 10.85
C LEU H 90 33.81 -17.86 11.84
N GLY H 91 34.37 -16.67 12.03
CA GLY H 91 35.55 -16.50 12.90
C GLY H 91 36.83 -16.66 12.10
N ALA H 92 37.98 -16.45 12.74
CA ALA H 92 39.30 -16.51 12.08
C ALA H 92 39.58 -17.92 11.61
N THR H 93 40.26 -18.05 10.47
CA THR H 93 40.43 -19.35 9.79
C THR H 93 41.17 -20.37 10.66
N ASN H 94 41.81 -19.88 11.72
CA ASN H 94 42.49 -20.73 12.68
C ASN H 94 41.76 -20.69 14.05
N PRO H 95 40.97 -21.74 14.33
CA PRO H 95 40.21 -21.84 15.57
C PRO H 95 40.96 -21.48 16.84
N ALA H 96 42.28 -21.56 16.84
CA ALA H 96 43.05 -21.16 18.04
C ALA H 96 42.97 -19.64 18.28
N ASP H 97 42.98 -18.90 17.17
CA ASP H 97 42.94 -17.46 17.17
C ASP H 97 41.52 -16.88 17.12
N SER H 98 40.51 -17.74 16.89
CA SER H 98 39.12 -17.22 16.79
C SER H 98 38.39 -17.04 18.13
N GLN H 99 37.41 -16.14 18.16
CA GLN H 99 36.75 -15.80 19.44
C GLN H 99 35.36 -16.43 19.59
N PRO H 100 35.01 -16.78 20.83
CA PRO H 100 33.71 -17.34 21.18
C PRO H 100 32.61 -16.41 20.73
N GLY H 101 31.52 -16.98 20.26
CA GLY H 101 30.52 -16.17 19.58
C GLY H 101 30.52 -16.56 18.13
N THR H 102 31.68 -16.98 17.64
CA THR H 102 31.85 -17.43 16.28
C THR H 102 31.78 -18.91 16.16
N ILE H 103 31.46 -19.37 14.96
CA ILE H 103 31.34 -20.77 14.61
C ILE H 103 32.64 -21.51 14.93
N ARG H 104 33.76 -21.07 14.38
CA ARG H 104 35.07 -21.69 14.76
C ARG H 104 35.44 -21.47 16.23
N GLY H 105 35.07 -20.31 16.75
CA GLY H 105 35.31 -19.99 18.15
C GLY H 105 34.55 -20.88 19.12
N ASP H 106 33.30 -21.13 18.83
CA ASP H 106 32.49 -22.01 19.67
C ASP H 106 32.81 -23.50 19.42
N PHE H 107 33.15 -23.86 18.18
CA PHE H 107 33.06 -25.26 17.75
C PHE H 107 34.29 -26.01 17.32
N ALA H 108 35.43 -25.32 17.20
CA ALA H 108 36.63 -25.95 16.64
C ALA H 108 37.90 -25.73 17.43
N VAL H 109 38.81 -26.66 17.23
CA VAL H 109 40.04 -26.73 17.98
C VAL H 109 41.24 -26.46 17.07
N ASP H 110 41.41 -27.26 16.02
CA ASP H 110 42.57 -27.14 15.13
C ASP H 110 42.21 -26.96 13.68
N VAL H 111 43.11 -26.27 12.96
CA VAL H 111 42.78 -25.60 11.71
C VAL H 111 42.48 -26.54 10.54
N GLY H 112 42.95 -27.78 10.68
CA GLY H 112 42.63 -28.82 9.71
C GLY H 112 41.23 -29.36 9.85
N ARG H 113 40.60 -29.12 11.01
CA ARG H 113 39.18 -29.47 11.26
C ARG H 113 38.44 -28.22 11.78
N ASN H 114 38.22 -27.28 10.87
CA ASN H 114 37.61 -25.99 11.21
C ASN H 114 36.19 -25.85 10.64
N VAL H 115 35.53 -26.99 10.58
CA VAL H 115 34.08 -27.17 10.44
C VAL H 115 33.40 -26.53 9.27
N CYS H 116 33.91 -25.39 8.79
CA CYS H 116 33.26 -24.67 7.68
CA CYS H 116 33.22 -24.60 7.77
C CYS H 116 34.15 -23.69 6.93
N HIS H 117 33.75 -23.36 5.72
CA HIS H 117 34.50 -22.46 4.88
C HIS H 117 33.59 -21.36 4.41
N GLY H 118 34.14 -20.17 4.19
CA GLY H 118 33.42 -19.08 3.51
C GLY H 118 34.33 -18.34 2.54
N SER H 119 33.76 -17.76 1.49
CA SER H 119 34.56 -16.94 0.57
C SER H 119 35.39 -15.90 1.31
N ASP H 120 36.66 -15.77 0.93
CA ASP H 120 37.53 -14.75 1.54
C ASP H 120 37.29 -13.32 0.97
N SER H 121 36.65 -13.24 -0.20
CA SER H 121 36.36 -11.97 -0.84
C SER H 121 35.25 -12.11 -1.88
N VAL H 122 34.70 -10.98 -2.31
CA VAL H 122 33.69 -11.00 -3.36
C VAL H 122 34.22 -11.72 -4.58
N GLU H 123 35.46 -11.42 -4.98
CA GLU H 123 36.05 -12.04 -6.16
C GLU H 123 35.93 -13.56 -6.01
N SER H 124 36.53 -14.07 -4.95
CA SER H 124 36.51 -15.48 -4.63
C SER H 124 35.09 -16.03 -4.64
N ALA H 125 34.14 -15.28 -4.09
CA ALA H 125 32.76 -15.74 -4.06
C ALA H 125 32.19 -15.96 -5.46
N GLU H 126 32.37 -14.99 -6.36
CA GLU H 126 31.96 -15.16 -7.76
C GLU H 126 32.42 -16.56 -8.20
N ARG H 127 33.69 -16.84 -7.95
CA ARG H 127 34.27 -18.13 -8.30
C ARG H 127 33.51 -19.27 -7.64
N GLU H 128 33.56 -19.32 -6.29
CA GLU H 128 33.10 -20.49 -5.52
C GLU H 128 31.66 -20.88 -5.82
N ILE H 129 30.79 -19.90 -6.00
CA ILE H 129 29.39 -20.12 -6.35
C ILE H 129 29.22 -20.75 -7.74
N ALA H 130 30.10 -20.44 -8.69
CA ALA H 130 30.01 -21.02 -10.05
C ALA H 130 30.47 -22.50 -10.13
N PHE H 131 31.51 -22.77 -9.37
CA PHE H 131 32.15 -24.05 -9.32
C PHE H 131 31.21 -25.11 -8.70
N TRP H 132 30.40 -24.63 -7.76
CA TRP H 132 29.64 -25.53 -6.93
C TRP H 132 28.20 -25.59 -7.37
N PHE H 133 27.69 -24.50 -7.91
CA PHE H 133 26.29 -24.44 -8.26
C PHE H 133 26.06 -24.06 -9.69
N LYS H 134 24.92 -24.49 -10.21
CA LYS H 134 24.46 -24.05 -11.52
C LYS H 134 23.94 -22.61 -11.42
N ALA H 135 22.75 -22.38 -11.96
CA ALA H 135 22.12 -21.08 -11.96
C ALA H 135 20.61 -21.27 -11.93
N ASP H 136 20.16 -22.38 -12.51
CA ASP H 136 18.80 -22.87 -12.34
C ASP H 136 18.66 -23.36 -10.88
N GLU H 137 19.80 -23.51 -10.19
CA GLU H 137 19.92 -23.95 -8.80
C GLU H 137 19.90 -22.79 -7.79
N ILE H 138 19.85 -21.56 -8.26
CA ILE H 138 19.71 -20.42 -7.36
C ILE H 138 18.29 -19.94 -7.43
N ALA H 139 17.66 -19.80 -6.25
CA ALA H 139 16.28 -19.31 -6.19
C ALA H 139 16.27 -17.80 -6.00
N SER H 140 15.33 -17.16 -6.66
CA SER H 140 15.09 -15.76 -6.41
C SER H 140 13.80 -15.63 -5.64
N TRP H 141 13.93 -15.01 -4.49
CA TRP H 141 12.82 -14.77 -3.62
C TRP H 141 13.14 -13.53 -2.84
N THR H 142 12.07 -12.94 -2.30
CA THR H 142 12.13 -11.74 -1.52
C THR H 142 11.74 -12.03 -0.07
N SER H 143 12.66 -11.77 0.85
CA SER H 143 12.37 -11.95 2.27
C SER H 143 11.29 -10.94 2.66
N HIS H 144 10.26 -11.40 3.37
CA HIS H 144 9.20 -10.51 3.88
C HIS H 144 9.70 -9.53 4.95
N SER H 145 10.89 -9.76 5.48
CA SER H 145 11.44 -8.92 6.55
C SER H 145 12.45 -7.93 6.02
N VAL H 146 12.63 -7.90 4.71
CA VAL H 146 13.66 -7.04 4.12
C VAL H 146 13.61 -5.55 4.61
N SER H 147 12.43 -4.95 4.71
CA SER H 147 12.30 -3.62 5.32
C SER H 147 12.54 -3.52 6.85
N GLN H 148 12.62 -4.65 7.54
CA GLN H 148 13.01 -4.65 8.97
C GLN H 148 14.51 -4.79 9.13
N ILE H 149 15.19 -5.39 8.16
CA ILE H 149 16.64 -5.60 8.22
C ILE H 149 17.45 -4.50 7.55
N TYR H 150 16.93 -3.99 6.43
CA TYR H 150 17.58 -2.94 5.63
C TYR H 150 16.80 -1.64 5.62
N GLU H 151 17.52 -0.53 5.73
CA GLU H 151 16.92 0.78 5.68
C GLU H 151 16.54 1.09 4.23
N SER I 2 10.72 -33.52 49.55
CA SER I 2 11.54 -32.61 50.42
C SER I 2 13.04 -32.89 50.29
N SER I 3 13.52 -33.86 51.05
CA SER I 3 14.91 -34.33 50.94
C SER I 3 15.02 -35.40 49.83
N GLU I 4 13.91 -35.71 49.16
CA GLU I 4 13.98 -36.75 48.13
C GLU I 4 15.22 -36.56 47.25
N ARG I 5 16.03 -37.61 47.13
CA ARG I 5 17.13 -37.61 46.18
C ARG I 5 16.78 -38.56 45.05
N THR I 6 17.49 -38.48 43.93
CA THR I 6 17.42 -39.54 42.90
C THR I 6 18.78 -39.75 42.33
N PHE I 7 18.97 -40.92 41.71
CA PHE I 7 20.19 -41.21 41.00
C PHE I 7 19.94 -41.03 39.52
N ILE I 8 20.79 -40.23 38.88
CA ILE I 8 20.77 -40.02 37.44
C ILE I 8 22.16 -40.32 36.90
N ALA I 9 22.21 -40.98 35.76
CA ALA I 9 23.49 -41.26 35.14
C ALA I 9 23.44 -41.13 33.61
N VAL I 10 24.45 -40.47 33.06
CA VAL I 10 24.57 -40.35 31.61
C VAL I 10 25.28 -41.60 31.11
N LYS I 11 24.61 -42.36 30.28
CA LYS I 11 25.17 -43.58 29.77
C LYS I 11 26.34 -43.32 28.81
N PRO I 12 27.11 -44.37 28.48
CA PRO I 12 28.23 -44.28 27.54
C PRO I 12 27.87 -43.56 26.23
N ASP I 13 26.70 -43.83 25.64
CA ASP I 13 26.30 -43.13 24.43
C ASP I 13 26.04 -41.65 24.70
N GLY I 14 25.68 -41.32 25.93
CA GLY I 14 25.50 -39.95 26.35
C GLY I 14 26.77 -39.12 26.45
N VAL I 15 27.81 -39.70 27.03
CA VAL I 15 29.10 -39.00 27.17
C VAL I 15 29.77 -38.86 25.80
N GLN I 16 29.75 -39.91 25.00
CA GLN I 16 30.33 -39.82 23.65
C GLN I 16 29.70 -38.70 22.80
N ARG I 17 28.38 -38.56 22.86
CA ARG I 17 27.66 -37.63 22.02
C ARG I 17 27.60 -36.18 22.56
N GLY I 18 28.30 -35.91 23.67
CA GLY I 18 28.37 -34.59 24.26
C GLY I 18 27.05 -34.08 24.84
N LEU I 19 26.38 -34.95 25.63
CA LEU I 19 25.12 -34.57 26.23
C LEU I 19 25.22 -34.27 27.72
N VAL I 20 26.41 -34.38 28.31
CA VAL I 20 26.50 -34.18 29.75
C VAL I 20 25.90 -32.84 30.15
N GLY I 21 26.35 -31.76 29.51
CA GLY I 21 25.80 -30.41 29.70
C GLY I 21 24.29 -30.21 29.51
N GLU I 22 23.75 -30.57 28.34
CA GLU I 22 22.30 -30.50 28.14
C GLU I 22 21.50 -31.13 29.28
N ILE I 23 21.80 -32.39 29.59
CA ILE I 23 21.17 -33.12 30.68
C ILE I 23 21.31 -32.35 32.00
N ILE I 24 22.53 -31.99 32.40
CA ILE I 24 22.66 -31.20 33.62
C ILE I 24 21.87 -29.87 33.58
N ALA I 25 21.96 -29.14 32.47
CA ALA I 25 21.25 -27.86 32.34
C ALA I 25 19.76 -28.03 32.59
N ARG I 26 19.17 -29.09 32.00
CA ARG I 26 17.73 -29.37 32.13
C ARG I 26 17.28 -29.67 33.57
N PHE I 27 18.15 -30.27 34.37
CA PHE I 27 17.80 -30.49 35.79
C PHE I 27 17.98 -29.24 36.63
N GLU I 28 19.08 -28.51 36.42
CA GLU I 28 19.31 -27.22 37.06
C GLU I 28 18.14 -26.25 36.82
N ARG I 29 17.76 -26.08 35.56
CA ARG I 29 16.79 -25.04 35.26
C ARG I 29 15.40 -25.41 35.84
N LYS I 30 15.23 -26.71 36.14
CA LYS I 30 13.97 -27.15 36.72
C LYS I 30 13.84 -26.79 38.21
N GLY I 31 14.97 -26.48 38.84
CA GLY I 31 15.06 -26.12 40.25
C GLY I 31 15.88 -27.09 41.11
N TYR I 32 16.06 -28.33 40.66
CA TYR I 32 16.64 -29.36 41.51
C TYR I 32 18.06 -29.03 41.88
N LYS I 33 18.52 -29.65 42.97
CA LYS I 33 19.82 -29.36 43.53
C LYS I 33 20.87 -30.47 43.31
N LEU I 34 21.96 -30.15 42.61
CA LEU I 34 23.03 -31.10 42.36
C LEU I 34 23.76 -31.34 43.66
N VAL I 35 23.95 -32.62 43.96
CA VAL I 35 24.41 -33.06 45.26
C VAL I 35 25.57 -34.08 45.18
N ALA I 36 25.68 -34.80 44.05
CA ALA I 36 26.84 -35.68 43.77
C ALA I 36 27.09 -35.81 42.31
N LEU I 37 28.35 -36.04 41.94
CA LEU I 37 28.82 -35.99 40.57
C LEU I 37 30.11 -36.81 40.42
N LYS I 38 30.34 -37.42 39.26
CA LYS I 38 31.39 -38.44 39.13
C LYS I 38 31.42 -38.88 37.71
N ILE I 39 32.60 -39.04 37.11
CA ILE I 39 32.75 -39.73 35.83
C ILE I 39 33.74 -40.86 35.98
N LEU I 40 33.38 -42.02 35.45
CA LEU I 40 34.14 -43.25 35.61
C LEU I 40 33.68 -44.28 34.61
N GLN I 41 34.62 -45.08 34.09
CA GLN I 41 34.25 -46.23 33.24
C GLN I 41 34.01 -47.43 34.16
N PRO I 42 32.74 -47.92 34.21
CA PRO I 42 32.38 -48.96 35.17
C PRO I 42 33.07 -50.25 34.83
N THR I 43 33.44 -50.98 35.86
CA THR I 43 33.86 -52.37 35.69
C THR I 43 32.61 -53.14 35.32
N THR I 44 32.80 -54.24 34.60
CA THR I 44 31.68 -55.10 34.27
C THR I 44 30.98 -55.57 35.55
N GLU I 45 31.75 -55.81 36.61
CA GLU I 45 31.21 -56.06 37.94
C GLU I 45 30.21 -54.96 38.36
N GLN I 46 30.67 -53.71 38.36
CA GLN I 46 29.82 -52.53 38.63
C GLN I 46 28.54 -52.46 37.77
N ALA I 47 28.67 -52.77 36.48
CA ALA I 47 27.55 -52.83 35.55
C ALA I 47 26.52 -53.85 36.00
N GLN I 48 26.96 -55.09 36.11
CA GLN I 48 26.16 -56.19 36.69
C GLN I 48 25.47 -55.80 38.00
N GLY I 49 26.24 -55.25 38.93
CA GLY I 49 25.70 -54.73 40.18
C GLY I 49 24.57 -53.75 39.95
N HIS I 50 24.86 -52.59 39.34
CA HIS I 50 23.93 -51.50 39.14
C HIS I 50 22.62 -51.94 38.50
N TYR I 51 22.71 -52.83 37.52
CA TYR I 51 21.52 -53.42 36.91
C TYR I 51 21.02 -54.73 37.57
N LYS I 52 21.51 -55.09 38.76
CA LYS I 52 21.02 -56.25 39.57
C LYS I 52 19.60 -56.73 39.16
N ASP I 53 18.63 -55.81 39.18
CA ASP I 53 17.22 -56.11 39.04
C ASP I 53 16.79 -56.51 37.63
N LEU I 54 17.73 -56.49 36.70
CA LEU I 54 17.46 -56.95 35.35
C LEU I 54 18.24 -58.21 35.00
N CYS I 55 18.87 -58.84 36.00
CA CYS I 55 19.76 -60.00 35.78
C CYS I 55 19.13 -61.08 34.89
N SER I 56 17.83 -61.31 35.10
CA SER I 56 17.03 -62.33 34.42
C SER I 56 16.40 -61.94 33.05
N LYS I 57 16.46 -60.66 32.66
CA LYS I 57 15.97 -60.23 31.33
C LYS I 57 16.87 -60.68 30.22
N PRO I 58 16.30 -61.18 29.11
CA PRO I 58 17.06 -61.56 27.90
C PRO I 58 18.15 -60.59 27.41
N PHE I 59 17.93 -59.27 27.60
CA PHE I 59 18.89 -58.20 27.17
C PHE I 59 19.99 -57.88 28.17
N PHE I 60 19.94 -58.53 29.33
CA PHE I 60 20.88 -58.21 30.41
C PHE I 60 22.35 -58.38 29.99
N PRO I 61 22.68 -59.49 29.31
CA PRO I 61 24.10 -59.63 28.96
C PRO I 61 24.58 -58.45 28.16
N ALA I 62 23.87 -58.10 27.07
CA ALA I 62 24.19 -56.96 26.20
C ALA I 62 24.15 -55.62 26.90
N LEU I 63 23.13 -55.45 27.73
CA LEU I 63 22.97 -54.30 28.59
C LEU I 63 24.23 -54.00 29.41
N VAL I 64 24.78 -55.04 30.05
CA VAL I 64 25.90 -54.95 30.99
C VAL I 64 27.21 -54.64 30.28
N LYS I 65 27.41 -55.25 29.11
CA LYS I 65 28.61 -55.05 28.31
C LYS I 65 28.70 -53.59 27.86
N TYR I 66 27.52 -53.00 27.60
CA TYR I 66 27.49 -51.66 27.06
C TYR I 66 27.75 -50.61 28.12
N PHE I 67 27.09 -50.76 29.27
CA PHE I 67 27.31 -49.84 30.38
C PHE I 67 28.77 -49.84 30.93
N SER I 68 29.65 -50.68 30.40
CA SER I 68 30.99 -50.78 30.95
C SER I 68 32.06 -50.49 29.88
N SER I 69 31.58 -50.31 28.64
CA SER I 69 32.45 -50.06 27.49
C SER I 69 33.07 -48.67 27.52
N GLY I 70 32.50 -47.76 28.31
CA GLY I 70 33.05 -46.41 28.40
C GLY I 70 32.64 -45.54 29.58
N PRO I 71 33.10 -44.29 29.62
CA PRO I 71 32.75 -43.50 30.80
C PRO I 71 31.28 -43.11 30.81
N ILE I 72 30.74 -43.02 32.03
CA ILE I 72 29.38 -42.57 32.33
C ILE I 72 29.50 -41.47 33.35
N VAL I 73 28.46 -40.63 33.42
CA VAL I 73 28.48 -39.58 34.43
C VAL I 73 27.40 -39.91 35.43
N CYS I 74 27.79 -39.95 36.70
CA CYS I 74 26.86 -40.27 37.77
C CYS I 74 26.49 -38.99 38.45
N MET I 75 25.25 -38.83 38.84
CA MET I 75 24.86 -37.61 39.53
C MET I 75 23.83 -37.95 40.56
N VAL I 76 23.79 -37.16 41.62
CA VAL I 76 22.63 -37.23 42.52
C VAL I 76 21.97 -35.88 42.55
N TRP I 77 20.66 -35.91 42.39
CA TRP I 77 19.87 -34.72 42.38
C TRP I 77 18.89 -34.72 43.54
N GLU I 78 18.72 -33.55 44.15
CA GLU I 78 17.89 -33.41 45.33
C GLU I 78 16.78 -32.43 45.12
N GLY I 79 15.59 -32.80 45.59
CA GLY I 79 14.45 -31.92 45.69
C GLY I 79 13.15 -32.70 45.78
N LYS I 80 12.04 -31.95 45.86
CA LYS I 80 10.68 -32.47 45.97
C LYS I 80 10.26 -33.13 44.66
N ASN I 81 9.99 -34.43 44.76
CA ASN I 81 9.59 -35.23 43.62
C ASN I 81 10.66 -35.52 42.56
N VAL I 82 11.95 -35.32 42.85
CA VAL I 82 12.96 -35.58 41.81
C VAL I 82 12.89 -36.95 41.17
N VAL I 83 12.53 -37.97 41.93
CA VAL I 83 12.51 -39.30 41.33
C VAL I 83 11.50 -39.29 40.20
N LYS I 84 10.25 -38.98 40.53
CA LYS I 84 9.21 -39.06 39.50
C LYS I 84 9.46 -38.01 38.42
N SER I 85 9.88 -36.81 38.81
CA SER I 85 10.02 -35.78 37.79
C SER I 85 11.33 -35.86 37.02
N GLY I 86 12.29 -36.61 37.54
CA GLY I 86 13.50 -36.94 36.77
C GLY I 86 13.19 -37.94 35.66
N ARG I 87 12.29 -38.88 35.96
CA ARG I 87 11.86 -39.86 34.97
C ARG I 87 11.08 -39.15 33.85
N VAL I 88 10.27 -38.17 34.23
CA VAL I 88 9.60 -37.28 33.29
C VAL I 88 10.56 -36.38 32.46
N LEU I 89 11.66 -35.86 33.02
CA LEU I 89 12.63 -35.13 32.21
C LEU I 89 13.40 -36.05 31.21
N LEU I 90 13.57 -37.32 31.57
CA LEU I 90 14.17 -38.28 30.67
C LEU I 90 13.21 -38.64 29.56
N GLY I 91 11.92 -38.72 29.91
CA GLY I 91 10.92 -39.29 29.01
C GLY I 91 11.01 -40.81 28.95
N ALA I 92 10.11 -41.41 28.20
CA ALA I 92 10.00 -42.87 28.11
C ALA I 92 11.32 -43.59 27.83
N THR I 93 11.55 -44.63 28.62
CA THR I 93 12.71 -45.54 28.52
C THR I 93 12.97 -46.00 27.08
N ASN I 94 11.91 -46.28 26.34
CA ASN I 94 11.99 -46.56 24.92
C ASN I 94 11.77 -45.28 24.10
N PRO I 95 12.83 -44.73 23.50
CA PRO I 95 12.78 -43.45 22.76
C PRO I 95 11.70 -43.30 21.68
N ALA I 96 11.25 -44.42 21.11
CA ALA I 96 10.15 -44.41 20.12
C ALA I 96 8.87 -43.89 20.75
N ASP I 97 8.81 -44.03 22.07
CA ASP I 97 7.71 -43.60 22.90
C ASP I 97 7.95 -42.21 23.46
N SER I 98 9.20 -41.75 23.42
CA SER I 98 9.60 -40.47 24.04
C SER I 98 8.98 -39.27 23.33
N GLN I 99 8.71 -38.21 24.07
CA GLN I 99 8.12 -37.05 23.47
C GLN I 99 9.15 -35.94 23.40
N PRO I 100 9.14 -35.19 22.30
CA PRO I 100 10.04 -34.07 22.19
C PRO I 100 9.79 -33.13 23.37
N GLY I 101 10.85 -32.45 23.80
CA GLY I 101 10.91 -31.80 25.09
C GLY I 101 11.62 -32.68 26.14
N THR I 102 11.62 -34.00 25.97
CA THR I 102 12.33 -34.85 26.96
C THR I 102 13.69 -35.12 26.39
N ILE I 103 14.57 -35.69 27.20
CA ILE I 103 15.93 -35.95 26.79
C ILE I 103 15.99 -37.05 25.70
N ARG I 104 15.34 -38.18 25.97
CA ARG I 104 15.24 -39.24 24.99
C ARG I 104 14.44 -38.84 23.79
N GLY I 105 13.40 -38.03 24.02
CA GLY I 105 12.57 -37.47 22.94
C GLY I 105 13.32 -36.53 22.02
N ASP I 106 14.22 -35.72 22.57
CA ASP I 106 15.09 -34.90 21.75
C ASP I 106 16.33 -35.61 21.16
N PHE I 107 16.86 -36.64 21.84
CA PHE I 107 18.19 -37.08 21.52
C PHE I 107 18.37 -38.55 21.13
N ALA I 108 17.41 -39.41 21.44
CA ALA I 108 17.63 -40.87 21.33
C ALA I 108 16.72 -41.54 20.33
N VAL I 109 17.10 -42.71 19.85
CA VAL I 109 16.30 -43.44 18.84
C VAL I 109 15.97 -44.90 19.28
N ASP I 110 16.97 -45.59 19.83
CA ASP I 110 16.94 -47.00 20.25
C ASP I 110 17.03 -47.19 21.78
N VAL I 111 16.26 -48.12 22.33
CA VAL I 111 16.36 -48.43 23.77
C VAL I 111 17.77 -48.78 24.28
N GLY I 112 18.58 -49.47 23.49
CA GLY I 112 19.92 -49.82 23.89
C GLY I 112 20.93 -48.70 23.71
N ARG I 113 20.46 -47.59 23.16
CA ARG I 113 21.24 -46.34 23.21
C ARG I 113 20.26 -45.23 23.65
N ASN I 114 19.92 -45.22 24.93
CA ASN I 114 18.90 -44.31 25.44
C ASN I 114 19.49 -43.25 26.35
N VAL I 115 20.80 -43.07 26.20
CA VAL I 115 21.55 -41.84 26.55
C VAL I 115 21.75 -41.55 28.00
N CYS I 116 20.76 -41.90 28.80
CA CYS I 116 20.73 -41.57 30.22
CA CYS I 116 20.71 -41.54 30.22
C CYS I 116 19.79 -42.51 30.98
N HIS I 117 20.06 -42.69 32.27
CA HIS I 117 19.28 -43.54 33.15
C HIS I 117 18.82 -42.73 34.37
N GLY I 118 17.64 -43.08 34.87
CA GLY I 118 17.14 -42.55 36.14
C GLY I 118 16.32 -43.52 36.99
N SER I 119 16.59 -43.52 38.28
CA SER I 119 15.81 -44.30 39.23
C SER I 119 14.32 -44.34 38.95
N ASP I 120 13.75 -45.54 39.02
CA ASP I 120 12.30 -45.79 38.81
C ASP I 120 11.41 -45.60 40.05
N SER I 121 12.04 -45.42 41.22
CA SER I 121 11.32 -45.26 42.47
C SER I 121 12.26 -44.67 43.50
N VAL I 122 11.75 -44.23 44.63
CA VAL I 122 12.64 -43.74 45.67
C VAL I 122 13.50 -44.81 46.32
N GLU I 123 13.02 -46.06 46.34
CA GLU I 123 13.76 -47.21 46.92
C GLU I 123 14.98 -47.59 46.05
N SER I 124 14.77 -47.72 44.74
CA SER I 124 15.88 -47.90 43.81
C SER I 124 16.88 -46.74 43.79
N ALA I 125 16.42 -45.52 44.04
CA ALA I 125 17.35 -44.40 44.05
C ALA I 125 18.23 -44.53 45.26
N GLU I 126 17.63 -44.79 46.41
CA GLU I 126 18.38 -44.89 47.68
C GLU I 126 19.44 -45.97 47.64
N ARG I 127 19.16 -47.02 46.85
CA ARG I 127 20.09 -48.08 46.57
C ARG I 127 21.21 -47.68 45.61
N GLU I 128 20.84 -46.98 44.52
CA GLU I 128 21.80 -46.58 43.49
C GLU I 128 22.76 -45.49 43.96
N ILE I 129 22.32 -44.63 44.87
CA ILE I 129 23.21 -43.62 45.41
C ILE I 129 24.25 -44.30 46.32
N ALA I 130 23.77 -45.19 47.18
CA ALA I 130 24.65 -46.06 47.99
C ALA I 130 25.59 -46.96 47.14
N PHE I 131 25.08 -47.52 46.04
CA PHE I 131 25.90 -48.36 45.16
C PHE I 131 27.03 -47.57 44.51
N TRP I 132 26.71 -46.36 44.09
CA TRP I 132 27.60 -45.55 43.27
C TRP I 132 28.45 -44.56 44.09
N PHE I 133 27.90 -44.05 45.18
CA PHE I 133 28.55 -43.01 45.96
C PHE I 133 28.66 -43.34 47.44
N LYS I 134 29.82 -43.04 48.03
CA LYS I 134 29.99 -43.05 49.48
C LYS I 134 29.33 -41.79 50.00
N ALA I 135 28.83 -41.83 51.23
CA ALA I 135 28.07 -40.72 51.85
C ALA I 135 28.93 -39.49 52.15
N ASP I 136 30.25 -39.69 52.16
CA ASP I 136 31.22 -38.60 52.14
C ASP I 136 31.00 -37.83 50.84
N GLU I 137 31.02 -38.55 49.72
CA GLU I 137 30.99 -37.94 48.37
C GLU I 137 29.72 -37.10 48.09
N ILE I 138 28.74 -37.16 48.98
CA ILE I 138 27.52 -36.42 48.82
C ILE I 138 27.67 -35.06 49.48
N ALA I 139 27.39 -34.00 48.71
CA ALA I 139 27.53 -32.63 49.21
C ALA I 139 26.27 -32.14 49.88
N SER I 140 26.46 -31.48 51.03
CA SER I 140 25.35 -30.89 51.78
C SER I 140 25.36 -29.38 51.68
N TRP I 141 24.39 -28.82 50.95
CA TRP I 141 24.22 -27.36 50.81
C TRP I 141 22.77 -26.95 50.71
N THR I 142 22.50 -25.66 50.94
CA THR I 142 21.19 -25.07 50.68
C THR I 142 21.30 -24.03 49.57
N SER I 143 20.35 -24.06 48.64
CA SER I 143 20.37 -23.17 47.49
C SER I 143 19.85 -21.79 47.91
N HIS I 144 20.56 -20.72 47.52
CA HIS I 144 20.15 -19.34 47.83
C HIS I 144 18.74 -19.04 47.34
N SER I 145 18.29 -19.80 46.35
CA SER I 145 16.94 -19.65 45.82
C SER I 145 15.94 -20.75 46.22
N VAL I 146 16.17 -21.44 47.35
CA VAL I 146 15.22 -22.47 47.85
C VAL I 146 13.79 -21.94 47.98
N SER I 147 13.67 -20.73 48.50
CA SER I 147 12.39 -20.06 48.72
C SER I 147 11.69 -19.51 47.44
N GLN I 148 12.39 -19.53 46.31
CA GLN I 148 11.81 -19.16 45.02
C GLN I 148 11.21 -20.36 44.30
N ILE I 149 11.60 -21.55 44.76
CA ILE I 149 11.30 -22.82 44.12
C ILE I 149 10.27 -23.61 44.94
N TYR I 150 10.37 -23.56 46.26
CA TYR I 150 9.44 -24.25 47.16
C TYR I 150 8.70 -23.31 48.09
N GLU I 151 7.40 -23.56 48.27
CA GLU I 151 6.55 -22.68 49.08
C GLU I 151 7.05 -22.57 50.54
N SER J 3 22.16 1.25 42.98
CA SER J 3 23.37 1.29 42.06
C SER J 3 23.07 2.03 40.73
N GLU J 4 24.00 2.02 39.78
CA GLU J 4 23.68 2.64 38.49
C GLU J 4 22.58 1.96 37.68
N ARG J 5 22.02 2.73 36.76
CA ARG J 5 20.89 2.31 35.95
C ARG J 5 21.20 2.67 34.54
N THR J 6 20.66 1.91 33.62
CA THR J 6 20.80 2.25 32.23
C THR J 6 19.46 2.07 31.52
N PHE J 7 19.29 2.80 30.43
CA PHE J 7 18.14 2.70 29.60
C PHE J 7 18.44 1.86 28.36
N ILE J 8 17.62 0.84 28.11
CA ILE J 8 17.78 0.01 26.93
C ILE J 8 16.49 0.06 26.18
N ALA J 9 16.52 0.25 24.88
CA ALA J 9 15.29 0.19 24.11
C ALA J 9 15.45 -0.79 22.99
N VAL J 10 14.46 -1.65 22.82
CA VAL J 10 14.41 -2.48 21.64
C VAL J 10 13.73 -1.63 20.61
N LYS J 11 14.49 -1.15 19.64
CA LYS J 11 13.92 -0.33 18.57
C LYS J 11 12.81 -1.02 17.76
N PRO J 12 12.05 -0.26 16.95
CA PRO J 12 10.86 -0.89 16.25
C PRO J 12 11.14 -2.13 15.42
N ASP J 13 12.34 -2.21 14.89
CA ASP J 13 12.72 -3.39 14.08
C ASP J 13 13.07 -4.58 14.96
N GLY J 14 13.67 -4.33 16.14
CA GLY J 14 13.80 -5.36 17.17
C GLY J 14 12.46 -5.99 17.56
N VAL J 15 11.37 -5.20 17.65
CA VAL J 15 10.10 -5.73 18.06
C VAL J 15 9.48 -6.54 16.93
N GLN J 16 9.58 -6.06 15.70
CA GLN J 16 9.01 -6.77 14.56
C GLN J 16 9.66 -8.11 14.30
N ARG J 17 10.92 -8.22 14.68
CA ARG J 17 11.70 -9.39 14.30
C ARG J 17 11.70 -10.41 15.41
N GLY J 18 10.99 -10.10 16.49
CA GLY J 18 10.83 -11.05 17.59
C GLY J 18 12.01 -11.20 18.51
N LEU J 19 12.66 -10.09 18.84
CA LEU J 19 13.95 -10.10 19.52
C LEU J 19 13.89 -9.68 21.00
N VAL J 20 12.69 -9.28 21.45
CA VAL J 20 12.51 -8.69 22.79
C VAL J 20 12.96 -9.66 23.89
N GLY J 21 12.47 -10.89 23.85
CA GLY J 21 12.93 -11.97 24.73
C GLY J 21 14.43 -12.24 24.78
N GLU J 22 15.05 -12.46 23.61
CA GLU J 22 16.49 -12.62 23.56
C GLU J 22 17.22 -11.50 24.30
N ILE J 23 16.96 -10.26 23.92
CA ILE J 23 17.59 -9.13 24.61
C ILE J 23 17.35 -9.16 26.15
N ILE J 24 16.11 -9.34 26.60
CA ILE J 24 15.85 -9.33 28.04
C ILE J 24 16.59 -10.48 28.74
N ALA J 25 16.57 -11.64 28.14
CA ALA J 25 17.27 -12.76 28.70
C ALA J 25 18.79 -12.48 28.77
N ARG J 26 19.34 -11.76 27.78
CA ARG J 26 20.81 -11.53 27.85
C ARG J 26 21.23 -10.73 29.07
N PHE J 27 20.49 -9.68 29.37
CA PHE J 27 20.75 -8.91 30.56
C PHE J 27 20.49 -9.66 31.84
N GLU J 28 19.51 -10.56 31.85
CA GLU J 28 19.18 -11.38 33.06
C GLU J 28 20.26 -12.41 33.36
N ARG J 29 20.73 -13.11 32.34
CA ARG J 29 21.80 -14.05 32.50
C ARG J 29 22.99 -13.36 33.10
N LYS J 30 23.25 -12.16 32.61
CA LYS J 30 24.43 -11.40 32.90
C LYS J 30 24.45 -11.01 34.37
N GLY J 31 23.28 -11.01 35.00
CA GLY J 31 23.20 -10.66 36.40
C GLY J 31 22.50 -9.35 36.77
N TYR J 32 21.95 -8.63 35.77
CA TYR J 32 21.35 -7.31 36.02
C TYR J 32 19.88 -7.37 36.40
N LYS J 33 19.40 -6.33 37.07
CA LYS J 33 18.08 -6.31 37.69
C LYS J 33 17.09 -5.40 36.94
N LEU J 34 15.99 -5.99 36.50
CA LEU J 34 14.99 -5.25 35.70
C LEU J 34 14.15 -4.41 36.64
N VAL J 35 13.97 -3.14 36.29
CA VAL J 35 13.30 -2.21 37.19
C VAL J 35 12.28 -1.34 36.49
N ALA J 36 12.17 -1.45 35.16
CA ALA J 36 11.03 -0.83 34.49
C ALA J 36 10.95 -1.25 33.05
N LEU J 37 9.72 -1.38 32.59
CA LEU J 37 9.39 -2.06 31.35
C LEU J 37 8.09 -1.48 30.81
N LYS J 38 8.06 -1.20 29.51
CA LYS J 38 6.96 -0.46 28.90
C LYS J 38 7.07 -0.75 27.38
N ILE J 39 5.96 -1.08 26.72
CA ILE J 39 5.94 -1.13 25.25
C ILE J 39 5.04 -0.04 24.77
N LEU J 40 5.58 0.85 23.94
CA LEU J 40 4.83 1.99 23.33
C LEU J 40 5.40 2.45 21.98
N GLN J 41 4.56 3.05 21.16
CA GLN J 41 5.00 3.73 19.95
C GLN J 41 5.35 5.18 20.26
N PRO J 42 6.64 5.56 20.17
CA PRO J 42 7.05 6.92 20.47
C PRO J 42 6.39 7.87 19.48
N THR J 43 5.90 9.02 19.97
CA THR J 43 5.53 10.15 19.08
C THR J 43 6.76 10.77 18.41
N THR J 44 6.56 11.50 17.32
CA THR J 44 7.67 12.23 16.68
C THR J 44 8.42 13.07 17.69
N GLU J 45 7.65 13.69 18.60
CA GLU J 45 8.20 14.49 19.69
C GLU J 45 9.14 13.63 20.52
N GLN J 46 8.62 12.48 20.98
CA GLN J 46 9.44 11.56 21.77
C GLN J 46 10.71 11.15 21.00
N ALA J 47 10.55 10.82 19.72
CA ALA J 47 11.68 10.38 18.94
C ALA J 47 12.74 11.48 18.86
N GLN J 48 12.26 12.71 18.62
CA GLN J 48 13.14 13.86 18.40
C GLN J 48 13.81 14.24 19.69
N GLY J 49 13.04 14.24 20.78
CA GLY J 49 13.60 14.50 22.09
C GLY J 49 14.66 13.47 22.45
N HIS J 50 14.39 12.21 22.14
CA HIS J 50 15.30 11.16 22.48
C HIS J 50 16.57 11.35 21.70
N TYR J 51 16.44 11.74 20.44
CA TYR J 51 17.62 11.90 19.61
C TYR J 51 18.23 13.33 19.52
N LYS J 52 17.90 14.17 20.51
CA LYS J 52 18.49 15.52 20.70
C LYS J 52 19.86 15.73 20.04
N ASP J 53 20.87 15.02 20.55
CA ASP J 53 22.25 15.19 20.06
C ASP J 53 22.42 15.14 18.55
N LEU J 54 21.63 14.29 17.89
CA LEU J 54 21.82 14.00 16.49
C LEU J 54 20.98 14.86 15.52
N CYS J 55 20.23 15.84 16.02
CA CYS J 55 19.36 16.68 15.19
C CYS J 55 20.23 17.71 14.51
N SER J 56 20.68 17.40 13.30
CA SER J 56 21.82 18.08 12.70
C SER J 56 22.53 17.10 11.79
N LYS J 57 22.55 15.83 12.21
CA LYS J 57 23.16 14.78 11.41
C LYS J 57 22.17 14.44 10.31
N PRO J 58 22.65 14.20 9.09
CA PRO J 58 21.75 14.06 7.93
C PRO J 58 20.78 12.86 7.91
N PHE J 59 21.01 11.87 8.77
CA PHE J 59 20.13 10.66 8.88
C PHE J 59 19.04 10.86 9.92
N PHE J 60 19.18 11.93 10.71
CA PHE J 60 18.21 12.24 11.74
C PHE J 60 16.73 12.14 11.29
N PRO J 61 16.37 12.77 10.18
CA PRO J 61 14.94 12.66 9.87
C PRO J 61 14.47 11.24 9.67
N ALA J 62 15.31 10.39 9.10
CA ALA J 62 14.93 9.01 8.82
C ALA J 62 14.88 8.17 10.09
N LEU J 63 15.71 8.48 11.07
CA LEU J 63 15.65 7.71 12.29
C LEU J 63 14.46 8.10 13.13
N VAL J 64 14.22 9.41 13.24
CA VAL J 64 13.00 9.91 13.85
C VAL J 64 11.74 9.26 13.27
N LYS J 65 11.64 9.25 11.94
CA LYS J 65 10.54 8.63 11.28
C LYS J 65 10.49 7.14 11.65
N TYR J 66 11.63 6.45 11.53
CA TYR J 66 11.63 5.01 11.73
C TYR J 66 11.29 4.63 13.18
N PHE J 67 11.86 5.37 14.13
CA PHE J 67 11.82 5.10 15.57
C PHE J 67 10.43 5.38 16.11
N SER J 68 9.61 6.03 15.30
CA SER J 68 8.29 6.48 15.72
C SER J 68 7.24 5.79 14.85
N SER J 69 7.65 4.79 14.09
CA SER J 69 6.77 4.10 13.14
C SER J 69 6.06 2.86 13.76
N GLY J 70 6.52 2.41 14.93
CA GLY J 70 5.85 1.32 15.59
C GLY J 70 6.35 1.21 16.99
N PRO J 71 5.96 0.14 17.70
CA PRO J 71 6.34 -0.09 19.08
C PRO J 71 7.82 -0.23 19.35
N ILE J 72 8.26 0.33 20.48
CA ILE J 72 9.56 0.03 21.06
C ILE J 72 9.37 -0.52 22.47
N VAL J 73 10.34 -1.31 22.94
CA VAL J 73 10.29 -1.80 24.31
C VAL J 73 11.34 -1.04 25.13
N CYS J 74 10.87 -0.13 25.98
CA CYS J 74 11.76 0.59 26.86
C CYS J 74 12.06 -0.25 28.06
N MET J 75 13.26 -0.14 28.60
CA MET J 75 13.61 -0.85 29.83
C MET J 75 14.61 -0.01 30.61
N VAL J 76 14.79 -0.35 31.88
CA VAL J 76 15.83 0.19 32.72
C VAL J 76 16.38 -0.98 33.51
N TRP J 77 17.68 -1.18 33.39
CA TRP J 77 18.36 -2.22 34.13
C TRP J 77 19.21 -1.61 35.22
N GLU J 78 19.47 -2.35 36.27
CA GLU J 78 20.19 -1.79 37.38
C GLU J 78 21.30 -2.76 37.85
N GLY J 79 22.45 -2.21 38.21
CA GLY J 79 23.59 -3.02 38.59
C GLY J 79 24.90 -2.30 38.35
N LYS J 80 25.95 -2.85 38.97
CA LYS J 80 27.28 -2.30 38.92
C LYS J 80 27.78 -2.43 37.48
N ASN J 81 28.23 -1.32 36.91
CA ASN J 81 28.71 -1.26 35.52
C ASN J 81 27.68 -1.45 34.40
N VAL J 82 26.40 -1.28 34.72
CA VAL J 82 25.35 -1.50 33.72
C VAL J 82 25.52 -0.68 32.50
N VAL J 83 25.74 0.62 32.64
CA VAL J 83 25.83 1.45 31.45
C VAL J 83 26.88 0.87 30.56
N LYS J 84 28.03 0.56 31.13
CA LYS J 84 29.13 0.05 30.32
C LYS J 84 28.88 -1.38 29.85
N SER J 85 28.39 -2.26 30.72
CA SER J 85 28.07 -3.63 30.27
C SER J 85 26.95 -3.65 29.23
N GLY J 86 25.95 -2.79 29.42
CA GLY J 86 24.84 -2.64 28.51
C GLY J 86 25.38 -2.49 27.10
N ARG J 87 26.17 -1.43 26.90
CA ARG J 87 26.74 -1.14 25.58
C ARG J 87 27.54 -2.33 25.02
N VAL J 88 28.35 -2.95 25.89
CA VAL J 88 29.16 -4.09 25.49
C VAL J 88 28.26 -5.25 25.08
N LEU J 89 27.19 -5.52 25.83
CA LEU J 89 26.19 -6.50 25.45
C LEU J 89 25.56 -6.25 24.05
N LEU J 90 25.32 -4.99 23.72
CA LEU J 90 24.58 -4.66 22.50
C LEU J 90 25.48 -4.72 21.28
N GLY J 91 26.73 -4.35 21.52
CA GLY J 91 27.75 -4.36 20.49
C GLY J 91 27.91 -2.97 19.93
N ALA J 92 28.87 -2.82 19.01
CA ALA J 92 29.10 -1.58 18.31
C ALA J 92 27.80 -1.08 17.69
N THR J 93 27.65 0.23 17.62
CA THR J 93 26.47 0.83 17.01
C THR J 93 26.29 0.41 15.54
N ASN J 94 27.36 0.38 14.77
CA ASN J 94 27.30 -0.10 13.40
C ASN J 94 27.50 -1.61 13.46
N PRO J 95 26.50 -2.39 12.98
CA PRO J 95 26.64 -3.83 12.90
C PRO J 95 27.95 -4.29 12.26
N ALA J 96 28.48 -3.52 11.33
CA ALA J 96 29.74 -3.85 10.64
C ALA J 96 30.90 -4.09 11.57
N ASP J 97 31.01 -3.26 12.59
CA ASP J 97 32.14 -3.25 13.51
C ASP J 97 31.85 -4.02 14.79
N SER J 98 30.74 -4.76 14.80
CA SER J 98 30.27 -5.42 16.03
C SER J 98 30.53 -6.91 16.06
N GLN J 99 31.08 -7.42 17.16
CA GLN J 99 31.49 -8.85 17.27
C GLN J 99 30.33 -9.82 17.49
N PRO J 100 30.41 -11.06 16.92
CA PRO J 100 29.46 -12.14 17.27
C PRO J 100 29.51 -12.35 18.76
N GLY J 101 28.44 -12.87 19.34
CA GLY J 101 28.34 -12.80 20.78
C GLY J 101 27.50 -11.62 21.19
N THR J 102 27.46 -10.57 20.38
CA THR J 102 26.70 -9.36 20.78
C THR J 102 25.37 -9.37 20.07
N ILE J 103 24.44 -8.55 20.55
CA ILE J 103 23.14 -8.47 19.96
C ILE J 103 23.18 -8.03 18.52
N ARG J 104 23.80 -6.87 18.23
CA ARG J 104 23.89 -6.40 16.83
C ARG J 104 24.79 -7.26 15.97
N GLY J 105 25.79 -7.88 16.59
CA GLY J 105 26.64 -8.82 15.87
C GLY J 105 25.85 -10.06 15.52
N ASP J 106 24.96 -10.46 16.45
CA ASP J 106 24.17 -11.62 16.20
C ASP J 106 23.01 -11.35 15.22
N PHE J 107 22.34 -10.21 15.30
CA PHE J 107 21.07 -10.08 14.58
C PHE J 107 20.92 -8.99 13.51
N ALA J 108 21.91 -8.12 13.42
CA ALA J 108 21.74 -6.84 12.75
C ALA J 108 22.70 -6.66 11.58
N VAL J 109 22.22 -6.09 10.48
CA VAL J 109 23.11 -5.85 9.37
C VAL J 109 23.36 -4.36 9.19
N ASP J 110 22.27 -3.60 9.04
CA ASP J 110 22.32 -2.15 8.72
C ASP J 110 22.35 -1.25 9.97
N VAL J 111 23.04 -0.11 9.91
CA VAL J 111 23.12 0.78 11.09
C VAL J 111 21.78 1.47 11.35
N GLY J 112 20.93 1.48 10.31
CA GLY J 112 19.62 2.09 10.39
C GLY J 112 18.54 1.12 10.83
N ARG J 113 18.89 -0.15 10.85
CA ARG J 113 18.04 -1.16 11.50
C ARG J 113 18.87 -1.95 12.51
N ASN J 114 19.37 -1.25 13.53
CA ASN J 114 20.28 -1.84 14.52
C ASN J 114 19.62 -2.35 15.79
N VAL J 115 18.35 -2.70 15.67
CA VAL J 115 17.56 -3.48 16.63
C VAL J 115 17.44 -3.06 18.09
N CYS J 116 18.34 -2.27 18.63
CA CYS J 116 18.17 -1.81 19.98
C CYS J 116 19.08 -0.64 20.34
N HIS J 117 18.86 -0.02 21.48
CA HIS J 117 19.57 1.17 21.87
C HIS J 117 20.02 0.99 23.29
N GLY J 118 21.18 1.54 23.64
CA GLY J 118 21.63 1.68 25.03
C GLY J 118 22.32 3.03 25.29
N SER J 119 22.28 3.46 26.54
CA SER J 119 22.80 4.75 26.90
C SER J 119 24.31 4.81 26.74
N ASP J 120 24.82 5.85 26.08
CA ASP J 120 26.27 5.95 25.91
C ASP J 120 27.08 6.13 27.22
N SER J 121 26.45 6.62 28.29
CA SER J 121 27.16 6.93 29.55
C SER J 121 26.13 7.11 30.62
N VAL J 122 26.58 7.32 31.86
CA VAL J 122 25.62 7.53 32.97
C VAL J 122 24.85 8.84 32.92
N GLU J 123 25.50 9.93 32.58
CA GLU J 123 24.77 11.17 32.36
C GLU J 123 23.55 10.96 31.43
N SER J 124 23.82 10.29 30.32
CA SER J 124 22.87 10.00 29.26
C SER J 124 21.82 8.99 29.73
N ALA J 125 22.25 8.00 30.51
CA ALA J 125 21.29 7.07 31.10
C ALA J 125 20.23 7.82 31.91
N GLU J 126 20.67 8.73 32.76
CA GLU J 126 19.76 9.35 33.68
C GLU J 126 18.80 10.29 32.97
N ARG J 127 19.22 10.87 31.85
CA ARG J 127 18.32 11.74 31.11
C ARG J 127 17.28 10.91 30.32
N GLU J 128 17.72 9.81 29.73
CA GLU J 128 16.86 8.90 29.00
C GLU J 128 15.86 8.25 29.92
N ILE J 129 16.26 7.95 31.16
CA ILE J 129 15.35 7.34 32.11
C ILE J 129 14.23 8.31 32.54
N ALA J 130 14.62 9.49 33.01
CA ALA J 130 13.65 10.51 33.42
C ALA J 130 12.72 10.86 32.25
N PHE J 131 13.27 10.85 31.04
CA PHE J 131 12.55 11.20 29.81
C PHE J 131 11.44 10.22 29.49
N TRP J 132 11.73 8.93 29.61
CA TRP J 132 10.76 7.90 29.21
C TRP J 132 9.93 7.30 30.33
N PHE J 133 10.35 7.43 31.57
CA PHE J 133 9.62 6.84 32.67
C PHE J 133 9.37 7.87 33.76
N LYS J 134 8.18 7.85 34.35
CA LYS J 134 7.94 8.56 35.62
C LYS J 134 8.61 7.77 36.75
N ALA J 135 8.88 8.43 37.87
CA ALA J 135 9.66 7.84 38.96
C ALA J 135 9.02 6.64 39.65
N ASP J 136 7.70 6.61 39.65
CA ASP J 136 6.94 5.55 40.30
C ASP J 136 6.55 4.44 39.29
N GLU J 137 7.26 4.43 38.17
CA GLU J 137 7.17 3.39 37.18
C GLU J 137 8.37 2.49 37.36
N ILE J 138 9.29 2.95 38.19
CA ILE J 138 10.52 2.24 38.48
C ILE J 138 10.33 1.42 39.75
N ALA J 139 10.26 0.10 39.56
CA ALA J 139 10.14 -0.82 40.69
C ALA J 139 11.46 -0.89 41.44
N SER J 140 11.33 -1.06 42.74
CA SER J 140 12.44 -1.13 43.65
C SER J 140 12.32 -2.46 44.33
N TRP J 141 13.31 -3.31 44.11
CA TRP J 141 13.30 -4.63 44.68
C TRP J 141 14.71 -5.12 44.89
N THR J 142 14.82 -6.23 45.61
CA THR J 142 16.07 -6.86 45.87
C THR J 142 16.07 -8.22 45.17
N SER J 143 17.09 -8.49 44.36
CA SER J 143 17.21 -9.76 43.66
C SER J 143 17.75 -10.78 44.63
N HIS J 144 16.91 -11.75 45.00
CA HIS J 144 17.34 -12.81 45.91
C HIS J 144 18.78 -13.30 45.67
N SER J 145 19.28 -13.06 44.45
CA SER J 145 20.65 -13.44 44.01
C SER J 145 21.72 -12.34 44.16
N VAL J 146 21.39 -11.24 44.82
CA VAL J 146 22.33 -10.12 44.98
C VAL J 146 23.76 -10.55 45.46
N SER J 147 23.85 -11.37 46.50
CA SER J 147 25.17 -11.78 47.06
C SER J 147 25.94 -12.80 46.21
N GLN J 148 25.26 -13.42 45.23
CA GLN J 148 25.91 -14.35 44.31
C GLN J 148 26.49 -13.55 43.16
N ILE J 149 25.91 -12.37 42.92
CA ILE J 149 26.38 -11.54 41.83
C ILE J 149 27.43 -10.55 42.33
N TYR J 150 27.31 -10.13 43.58
CA TYR J 150 28.22 -9.13 44.13
C TYR J 150 28.96 -9.54 45.41
N SER K 3 -7.09 -11.33 16.45
CA SER K 3 -7.28 -10.29 17.54
C SER K 3 -8.19 -10.77 18.69
N GLU K 4 -7.82 -11.92 19.26
CA GLU K 4 -8.13 -12.33 20.62
C GLU K 4 -6.90 -11.88 21.47
N ARG K 5 -7.12 -11.52 22.71
CA ARG K 5 -6.01 -11.18 23.61
C ARG K 5 -6.01 -12.08 24.84
N THR K 6 -4.83 -12.30 25.43
CA THR K 6 -4.73 -13.00 26.71
C THR K 6 -3.82 -12.25 27.67
N PHE K 7 -3.97 -12.48 28.96
CA PHE K 7 -3.13 -11.85 29.98
C PHE K 7 -2.07 -12.85 30.44
N ILE K 8 -0.80 -12.45 30.37
CA ILE K 8 0.25 -13.27 30.95
C ILE K 8 1.04 -12.52 32.04
N ALA K 9 1.48 -13.24 33.07
CA ALA K 9 2.18 -12.56 34.14
C ALA K 9 3.27 -13.40 34.75
N VAL K 10 4.51 -13.05 34.52
CA VAL K 10 5.55 -13.73 35.23
C VAL K 10 5.43 -13.33 36.71
N LYS K 11 5.27 -14.35 37.56
CA LYS K 11 5.12 -14.15 38.99
C LYS K 11 6.46 -13.90 39.73
N PRO K 12 6.41 -13.62 41.03
CA PRO K 12 7.60 -13.16 41.71
C PRO K 12 8.75 -14.14 41.68
N ASP K 13 8.43 -15.45 41.71
CA ASP K 13 9.45 -16.50 41.62
C ASP K 13 10.01 -16.47 40.21
N GLY K 14 9.13 -16.29 39.23
CA GLY K 14 9.52 -16.22 37.84
C GLY K 14 10.47 -15.08 37.55
N VAL K 15 10.12 -13.90 38.03
CA VAL K 15 11.01 -12.74 37.91
C VAL K 15 12.35 -12.94 38.65
N GLN K 16 12.27 -13.40 39.91
CA GLN K 16 13.46 -13.62 40.75
C GLN K 16 14.43 -14.60 40.09
N ARG K 17 13.87 -15.60 39.44
CA ARG K 17 14.68 -16.61 38.80
C ARG K 17 15.11 -16.26 37.36
N GLY K 18 14.72 -15.10 36.83
CA GLY K 18 15.33 -14.62 35.59
C GLY K 18 14.69 -15.26 34.37
N LEU K 19 13.44 -15.68 34.53
CA LEU K 19 12.73 -16.35 33.47
C LEU K 19 11.97 -15.41 32.53
N VAL K 20 12.08 -14.10 32.73
CA VAL K 20 11.23 -13.16 31.94
C VAL K 20 11.52 -13.22 30.44
N GLY K 21 12.78 -13.01 30.07
CA GLY K 21 13.21 -13.13 28.65
C GLY K 21 12.82 -14.44 28.00
N GLU K 22 13.06 -15.54 28.71
CA GLU K 22 12.67 -16.88 28.28
C GLU K 22 11.19 -17.04 27.96
N ILE K 23 10.32 -16.65 28.89
CA ILE K 23 8.87 -16.71 28.68
C ILE K 23 8.48 -15.82 27.50
N ILE K 24 9.07 -14.62 27.37
CA ILE K 24 8.72 -13.74 26.27
C ILE K 24 9.13 -14.35 24.96
N ALA K 25 10.29 -14.97 24.94
CA ALA K 25 10.77 -15.53 23.67
C ALA K 25 9.84 -16.61 23.15
N ARG K 26 9.31 -17.48 24.01
CA ARG K 26 8.44 -18.58 23.53
C ARG K 26 7.15 -18.13 22.83
N PHE K 27 6.40 -17.24 23.49
CA PHE K 27 5.21 -16.58 22.85
C PHE K 27 5.66 -15.87 21.56
N GLU K 28 6.78 -15.12 21.60
CA GLU K 28 7.28 -14.48 20.36
C GLU K 28 7.46 -15.49 19.21
N ARG K 29 8.15 -16.58 19.48
CA ARG K 29 8.52 -17.50 18.43
C ARG K 29 7.33 -18.34 17.90
N LYS K 30 6.26 -18.42 18.68
CA LYS K 30 5.02 -19.13 18.33
C LYS K 30 4.23 -18.33 17.32
N GLY K 31 4.56 -17.04 17.30
CA GLY K 31 3.97 -16.12 16.37
C GLY K 31 3.04 -15.06 16.91
N TYR K 32 2.87 -14.96 18.25
CA TYR K 32 1.95 -14.03 18.87
C TYR K 32 2.56 -12.67 19.07
N LYS K 33 1.69 -11.68 19.28
CA LYS K 33 2.06 -10.28 19.23
C LYS K 33 2.04 -9.66 20.58
N LEU K 34 3.12 -8.98 20.97
CA LEU K 34 3.21 -8.33 22.27
C LEU K 34 2.52 -6.99 22.15
N VAL K 35 1.63 -6.69 23.11
CA VAL K 35 0.74 -5.55 22.97
C VAL K 35 0.71 -4.64 24.18
N ALA K 36 1.30 -5.12 25.28
CA ALA K 36 1.35 -4.42 26.57
C ALA K 36 2.36 -5.11 27.47
N LEU K 37 2.93 -4.40 28.44
CA LEU K 37 4.10 -4.89 29.14
C LEU K 37 4.43 -3.97 30.30
N LYS K 38 4.62 -4.49 31.50
CA LYS K 38 5.13 -3.61 32.51
C LYS K 38 5.56 -4.39 33.70
N ILE K 39 6.44 -3.83 34.52
CA ILE K 39 6.86 -4.50 35.74
C ILE K 39 6.40 -3.69 36.96
N LEU K 40 5.87 -4.38 37.98
CA LEU K 40 5.55 -3.72 39.24
C LEU K 40 5.42 -4.76 40.33
N GLN K 41 5.68 -4.32 41.56
CA GLN K 41 5.28 -5.12 42.71
C GLN K 41 3.83 -4.79 43.05
N PRO K 42 2.94 -5.78 42.91
CA PRO K 42 1.52 -5.61 43.20
C PRO K 42 1.24 -5.23 44.65
N THR K 43 0.25 -4.39 44.87
CA THR K 43 -0.26 -4.14 46.23
C THR K 43 -1.07 -5.36 46.66
N THR K 44 -1.22 -5.56 47.96
CA THR K 44 -2.16 -6.58 48.47
C THR K 44 -3.59 -6.31 47.93
N GLU K 45 -3.99 -5.05 47.85
CA GLU K 45 -5.17 -4.66 47.08
C GLU K 45 -5.17 -5.38 45.71
N GLN K 46 -4.23 -4.98 44.86
CA GLN K 46 -4.12 -5.49 43.48
C GLN K 46 -3.98 -7.00 43.41
N ALA K 47 -3.26 -7.59 44.37
CA ALA K 47 -3.16 -9.05 44.47
C ALA K 47 -4.51 -9.72 44.84
N GLN K 48 -5.22 -9.14 45.81
CA GLN K 48 -6.54 -9.64 46.22
C GLN K 48 -7.52 -9.59 45.05
N GLY K 49 -7.55 -8.47 44.33
CA GLY K 49 -8.42 -8.33 43.17
C GLY K 49 -8.02 -9.13 41.95
N HIS K 50 -6.72 -9.35 41.77
CA HIS K 50 -6.30 -10.08 40.60
C HIS K 50 -6.81 -11.54 40.72
N TYR K 51 -6.83 -12.05 41.93
CA TYR K 51 -7.34 -13.40 42.14
C TYR K 51 -8.80 -13.43 42.62
N LYS K 52 -9.55 -12.36 42.39
CA LYS K 52 -10.96 -12.34 42.82
C LYS K 52 -11.58 -13.76 42.86
N ASP K 53 -11.50 -14.48 41.74
CA ASP K 53 -12.16 -15.78 41.53
C ASP K 53 -11.78 -16.94 42.46
N LEU K 54 -10.69 -16.77 43.19
CA LEU K 54 -10.20 -17.79 44.10
C LEU K 54 -10.42 -17.36 45.55
N CYS K 55 -11.22 -16.32 45.76
CA CYS K 55 -11.46 -15.82 47.12
C CYS K 55 -11.94 -16.86 48.14
N SER K 56 -12.78 -17.80 47.70
CA SER K 56 -13.28 -18.84 48.59
C SER K 56 -12.27 -19.94 48.91
N LYS K 57 -11.36 -20.22 47.95
CA LYS K 57 -10.37 -21.31 48.09
C LYS K 57 -9.50 -21.12 49.32
N PRO K 58 -8.99 -22.23 49.86
CA PRO K 58 -8.24 -22.14 51.11
C PRO K 58 -6.82 -21.60 50.96
N PHE K 59 -6.17 -21.85 49.82
CA PHE K 59 -4.84 -21.30 49.49
C PHE K 59 -4.82 -19.79 49.20
N PHE K 60 -6.01 -19.22 48.97
CA PHE K 60 -6.17 -17.81 48.57
C PHE K 60 -5.29 -16.80 49.34
N PRO K 61 -5.29 -16.86 50.70
CA PRO K 61 -4.57 -15.81 51.39
C PRO K 61 -3.06 -15.91 51.21
N ALA K 62 -2.56 -17.15 51.14
CA ALA K 62 -1.14 -17.38 50.88
C ALA K 62 -0.72 -16.90 49.47
N LEU K 63 -1.52 -17.24 48.46
CA LEU K 63 -1.36 -16.69 47.12
C LEU K 63 -1.23 -15.16 47.08
N VAL K 64 -2.22 -14.48 47.68
CA VAL K 64 -2.27 -13.04 47.80
C VAL K 64 -0.97 -12.43 48.38
N LYS K 65 -0.52 -13.02 49.49
CA LYS K 65 0.71 -12.64 50.16
C LYS K 65 1.89 -12.86 49.21
N TYR K 66 1.95 -14.03 48.59
CA TYR K 66 3.06 -14.30 47.72
C TYR K 66 3.04 -13.33 46.56
N PHE K 67 1.89 -13.18 45.92
CA PHE K 67 1.80 -12.37 44.73
C PHE K 67 2.31 -10.93 44.96
N SER K 68 2.06 -10.37 46.13
CA SER K 68 2.47 -9.00 46.41
C SER K 68 3.89 -8.89 47.01
N SER K 69 4.59 -10.02 47.17
CA SER K 69 5.90 -10.02 47.81
C SER K 69 7.03 -9.43 46.98
N GLY K 70 6.81 -9.28 45.68
CA GLY K 70 7.83 -8.72 44.83
C GLY K 70 7.33 -8.39 43.43
N PRO K 71 8.25 -7.92 42.57
CA PRO K 71 7.78 -7.38 41.30
C PRO K 71 7.38 -8.49 40.33
N ILE K 72 6.45 -8.17 39.45
CA ILE K 72 5.95 -9.14 38.50
C ILE K 72 5.95 -8.50 37.12
N VAL K 73 5.80 -9.32 36.08
CA VAL K 73 5.75 -8.76 34.75
C VAL K 73 4.40 -9.04 34.14
N CYS K 74 3.66 -7.98 33.84
CA CYS K 74 2.36 -8.11 33.18
C CYS K 74 2.53 -8.02 31.70
N MET K 75 1.71 -8.75 30.96
CA MET K 75 1.84 -8.77 29.52
C MET K 75 0.51 -8.99 28.87
N VAL K 76 0.29 -8.37 27.72
CA VAL K 76 -0.81 -8.81 26.92
C VAL K 76 -0.30 -9.32 25.59
N TRP K 77 -0.78 -10.51 25.22
CA TRP K 77 -0.47 -11.07 23.93
C TRP K 77 -1.70 -11.12 23.07
N GLU K 78 -1.51 -10.91 21.78
CA GLU K 78 -2.63 -10.88 20.86
C GLU K 78 -2.36 -11.87 19.79
N GLY K 79 -3.42 -12.58 19.39
CA GLY K 79 -3.37 -13.46 18.23
C GLY K 79 -4.50 -14.49 18.23
N LYS K 80 -4.61 -15.23 17.14
CA LYS K 80 -5.62 -16.24 17.02
C LYS K 80 -5.36 -17.33 18.04
N ASN K 81 -6.34 -17.61 18.88
CA ASN K 81 -6.24 -18.70 19.82
C ASN K 81 -5.19 -18.49 20.94
N VAL K 82 -4.78 -17.23 21.17
CA VAL K 82 -3.76 -16.96 22.18
C VAL K 82 -4.13 -17.46 23.55
N VAL K 83 -5.41 -17.41 23.89
CA VAL K 83 -5.82 -17.80 25.26
C VAL K 83 -5.57 -19.30 25.48
N LYS K 84 -6.18 -20.14 24.65
CA LYS K 84 -5.93 -21.55 24.76
C LYS K 84 -4.42 -21.87 24.58
N SER K 85 -3.82 -21.36 23.53
CA SER K 85 -2.40 -21.62 23.27
C SER K 85 -1.39 -21.12 24.34
N GLY K 86 -1.63 -19.93 24.88
CA GLY K 86 -0.80 -19.47 25.98
C GLY K 86 -0.81 -20.47 27.12
N ARG K 87 -1.99 -21.02 27.37
CA ARG K 87 -2.15 -21.98 28.45
C ARG K 87 -1.37 -23.25 28.15
N VAL K 88 -1.43 -23.71 26.92
CA VAL K 88 -0.72 -24.91 26.53
C VAL K 88 0.79 -24.64 26.56
N LEU K 89 1.23 -23.46 26.08
CA LEU K 89 2.61 -23.01 26.28
C LEU K 89 3.08 -23.04 27.74
N LEU K 90 2.22 -22.67 28.69
CA LEU K 90 2.64 -22.63 30.08
C LEU K 90 2.61 -24.02 30.68
N GLY K 91 1.68 -24.85 30.19
CA GLY K 91 1.45 -26.19 30.71
C GLY K 91 0.68 -26.25 32.01
N ALA K 92 0.47 -27.44 32.53
CA ALA K 92 -0.45 -27.66 33.64
C ALA K 92 -0.21 -26.67 34.79
N THR K 93 -1.32 -26.12 35.31
CA THR K 93 -1.27 -25.24 36.48
C THR K 93 -0.41 -25.84 37.56
N ASN K 94 -0.66 -27.11 37.90
CA ASN K 94 0.23 -27.86 38.78
C ASN K 94 1.39 -28.46 38.01
N PRO K 95 2.64 -28.03 38.32
CA PRO K 95 3.85 -28.47 37.59
C PRO K 95 4.11 -29.99 37.58
N ALA K 96 3.79 -30.67 38.68
CA ALA K 96 3.95 -32.10 38.80
C ALA K 96 3.31 -32.80 37.61
N ASP K 97 2.32 -32.13 37.01
CA ASP K 97 1.56 -32.66 35.89
C ASP K 97 2.10 -32.21 34.55
N SER K 98 2.93 -31.19 34.55
CA SER K 98 3.24 -30.49 33.29
C SER K 98 4.33 -31.13 32.45
N GLN K 99 4.12 -31.11 31.14
CA GLN K 99 5.04 -31.70 30.17
C GLN K 99 6.27 -30.84 29.93
N PRO K 100 7.45 -31.49 29.94
CA PRO K 100 8.73 -30.90 29.54
C PRO K 100 8.53 -30.26 28.18
N GLY K 101 9.12 -29.08 27.97
CA GLY K 101 8.74 -28.25 26.79
C GLY K 101 7.72 -27.14 27.05
N THR K 102 7.06 -27.15 28.21
CA THR K 102 6.19 -26.08 28.64
C THR K 102 6.98 -25.36 29.72
N ILE K 103 6.51 -24.19 30.13
CA ILE K 103 7.28 -23.37 31.07
C ILE K 103 7.37 -24.01 32.44
N ARG K 104 6.24 -24.47 32.95
CA ARG K 104 6.25 -25.21 34.19
C ARG K 104 6.96 -26.56 34.05
N GLY K 105 6.64 -27.28 32.99
CA GLY K 105 7.38 -28.48 32.67
C GLY K 105 8.89 -28.26 32.73
N ASP K 106 9.39 -27.20 32.10
CA ASP K 106 10.86 -26.98 32.11
C ASP K 106 11.38 -26.35 33.37
N PHE K 107 10.53 -25.58 34.07
CA PHE K 107 11.08 -24.65 35.06
C PHE K 107 10.55 -24.72 36.49
N ALA K 108 9.45 -25.42 36.74
CA ALA K 108 8.79 -25.34 38.02
C ALA K 108 8.59 -26.69 38.67
N VAL K 109 8.42 -26.64 39.99
CA VAL K 109 8.23 -27.76 40.91
C VAL K 109 6.91 -27.68 41.69
N ASP K 110 6.78 -26.62 42.50
CA ASP K 110 5.61 -26.38 43.37
C ASP K 110 4.51 -25.53 42.73
N VAL K 111 3.27 -25.99 42.86
CA VAL K 111 2.13 -25.20 42.35
C VAL K 111 2.05 -23.81 42.98
N GLY K 112 2.72 -23.60 44.11
CA GLY K 112 2.80 -22.28 44.74
C GLY K 112 3.95 -21.40 44.28
N ARG K 113 4.90 -22.01 43.58
CA ARG K 113 5.94 -21.27 42.86
C ARG K 113 5.90 -21.73 41.42
N ASN K 114 4.77 -21.43 40.75
CA ASN K 114 4.55 -21.99 39.43
C ASN K 114 4.80 -21.00 38.27
N VAL K 115 5.58 -19.96 38.60
CA VAL K 115 6.40 -19.20 37.70
C VAL K 115 5.66 -18.14 36.88
N CYS K 116 4.47 -18.50 36.43
N CYS K 116 4.50 -18.53 36.35
CA CYS K 116 3.74 -17.65 35.54
CA CYS K 116 3.79 -17.77 35.32
C CYS K 116 2.25 -17.93 35.62
C CYS K 116 2.27 -18.00 35.40
N HIS K 117 1.48 -16.94 35.20
CA HIS K 117 0.03 -17.04 35.15
C HIS K 117 -0.41 -16.77 33.72
N GLY K 118 -1.57 -17.30 33.35
CA GLY K 118 -2.23 -17.02 32.08
C GLY K 118 -3.74 -17.10 32.26
N SER K 119 -4.47 -16.36 31.46
CA SER K 119 -5.92 -16.38 31.54
C SER K 119 -6.50 -17.73 31.14
N ASP K 120 -7.44 -18.24 31.94
CA ASP K 120 -8.07 -19.52 31.60
C ASP K 120 -9.21 -19.41 30.60
N SER K 121 -9.62 -18.19 30.31
CA SER K 121 -10.56 -17.95 29.23
C SER K 121 -10.53 -16.49 28.79
N VAL K 122 -11.17 -16.26 27.66
CA VAL K 122 -11.24 -14.97 26.99
C VAL K 122 -12.00 -13.92 27.79
N GLU K 123 -12.99 -14.34 28.59
CA GLU K 123 -13.76 -13.45 29.46
C GLU K 123 -12.88 -12.98 30.60
N SER K 124 -12.15 -13.90 31.24
CA SER K 124 -11.21 -13.55 32.31
C SER K 124 -9.92 -12.83 31.83
N ALA K 125 -9.51 -13.08 30.58
CA ALA K 125 -8.49 -12.25 29.99
C ALA K 125 -8.99 -10.82 29.87
N GLU K 126 -10.14 -10.62 29.25
CA GLU K 126 -10.61 -9.24 29.05
C GLU K 126 -10.68 -8.52 30.39
N ARG K 127 -10.98 -9.29 31.42
CA ARG K 127 -11.07 -8.76 32.75
C ARG K 127 -9.66 -8.50 33.28
N GLU K 128 -8.76 -9.47 33.12
CA GLU K 128 -7.43 -9.35 33.74
C GLU K 128 -6.66 -8.24 33.04
N ILE K 129 -6.93 -8.08 31.75
CA ILE K 129 -6.39 -6.96 30.96
C ILE K 129 -6.81 -5.57 31.46
N ALA K 130 -8.10 -5.38 31.70
CA ALA K 130 -8.57 -4.07 32.18
C ALA K 130 -8.18 -3.87 33.62
N PHE K 131 -7.97 -4.97 34.32
CA PHE K 131 -7.57 -4.82 35.69
C PHE K 131 -6.19 -4.19 35.79
N TRP K 132 -5.28 -4.56 34.89
CA TRP K 132 -3.89 -4.18 35.03
C TRP K 132 -3.48 -3.03 34.09
N PHE K 133 -4.19 -2.88 32.97
CA PHE K 133 -3.76 -1.91 31.96
C PHE K 133 -4.88 -0.98 31.59
N LYS K 134 -4.61 0.31 31.64
CA LYS K 134 -5.53 1.29 31.08
C LYS K 134 -5.45 1.11 29.57
N ALA K 135 -6.57 1.07 28.88
CA ALA K 135 -6.54 0.96 27.40
C ALA K 135 -5.60 2.03 26.79
N ASP K 136 -5.28 3.02 27.62
CA ASP K 136 -4.21 3.99 27.38
C ASP K 136 -2.95 3.28 26.92
N GLU K 137 -2.48 2.36 27.76
CA GLU K 137 -1.14 1.78 27.70
C GLU K 137 -1.05 0.49 26.88
N ILE K 138 -2.09 0.21 26.09
CA ILE K 138 -2.09 -0.96 25.20
C ILE K 138 -1.67 -0.54 23.79
N ALA K 139 -0.51 -1.03 23.34
CA ALA K 139 -0.02 -0.70 22.03
C ALA K 139 -0.85 -1.41 20.98
N SER K 140 -0.78 -0.93 19.76
CA SER K 140 -1.58 -1.51 18.72
C SER K 140 -0.75 -1.36 17.48
N TRP K 141 -0.39 -2.49 16.89
CA TRP K 141 0.49 -2.49 15.75
C TRP K 141 0.22 -3.67 14.84
N THR K 142 0.79 -3.60 13.67
CA THR K 142 0.70 -4.67 12.72
C THR K 142 2.07 -5.26 12.49
N SER K 143 2.23 -6.53 12.81
CA SER K 143 3.43 -7.29 12.53
C SER K 143 3.69 -7.43 11.05
N HIS K 144 4.92 -7.20 10.61
CA HIS K 144 5.24 -7.45 9.21
C HIS K 144 5.04 -8.91 8.83
N SER K 145 4.90 -9.78 9.83
CA SER K 145 4.88 -11.21 9.57
C SER K 145 3.49 -11.86 9.50
N VAL K 146 2.44 -11.10 9.81
CA VAL K 146 1.09 -11.64 10.00
C VAL K 146 0.68 -12.65 8.94
N SER K 147 0.98 -12.38 7.68
CA SER K 147 0.54 -13.28 6.62
C SER K 147 1.38 -14.57 6.48
N GLN K 148 2.57 -14.59 7.07
CA GLN K 148 3.39 -15.79 7.17
C GLN K 148 2.86 -16.75 8.25
N ILE K 149 2.20 -16.18 9.26
CA ILE K 149 1.67 -16.95 10.40
C ILE K 149 0.15 -17.28 10.31
N TYR K 150 -0.65 -16.37 9.75
CA TYR K 150 -2.08 -16.60 9.65
C TYR K 150 -2.53 -16.66 8.20
N GLU K 151 -3.46 -17.59 7.94
CA GLU K 151 -3.97 -17.88 6.61
C GLU K 151 -5.32 -17.23 6.38
N SER L 2 45.84 -33.86 21.41
CA SER L 2 46.80 -33.95 22.57
C SER L 2 46.16 -34.55 23.84
N SER L 3 47.03 -34.95 24.78
CA SER L 3 46.62 -35.37 26.13
C SER L 3 46.73 -34.23 27.15
N GLU L 4 47.04 -33.01 26.68
CA GLU L 4 47.06 -31.80 27.50
C GLU L 4 45.75 -31.66 28.26
N ARG L 5 45.83 -31.11 29.46
CA ARG L 5 44.70 -31.07 30.35
C ARG L 5 44.66 -29.76 31.11
N THR L 6 43.44 -29.27 31.38
CA THR L 6 43.27 -28.08 32.20
C THR L 6 42.25 -28.34 33.28
N PHE L 7 42.32 -27.57 34.36
CA PHE L 7 41.37 -27.61 35.46
C PHE L 7 40.41 -26.42 35.42
N ILE L 8 39.12 -26.72 35.27
CA ILE L 8 38.08 -25.70 35.28
C ILE L 8 37.25 -25.94 36.55
N ALA L 9 36.84 -24.87 37.23
CA ALA L 9 36.06 -24.99 38.44
C ALA L 9 34.92 -23.97 38.54
N VAL L 10 33.70 -24.43 38.29
CA VAL L 10 32.54 -23.64 38.62
C VAL L 10 32.69 -23.24 40.07
N LYS L 11 32.78 -21.93 40.30
CA LYS L 11 32.96 -21.39 41.65
C LYS L 11 31.59 -21.35 42.38
N PRO L 12 31.58 -21.01 43.69
CA PRO L 12 30.30 -21.16 44.39
C PRO L 12 29.15 -20.34 43.86
N ASP L 13 29.44 -19.17 43.27
CA ASP L 13 28.37 -18.34 42.68
C ASP L 13 27.79 -18.96 41.37
N GLY L 14 28.64 -19.36 40.44
CA GLY L 14 28.21 -20.22 39.34
C GLY L 14 27.31 -21.41 39.69
N VAL L 15 27.55 -22.09 40.81
CA VAL L 15 26.79 -23.29 41.13
C VAL L 15 25.42 -22.91 41.63
N GLN L 16 25.39 -21.93 42.53
CA GLN L 16 24.13 -21.38 43.02
C GLN L 16 23.24 -20.87 41.88
N ARG L 17 23.92 -20.28 40.89
CA ARG L 17 23.24 -19.62 39.78
C ARG L 17 22.90 -20.54 38.62
N GLY L 18 23.09 -21.84 38.80
CA GLY L 18 22.58 -22.83 37.86
C GLY L 18 23.33 -22.81 36.55
N LEU L 19 24.66 -22.67 36.63
CA LEU L 19 25.49 -22.49 35.43
C LEU L 19 26.36 -23.69 35.09
N VAL L 20 26.29 -24.74 35.91
CA VAL L 20 27.17 -25.92 35.74
C VAL L 20 27.00 -26.56 34.38
N GLY L 21 25.79 -26.99 34.05
CA GLY L 21 25.49 -27.53 32.70
C GLY L 21 25.98 -26.68 31.52
N GLU L 22 25.56 -25.41 31.50
CA GLU L 22 25.96 -24.47 30.45
C GLU L 22 27.47 -24.43 30.20
N ILE L 23 28.24 -24.29 31.28
CA ILE L 23 29.69 -24.34 31.23
C ILE L 23 30.24 -25.68 30.69
N ILE L 24 29.66 -26.80 31.10
CA ILE L 24 30.14 -28.11 30.58
C ILE L 24 29.69 -28.18 29.14
N ALA L 25 28.52 -27.63 28.85
CA ALA L 25 28.06 -27.65 27.47
C ALA L 25 29.01 -26.84 26.58
N ARG L 26 29.59 -25.77 27.12
CA ARG L 26 30.49 -24.99 26.25
C ARG L 26 31.80 -25.73 25.87
N PHE L 27 32.36 -26.49 26.79
CA PHE L 27 33.49 -27.33 26.45
C PHE L 27 33.16 -28.53 25.55
N GLU L 28 31.99 -29.16 25.69
CA GLU L 28 31.60 -30.23 24.74
C GLU L 28 31.43 -29.76 23.30
N ARG L 29 30.70 -28.67 23.07
CA ARG L 29 30.57 -28.13 21.69
C ARG L 29 31.94 -27.78 21.05
N LYS L 30 32.89 -27.37 21.90
CA LYS L 30 34.20 -26.92 21.51
C LYS L 30 35.03 -28.07 21.02
N GLY L 31 34.73 -29.25 21.56
CA GLY L 31 35.35 -30.45 21.06
C GLY L 31 36.28 -31.08 22.05
N TYR L 32 36.32 -30.57 23.28
CA TYR L 32 37.17 -31.15 24.32
C TYR L 32 36.54 -32.33 25.06
N LYS L 33 37.38 -33.21 25.65
CA LYS L 33 36.90 -34.42 26.36
C LYS L 33 36.94 -34.35 27.87
N LEU L 34 35.75 -34.51 28.47
CA LEU L 34 35.57 -34.42 29.90
C LEU L 34 36.25 -35.63 30.46
N VAL L 35 37.06 -35.45 31.49
CA VAL L 35 37.85 -36.56 31.99
C VAL L 35 37.69 -36.75 33.50
N ALA L 36 37.27 -35.70 34.20
CA ALA L 36 37.06 -35.80 35.62
C ALA L 36 36.05 -34.77 36.03
N LEU L 37 35.26 -35.10 37.05
CA LEU L 37 34.15 -34.24 37.45
C LEU L 37 33.82 -34.54 38.88
N LYS L 38 33.69 -33.48 39.68
CA LYS L 38 33.39 -33.60 41.10
C LYS L 38 32.71 -32.34 41.69
N ILE L 39 31.67 -32.54 42.51
CA ILE L 39 31.11 -31.43 43.27
C ILE L 39 31.50 -31.59 44.73
N LEU L 40 32.19 -30.59 45.28
CA LEU L 40 32.55 -30.60 46.71
C LEU L 40 32.57 -29.22 47.37
N GLN L 41 32.25 -29.22 48.65
CA GLN L 41 32.21 -28.00 49.42
C GLN L 41 33.54 -27.93 50.16
N PRO L 42 34.41 -26.97 49.77
CA PRO L 42 35.81 -26.90 50.26
C PRO L 42 35.94 -26.57 51.75
N PHE L 67 34.59 -18.52 48.48
CA PHE L 67 35.10 -19.71 47.78
C PHE L 67 34.92 -20.96 48.63
N SER L 68 34.74 -20.77 49.94
CA SER L 68 34.51 -21.86 50.88
C SER L 68 33.12 -21.84 51.46
N SER L 69 32.25 -21.02 50.86
CA SER L 69 30.90 -20.74 51.35
C SER L 69 29.86 -21.78 50.92
N GLY L 70 30.18 -22.52 49.86
CA GLY L 70 29.29 -23.53 49.28
C GLY L 70 30.03 -24.37 48.23
N PRO L 71 29.33 -25.37 47.66
CA PRO L 71 29.83 -26.29 46.65
C PRO L 71 30.39 -25.61 45.42
N ILE L 72 31.49 -26.16 44.93
CA ILE L 72 32.09 -25.76 43.69
C ILE L 72 32.04 -27.03 42.84
N VAL L 73 32.24 -26.93 41.53
CA VAL L 73 32.17 -28.09 40.62
C VAL L 73 33.46 -28.19 39.83
N CYS L 74 34.31 -29.15 40.21
CA CYS L 74 35.61 -29.31 39.60
C CYS L 74 35.51 -30.18 38.36
N MET L 75 36.32 -29.86 37.36
CA MET L 75 36.41 -30.66 36.14
C MET L 75 37.85 -30.68 35.69
N VAL L 76 38.17 -31.66 34.84
CA VAL L 76 39.39 -31.62 34.09
C VAL L 76 38.96 -31.87 32.69
N TRP L 77 39.44 -31.06 31.75
CA TRP L 77 39.17 -31.28 30.35
C TRP L 77 40.46 -31.55 29.62
N GLU L 78 40.36 -32.15 28.43
CA GLU L 78 41.51 -32.66 27.71
C GLU L 78 41.37 -32.49 26.21
N GLY L 79 42.47 -32.12 25.56
CA GLY L 79 42.53 -31.99 24.11
C GLY L 79 43.68 -31.06 23.82
N LYS L 80 43.93 -30.78 22.55
CA LYS L 80 44.99 -29.86 22.17
C LYS L 80 44.60 -28.42 22.47
N ASN L 81 45.34 -27.78 23.39
CA ASN L 81 45.23 -26.34 23.58
C ASN L 81 44.30 -25.97 24.72
N VAL L 82 43.78 -27.00 25.40
CA VAL L 82 42.75 -26.86 26.42
C VAL L 82 43.04 -25.81 27.44
N VAL L 83 44.31 -25.51 27.72
CA VAL L 83 44.53 -24.42 28.67
C VAL L 83 44.24 -23.05 28.03
N LYS L 84 44.83 -22.78 26.87
CA LYS L 84 44.64 -21.46 26.28
C LYS L 84 43.17 -21.29 25.93
N SER L 85 42.63 -22.14 25.05
CA SER L 85 41.21 -22.00 24.67
C SER L 85 40.23 -22.09 25.86
N GLY L 86 40.64 -22.76 26.93
CA GLY L 86 39.89 -22.79 28.17
C GLY L 86 39.77 -21.40 28.75
N ARG L 87 40.89 -20.70 28.78
CA ARG L 87 40.94 -19.35 29.32
C ARG L 87 40.19 -18.40 28.38
N VAL L 88 40.34 -18.66 27.08
CA VAL L 88 39.65 -17.95 26.03
C VAL L 88 38.14 -18.15 26.08
N LEU L 89 37.70 -19.28 26.66
CA LEU L 89 36.30 -19.62 26.74
C LEU L 89 35.60 -18.96 27.89
N LEU L 90 36.29 -18.91 29.00
CA LEU L 90 35.87 -18.22 30.19
C LEU L 90 35.77 -16.71 29.93
N GLY L 91 36.63 -16.20 29.04
CA GLY L 91 36.75 -14.79 28.81
C GLY L 91 37.70 -14.15 29.80
N ALA L 92 37.95 -12.86 29.62
CA ALA L 92 38.81 -12.10 30.52
C ALA L 92 38.50 -12.43 31.98
N THR L 93 39.48 -12.21 32.84
CA THR L 93 39.39 -12.61 34.24
C THR L 93 38.47 -11.65 34.99
N ASN L 94 38.61 -10.36 34.72
CA ASN L 94 37.66 -9.35 35.18
C ASN L 94 36.51 -9.20 34.17
N PRO L 95 35.28 -9.54 34.58
CA PRO L 95 34.11 -9.54 33.71
C PRO L 95 33.81 -8.20 33.00
N ALA L 96 34.26 -7.10 33.57
CA ALA L 96 34.18 -5.81 32.89
C ALA L 96 34.99 -5.80 31.58
N ASP L 97 36.13 -6.51 31.59
CA ASP L 97 36.98 -6.63 30.40
C ASP L 97 36.57 -7.77 29.43
N SER L 98 35.66 -8.64 29.89
CA SER L 98 35.21 -9.86 29.17
C SER L 98 34.22 -9.63 28.03
N GLN L 99 34.47 -10.23 26.88
CA GLN L 99 33.58 -10.03 25.72
C GLN L 99 32.39 -11.03 25.67
N PRO L 100 31.23 -10.56 25.18
CA PRO L 100 30.08 -11.46 25.00
C PRO L 100 30.47 -12.63 24.13
N GLY L 101 29.89 -13.79 24.44
CA GLY L 101 30.34 -15.05 23.83
C GLY L 101 31.07 -15.92 24.85
N THR L 102 31.68 -15.29 25.86
CA THR L 102 32.47 -15.97 26.88
C THR L 102 31.70 -16.14 28.18
N ILE L 103 32.00 -17.21 28.92
CA ILE L 103 31.25 -17.49 30.15
C ILE L 103 31.06 -16.21 30.94
N ARG L 104 32.14 -15.50 31.20
CA ARG L 104 32.07 -14.25 31.99
C ARG L 104 31.49 -13.08 31.18
N GLY L 105 31.64 -13.16 29.85
CA GLY L 105 31.01 -12.16 28.97
C GLY L 105 29.48 -12.23 29.05
N ASP L 106 28.98 -13.46 29.14
CA ASP L 106 27.55 -13.63 29.25
C ASP L 106 27.02 -13.64 30.70
N PHE L 107 27.78 -14.08 31.70
CA PHE L 107 27.17 -14.35 33.03
C PHE L 107 27.59 -13.53 34.27
N ALA L 108 28.63 -12.73 34.15
CA ALA L 108 29.28 -12.27 35.36
C ALA L 108 29.49 -10.78 35.36
N VAL L 109 29.34 -10.19 36.54
CA VAL L 109 29.50 -8.76 36.73
C VAL L 109 30.74 -8.35 37.55
N ASP L 110 31.08 -9.13 38.57
CA ASP L 110 32.25 -8.84 39.41
C ASP L 110 33.44 -9.80 39.27
N VAL L 111 34.64 -9.30 39.56
CA VAL L 111 35.82 -10.15 39.69
C VAL L 111 35.62 -11.07 40.91
N GLY L 112 34.98 -10.54 41.95
CA GLY L 112 34.74 -11.27 43.17
C GLY L 112 33.72 -12.37 43.04
N ARG L 113 32.90 -12.27 42.00
CA ARG L 113 31.90 -13.29 41.68
C ARG L 113 31.95 -13.57 40.18
N ASN L 114 33.05 -14.18 39.73
CA ASN L 114 33.32 -14.38 38.32
C ASN L 114 32.98 -15.76 37.76
N VAL L 115 32.12 -16.46 38.49
CA VAL L 115 31.51 -17.77 38.11
C VAL L 115 32.39 -19.00 37.92
N CYS L 116 33.54 -18.88 37.26
CA CYS L 116 34.34 -20.06 36.95
C CYS L 116 35.84 -19.81 37.06
N HIS L 117 36.58 -20.82 37.50
CA HIS L 117 38.03 -20.80 37.41
C HIS L 117 38.52 -21.63 36.24
N GLY L 118 39.67 -21.23 35.70
CA GLY L 118 40.33 -21.93 34.61
C GLY L 118 41.82 -21.77 34.76
N SER L 119 42.58 -22.73 34.28
CA SER L 119 44.00 -22.73 34.52
C SER L 119 44.69 -21.82 33.53
N ASP L 120 45.61 -21.01 34.06
CA ASP L 120 46.33 -19.99 33.28
C ASP L 120 47.59 -20.43 32.51
N SER L 121 48.30 -21.43 33.02
CA SER L 121 49.67 -21.74 32.50
C SER L 121 49.80 -22.93 31.52
N VAL L 122 49.12 -24.04 31.85
CA VAL L 122 49.45 -25.44 31.46
C VAL L 122 50.11 -26.12 32.69
N GLU L 123 51.03 -25.40 33.31
CA GLU L 123 51.69 -25.87 34.52
C GLU L 123 50.72 -25.75 35.68
N SER L 124 50.22 -24.54 35.91
CA SER L 124 49.28 -24.29 37.00
C SER L 124 48.08 -25.25 37.00
N ALA L 125 47.88 -25.95 35.88
CA ALA L 125 46.80 -26.94 35.74
C ALA L 125 47.17 -28.21 36.48
N GLU L 126 48.43 -28.59 36.34
CA GLU L 126 48.94 -29.84 36.88
C GLU L 126 48.87 -29.82 38.38
N ARG L 127 49.22 -28.67 38.95
CA ARG L 127 49.18 -28.50 40.39
C ARG L 127 47.74 -28.46 40.88
N GLU L 128 46.85 -27.89 40.06
CA GLU L 128 45.43 -27.72 40.44
C GLU L 128 44.67 -29.02 40.37
N ILE L 129 44.93 -29.81 39.33
CA ILE L 129 44.31 -31.13 39.18
C ILE L 129 44.65 -32.00 40.39
N ALA L 130 45.96 -32.16 40.60
CA ALA L 130 46.53 -33.00 41.63
C ALA L 130 46.16 -32.53 43.03
N PHE L 131 45.66 -31.30 43.12
CA PHE L 131 45.16 -30.79 44.39
C PHE L 131 43.70 -31.18 44.62
N TRP L 132 42.95 -31.37 43.54
CA TRP L 132 41.52 -31.60 43.67
C TRP L 132 41.12 -33.04 43.33
N PHE L 133 41.92 -33.71 42.50
CA PHE L 133 41.65 -35.08 42.06
C PHE L 133 42.74 -36.08 42.47
N LYS L 134 42.31 -37.32 42.73
CA LYS L 134 43.20 -38.37 43.19
C LYS L 134 43.33 -39.55 42.24
N ALA L 135 44.05 -39.33 41.13
CA ALA L 135 44.50 -40.38 40.18
C ALA L 135 43.45 -41.30 39.57
N ASP L 136 42.81 -42.12 40.41
CA ASP L 136 41.77 -43.06 39.99
C ASP L 136 40.60 -42.28 39.35
N GLU L 137 40.28 -41.15 39.99
CA GLU L 137 39.17 -40.26 39.61
C GLU L 137 39.25 -39.72 38.18
N ILE L 138 40.39 -39.86 37.54
CA ILE L 138 40.59 -39.43 36.17
C ILE L 138 40.37 -40.63 35.24
N ALA L 139 39.52 -40.45 34.23
CA ALA L 139 39.05 -41.54 33.40
C ALA L 139 39.63 -41.50 31.98
N SER L 140 40.63 -42.33 31.69
CA SER L 140 41.15 -42.38 30.36
C SER L 140 40.13 -43.07 29.46
N TRP L 141 39.76 -42.39 28.36
CA TRP L 141 38.90 -42.95 27.31
C TRP L 141 39.22 -42.28 25.99
N THR L 142 38.61 -42.77 24.92
CA THR L 142 38.74 -42.13 23.64
C THR L 142 37.36 -41.92 22.98
N SER L 143 37.09 -40.68 22.60
CA SER L 143 35.84 -40.30 21.99
C SER L 143 35.79 -40.83 20.59
N HIS L 144 34.63 -41.35 20.19
CA HIS L 144 34.38 -41.79 18.82
C HIS L 144 34.60 -40.66 17.80
N SER L 145 34.99 -39.47 18.28
CA SER L 145 34.94 -38.25 17.47
C SER L 145 36.28 -37.56 17.23
N VAL L 146 37.35 -38.06 17.86
CA VAL L 146 38.67 -37.41 17.81
C VAL L 146 39.15 -36.99 16.40
N SER L 147 38.87 -37.81 15.40
CA SER L 147 39.36 -37.60 14.03
C SER L 147 38.47 -36.66 13.23
N GLN L 148 37.38 -36.23 13.84
CA GLN L 148 36.59 -35.13 13.30
C GLN L 148 37.10 -33.86 13.95
N ILE L 149 37.76 -33.98 15.10
CA ILE L 149 38.27 -32.80 15.79
C ILE L 149 39.73 -32.44 15.47
N TYR L 150 40.62 -33.43 15.51
CA TYR L 150 42.04 -33.16 15.22
C TYR L 150 42.55 -33.87 13.97
N SER M 3 37.86 23.11 -35.67
CA SER M 3 36.98 24.16 -36.25
C SER M 3 37.40 24.91 -37.54
N GLU M 4 38.59 24.65 -38.06
CA GLU M 4 38.87 24.94 -39.47
C GLU M 4 37.85 24.15 -40.38
N ARG M 5 37.67 24.57 -41.64
CA ARG M 5 36.81 23.83 -42.58
C ARG M 5 37.36 23.76 -43.97
N THR M 6 37.10 22.67 -44.67
CA THR M 6 37.61 22.55 -46.04
C THR M 6 36.50 22.08 -46.95
N PHE M 7 36.64 22.45 -48.22
CA PHE M 7 35.70 22.00 -49.25
C PHE M 7 36.31 20.84 -50.01
N ILE M 8 35.59 19.71 -50.01
CA ILE M 8 35.97 18.58 -50.85
C ILE M 8 34.88 18.37 -51.90
N ALA M 9 35.26 18.23 -53.16
CA ALA M 9 34.32 17.78 -54.20
C ALA M 9 34.82 16.49 -54.86
N VAL M 10 33.91 15.55 -55.13
CA VAL M 10 34.22 14.36 -55.97
C VAL M 10 33.88 14.76 -57.39
N LYS M 11 34.80 14.63 -58.30
CA LYS M 11 34.58 15.16 -59.64
C LYS M 11 33.75 14.19 -60.52
N PRO M 12 33.28 14.66 -61.68
CA PRO M 12 32.30 13.81 -62.37
C PRO M 12 32.79 12.42 -62.61
N ASP M 13 34.11 12.23 -62.79
CA ASP M 13 34.73 10.91 -62.93
C ASP M 13 34.73 10.12 -61.64
N GLY M 14 35.06 10.79 -60.53
CA GLY M 14 34.89 10.21 -59.24
C GLY M 14 33.49 9.72 -59.02
N VAL M 15 32.48 10.51 -59.38
CA VAL M 15 31.11 10.03 -59.22
C VAL M 15 30.85 8.83 -60.11
N GLN M 16 31.27 8.89 -61.37
CA GLN M 16 30.95 7.85 -62.36
C GLN M 16 31.52 6.49 -61.99
N ARG M 17 32.74 6.51 -61.45
CA ARG M 17 33.50 5.34 -61.07
C ARG M 17 33.19 4.84 -59.66
N GLY M 18 32.21 5.44 -59.02
CA GLY M 18 31.78 4.89 -57.77
C GLY M 18 32.70 5.14 -56.60
N LEU M 19 33.39 6.27 -56.52
CA LEU M 19 34.34 6.48 -55.44
C LEU M 19 33.84 7.33 -54.24
N VAL M 20 32.61 7.84 -54.32
CA VAL M 20 32.05 8.72 -53.27
C VAL M 20 32.19 8.16 -51.86
N GLY M 21 31.74 6.91 -51.71
CA GLY M 21 31.72 6.24 -50.39
C GLY M 21 33.12 6.07 -49.87
N GLU M 22 34.05 5.88 -50.79
CA GLU M 22 35.42 5.59 -50.45
C GLU M 22 36.11 6.82 -49.92
N ILE M 23 36.02 7.92 -50.68
CA ILE M 23 36.55 9.21 -50.28
C ILE M 23 35.95 9.68 -48.97
N ILE M 24 34.63 9.49 -48.79
CA ILE M 24 34.00 9.94 -47.53
C ILE M 24 34.53 9.22 -46.31
N ALA M 25 34.72 7.90 -46.43
CA ALA M 25 35.20 6.98 -45.39
C ALA M 25 36.66 7.23 -45.00
N ARG M 26 37.48 7.58 -45.98
CA ARG M 26 38.82 8.01 -45.61
C ARG M 26 38.76 9.28 -44.76
N PHE M 27 37.87 10.23 -45.07
CA PHE M 27 37.71 11.42 -44.18
C PHE M 27 37.09 11.09 -42.80
N GLU M 28 36.07 10.23 -42.74
CA GLU M 28 35.57 9.78 -41.42
C GLU M 28 36.63 9.05 -40.61
N ARG M 29 37.35 8.12 -41.23
CA ARG M 29 38.32 7.32 -40.49
C ARG M 29 39.44 8.21 -39.89
N LYS M 30 39.77 9.27 -40.61
CA LYS M 30 40.82 10.16 -40.18
C LYS M 30 40.38 10.98 -38.95
N GLY M 31 39.08 11.13 -38.75
CA GLY M 31 38.62 11.80 -37.55
C GLY M 31 37.90 13.10 -37.76
N TYR M 32 37.69 13.47 -39.04
CA TYR M 32 37.01 14.72 -39.41
C TYR M 32 35.51 14.62 -39.45
N LYS M 33 34.83 15.75 -39.47
CA LYS M 33 33.40 15.75 -39.28
C LYS M 33 32.61 16.30 -40.50
N LEU M 34 31.76 15.47 -41.09
CA LEU M 34 30.96 15.88 -42.23
C LEU M 34 29.90 16.92 -41.83
N VAL M 35 29.78 17.98 -42.59
CA VAL M 35 29.02 19.10 -42.13
C VAL M 35 28.06 19.64 -43.26
N ALA M 36 28.25 19.11 -44.46
CA ALA M 36 27.48 19.53 -45.62
C ALA M 36 27.83 18.60 -46.76
N LEU M 37 26.78 18.24 -47.49
CA LEU M 37 26.88 17.24 -48.53
C LEU M 37 25.88 17.62 -49.58
N LYS M 38 26.25 17.50 -50.84
CA LYS M 38 25.31 17.80 -51.90
C LYS M 38 25.71 17.05 -53.15
N ILE M 39 24.73 16.55 -53.92
CA ILE M 39 25.03 16.11 -55.28
C ILE M 39 24.31 16.98 -56.27
N LEU M 40 25.09 17.49 -57.23
CA LEU M 40 24.57 18.34 -58.27
C LEU M 40 25.52 18.41 -59.48
N GLN M 41 24.92 18.78 -60.62
CA GLN M 41 25.63 18.99 -61.87
C GLN M 41 25.87 20.47 -62.03
N PRO M 42 27.14 20.88 -61.90
CA PRO M 42 27.39 22.31 -62.00
C PRO M 42 27.08 22.79 -63.42
N THR M 43 26.41 23.92 -63.55
CA THR M 43 26.44 24.72 -64.79
C THR M 43 27.85 25.15 -65.15
N THR M 44 28.03 25.59 -66.40
CA THR M 44 29.33 26.14 -66.82
C THR M 44 29.75 27.38 -65.96
N GLU M 45 28.76 28.13 -65.46
CA GLU M 45 29.03 29.29 -64.58
C GLU M 45 29.62 28.87 -63.23
N GLN M 46 28.92 28.00 -62.51
CA GLN M 46 29.46 27.51 -61.25
C GLN M 46 30.85 26.86 -61.41
N ALA M 47 31.07 26.14 -62.51
CA ALA M 47 32.40 25.60 -62.78
C ALA M 47 33.43 26.75 -62.87
N GLN M 48 33.20 27.74 -63.73
CA GLN M 48 34.18 28.84 -63.90
C GLN M 48 34.45 29.57 -62.58
N GLY M 49 33.37 29.93 -61.90
CA GLY M 49 33.44 30.57 -60.59
C GLY M 49 34.23 29.78 -59.56
N HIS M 50 33.80 28.54 -59.33
CA HIS M 50 34.51 27.59 -58.46
C HIS M 50 36.04 27.55 -58.70
N TYR M 51 36.44 27.57 -59.96
CA TYR M 51 37.85 27.59 -60.27
C TYR M 51 38.34 28.99 -60.63
N LYS M 52 37.71 30.04 -60.08
CA LYS M 52 38.19 31.42 -60.26
C LYS M 52 39.72 31.53 -60.16
N ASP M 53 40.33 31.01 -59.10
CA ASP M 53 41.81 31.17 -58.89
C ASP M 53 42.69 30.54 -59.98
N LEU M 54 42.07 29.82 -60.92
CA LEU M 54 42.84 29.17 -61.98
C LEU M 54 42.41 29.61 -63.35
N CYS M 55 41.80 30.79 -63.43
CA CYS M 55 41.20 31.25 -64.68
C CYS M 55 42.23 31.63 -65.74
N SER M 56 43.49 31.76 -65.35
CA SER M 56 44.58 32.10 -66.27
C SER M 56 45.43 30.91 -66.75
N LYS M 57 45.08 29.71 -66.30
CA LYS M 57 45.87 28.52 -66.60
C LYS M 57 45.35 27.96 -67.92
N PRO M 58 46.22 27.34 -68.75
CA PRO M 58 45.74 26.92 -70.08
C PRO M 58 44.72 25.77 -70.07
N PHE M 59 44.71 24.97 -68.99
CA PHE M 59 43.80 23.83 -68.88
C PHE M 59 42.47 24.28 -68.30
N PHE M 60 42.33 25.59 -68.11
CA PHE M 60 41.11 26.10 -67.49
C PHE M 60 39.86 25.80 -68.35
N PRO M 61 39.96 25.97 -69.69
CA PRO M 61 38.80 25.59 -70.52
C PRO M 61 38.41 24.12 -70.43
N ALA M 62 39.37 23.21 -70.58
CA ALA M 62 39.10 21.76 -70.42
C ALA M 62 38.51 21.44 -69.05
N LEU M 63 39.01 22.14 -68.02
CA LEU M 63 38.64 21.83 -66.67
C LEU M 63 37.17 22.19 -66.39
N VAL M 64 36.79 23.38 -66.83
CA VAL M 64 35.43 23.86 -66.77
C VAL M 64 34.43 22.94 -67.50
N LYS M 65 34.79 22.49 -68.69
CA LYS M 65 33.88 21.66 -69.44
C LYS M 65 33.77 20.30 -68.74
N TYR M 66 34.88 19.77 -68.25
CA TYR M 66 34.77 18.49 -67.59
C TYR M 66 33.92 18.55 -66.34
N PHE M 67 34.08 19.62 -65.59
CA PHE M 67 33.55 19.72 -64.25
C PHE M 67 32.05 19.87 -64.35
N SER M 68 31.58 20.44 -65.43
CA SER M 68 30.16 20.61 -65.55
C SER M 68 29.55 19.57 -66.45
N SER M 69 30.30 18.53 -66.79
CA SER M 69 29.79 17.50 -67.70
C SER M 69 28.86 16.45 -67.06
N GLY M 70 28.79 16.45 -65.73
CA GLY M 70 27.95 15.55 -64.97
C GLY M 70 27.99 15.82 -63.47
N PRO M 71 27.34 14.95 -62.68
CA PRO M 71 27.27 15.26 -61.27
C PRO M 71 28.58 15.25 -60.55
N ILE M 72 28.71 16.17 -59.60
CA ILE M 72 29.74 16.11 -58.58
C ILE M 72 29.08 15.97 -57.23
N VAL M 73 29.86 15.64 -56.22
CA VAL M 73 29.37 15.64 -54.85
C VAL M 73 30.19 16.66 -54.06
N CYS M 74 29.50 17.56 -53.37
CA CYS M 74 30.15 18.65 -52.72
C CYS M 74 30.04 18.35 -51.27
N MET M 75 31.15 18.53 -50.55
CA MET M 75 31.10 18.32 -49.11
C MET M 75 31.97 19.27 -48.35
N VAL M 76 31.60 19.50 -47.09
CA VAL M 76 32.39 20.31 -46.19
C VAL M 76 32.80 19.46 -45.01
N TRP M 77 34.06 19.54 -44.62
CA TRP M 77 34.60 18.81 -43.50
C TRP M 77 35.25 19.73 -42.48
N GLU M 78 35.33 19.30 -41.23
CA GLU M 78 35.70 20.21 -40.17
C GLU M 78 36.62 19.53 -39.22
N GLY M 79 37.62 20.25 -38.74
CA GLY M 79 38.51 19.78 -37.69
C GLY M 79 39.85 20.50 -37.76
N LYS M 80 40.66 20.24 -36.75
CA LYS M 80 41.94 20.84 -36.64
C LYS M 80 42.76 20.32 -37.84
N ASN M 81 43.23 21.26 -38.66
CA ASN M 81 44.07 21.01 -39.84
C ASN M 81 43.36 20.32 -40.98
N VAL M 82 42.02 20.34 -41.03
CA VAL M 82 41.36 19.70 -42.18
C VAL M 82 41.89 20.06 -43.55
N VAL M 83 42.12 21.36 -43.83
CA VAL M 83 42.57 21.77 -45.17
C VAL M 83 43.87 21.08 -45.59
N LYS M 84 44.92 21.30 -44.79
CA LYS M 84 46.23 20.73 -45.08
C LYS M 84 46.08 19.21 -45.10
N SER M 85 45.65 18.66 -43.99
CA SER M 85 45.40 17.27 -43.90
C SER M 85 44.45 16.74 -45.01
N GLY M 86 43.51 17.55 -45.46
CA GLY M 86 42.62 17.21 -46.60
C GLY M 86 43.37 16.99 -47.91
N ARG M 87 44.35 17.86 -48.17
CA ARG M 87 45.13 17.79 -49.39
C ARG M 87 46.02 16.56 -49.38
N VAL M 88 46.63 16.29 -48.23
CA VAL M 88 47.42 15.04 -48.05
C VAL M 88 46.58 13.76 -48.29
N LEU M 89 45.36 13.68 -47.76
CA LEU M 89 44.51 12.52 -48.04
C LEU M 89 44.37 12.28 -49.54
N LEU M 90 44.18 13.38 -50.27
CA LEU M 90 43.91 13.37 -51.69
C LEU M 90 45.17 13.08 -52.51
N GLY M 91 46.34 13.40 -51.98
CA GLY M 91 47.59 13.28 -52.73
C GLY M 91 47.73 14.40 -53.77
N ALA M 92 48.82 14.33 -54.52
CA ALA M 92 49.21 15.42 -55.40
C ALA M 92 48.17 15.54 -56.45
N THR M 93 47.88 16.79 -56.85
CA THR M 93 46.89 17.13 -57.86
C THR M 93 47.04 16.29 -59.12
N ASN M 94 48.27 16.10 -59.58
CA ASN M 94 48.55 15.19 -60.67
C ASN M 94 48.87 13.76 -60.12
N PRO M 95 48.10 12.76 -60.54
CA PRO M 95 48.19 11.40 -60.03
C PRO M 95 49.54 10.75 -60.27
N ALA M 96 50.21 11.18 -61.33
CA ALA M 96 51.58 10.75 -61.61
C ALA M 96 52.51 11.04 -60.46
N ASP M 97 52.22 12.07 -59.68
CA ASP M 97 53.06 12.41 -58.53
C ASP M 97 52.57 11.77 -57.22
N SER M 98 51.36 11.24 -57.25
CA SER M 98 50.61 10.73 -56.08
C SER M 98 51.13 9.44 -55.49
N GLN M 99 51.18 9.33 -54.16
CA GLN M 99 51.63 8.09 -53.47
C GLN M 99 50.47 7.13 -53.16
N PRO M 100 50.70 5.84 -53.32
CA PRO M 100 49.66 4.93 -52.91
C PRO M 100 49.37 5.22 -51.47
N GLY M 101 48.14 4.93 -51.04
CA GLY M 101 47.68 5.28 -49.72
C GLY M 101 46.88 6.57 -49.84
N THR M 102 47.02 7.28 -50.96
CA THR M 102 46.15 8.41 -51.20
C THR M 102 45.10 8.10 -52.25
N ILE M 103 44.08 8.96 -52.32
CA ILE M 103 42.96 8.81 -53.23
C ILE M 103 43.40 8.82 -54.68
N ARG M 104 44.18 9.84 -55.06
CA ARG M 104 44.75 9.92 -56.39
C ARG M 104 45.76 8.80 -56.52
N GLY M 105 46.50 8.57 -55.47
CA GLY M 105 47.45 7.48 -55.49
C GLY M 105 46.90 6.12 -55.85
N ASP M 106 45.80 5.74 -55.19
CA ASP M 106 45.11 4.48 -55.46
C ASP M 106 44.19 4.54 -56.70
N PHE M 107 43.60 5.68 -57.01
CA PHE M 107 42.44 5.62 -57.91
C PHE M 107 42.57 6.29 -59.28
N ALA M 108 43.65 7.04 -59.50
CA ALA M 108 43.77 7.89 -60.65
C ALA M 108 45.10 7.85 -61.39
N VAL M 109 44.99 8.24 -62.65
CA VAL M 109 46.09 8.30 -63.58
C VAL M 109 46.27 9.74 -64.15
N ASP M 110 45.27 10.30 -64.82
CA ASP M 110 45.46 11.58 -65.54
C ASP M 110 45.07 12.72 -64.64
N VAL M 111 45.76 13.86 -64.78
CA VAL M 111 45.41 15.06 -64.05
C VAL M 111 44.01 15.59 -64.42
N GLY M 112 43.58 15.38 -65.66
CA GLY M 112 42.21 15.78 -65.99
C GLY M 112 41.16 14.87 -65.38
N ARG M 113 41.57 13.69 -64.93
CA ARG M 113 40.63 12.73 -64.33
C ARG M 113 41.15 12.35 -62.97
N ASN M 114 41.30 13.35 -62.11
CA ASN M 114 41.91 13.15 -60.80
C ASN M 114 40.90 13.08 -59.68
N VAL M 115 39.68 12.66 -60.03
CA VAL M 115 38.75 12.10 -59.11
C VAL M 115 38.09 13.06 -58.16
N CYS M 116 38.87 13.96 -57.58
N CYS M 116 38.89 13.95 -57.59
CA CYS M 116 38.37 14.80 -56.49
CA CYS M 116 38.46 14.74 -56.42
C CYS M 116 39.05 16.17 -56.43
C CYS M 116 39.10 16.15 -56.35
N HIS M 117 38.39 17.12 -55.78
CA HIS M 117 38.97 18.44 -55.54
C HIS M 117 39.02 18.73 -54.04
N GLY M 118 40.13 19.31 -53.60
CA GLY M 118 40.28 19.85 -52.24
C GLY M 118 40.75 21.33 -52.20
N SER M 119 40.16 22.11 -51.32
CA SER M 119 40.57 23.49 -51.10
C SER M 119 42.06 23.53 -50.80
N ASP M 120 42.78 24.51 -51.39
CA ASP M 120 44.24 24.59 -51.15
C ASP M 120 44.69 25.38 -49.90
N SER M 121 43.76 26.08 -49.27
CA SER M 121 44.11 26.90 -48.12
C SER M 121 42.86 27.30 -47.31
N VAL M 122 43.09 27.82 -46.12
CA VAL M 122 41.94 28.17 -45.32
C VAL M 122 41.13 29.30 -46.00
N GLU M 123 41.79 30.14 -46.81
CA GLU M 123 41.10 31.21 -47.54
C GLU M 123 40.19 30.67 -48.65
N SER M 124 40.76 29.86 -49.55
CA SER M 124 40.00 29.17 -50.60
C SER M 124 38.84 28.36 -50.04
N ALA M 125 39.04 27.74 -48.88
CA ALA M 125 38.00 26.88 -48.40
C ALA M 125 36.81 27.76 -48.00
N GLU M 126 37.11 28.81 -47.27
CA GLU M 126 36.06 29.72 -46.82
C GLU M 126 35.28 30.24 -48.00
N ARG M 127 35.97 30.54 -49.08
CA ARG M 127 35.29 31.04 -50.30
C ARG M 127 34.47 29.95 -50.96
N GLU M 128 35.02 28.73 -50.99
CA GLU M 128 34.46 27.59 -51.73
C GLU M 128 33.23 27.09 -50.99
N ILE M 129 33.34 27.04 -49.67
CA ILE M 129 32.23 26.66 -48.86
C ILE M 129 31.03 27.57 -49.19
N ALA M 130 31.21 28.89 -49.06
CA ALA M 130 30.14 29.91 -49.31
C ALA M 130 29.55 29.92 -50.73
N PHE M 131 30.40 29.73 -51.72
CA PHE M 131 29.98 29.63 -53.10
C PHE M 131 28.99 28.48 -53.30
N TRP M 132 29.21 27.33 -52.67
CA TRP M 132 28.36 26.16 -52.96
C TRP M 132 27.27 25.97 -51.90
N PHE M 133 27.49 26.54 -50.72
CA PHE M 133 26.52 26.30 -49.74
C PHE M 133 25.88 27.55 -49.19
N LYS M 134 24.62 27.46 -48.79
CA LYS M 134 23.99 28.52 -48.02
C LYS M 134 24.07 28.13 -46.56
N ALA M 135 24.12 29.12 -45.67
CA ALA M 135 24.35 28.87 -44.24
C ALA M 135 23.41 27.82 -43.71
N ASP M 136 22.14 27.91 -44.12
CA ASP M 136 21.13 26.90 -43.80
C ASP M 136 21.54 25.49 -44.21
N GLU M 137 22.42 25.40 -45.21
CA GLU M 137 22.81 24.09 -45.74
C GLU M 137 23.84 23.37 -44.85
N ILE M 138 24.64 24.14 -44.12
CA ILE M 138 25.72 23.61 -43.30
C ILE M 138 25.20 23.16 -41.94
N ALA M 139 25.57 21.95 -41.49
CA ALA M 139 25.04 21.45 -40.23
C ALA M 139 25.98 21.66 -39.06
N SER M 140 25.43 22.02 -37.90
CA SER M 140 26.26 22.26 -36.73
C SER M 140 26.03 21.15 -35.72
N TRP M 141 27.05 20.32 -35.50
CA TRP M 141 26.88 19.24 -34.55
C TRP M 141 28.20 19.00 -33.82
N THR M 142 28.17 18.11 -32.83
CA THR M 142 29.29 17.88 -31.97
C THR M 142 29.52 16.37 -31.92
N SER M 143 30.66 15.91 -32.44
CA SER M 143 30.94 14.50 -32.44
C SER M 143 30.99 13.96 -31.01
N HIS M 144 30.31 12.86 -30.75
CA HIS M 144 30.52 12.19 -29.48
C HIS M 144 31.98 11.83 -29.21
N SER M 145 32.82 11.96 -30.22
CA SER M 145 34.20 11.49 -30.20
C SER M 145 35.27 12.60 -30.17
N VAL M 146 34.82 13.86 -30.18
CA VAL M 146 35.77 14.98 -30.24
C VAL M 146 36.96 14.78 -29.30
N SER M 147 36.73 14.30 -28.09
CA SER M 147 37.87 14.25 -27.16
C SER M 147 38.72 12.97 -27.24
N GLN M 148 38.31 12.00 -28.06
CA GLN M 148 39.21 10.91 -28.43
C GLN M 148 40.14 11.36 -29.54
N ILE M 149 39.77 12.40 -30.26
CA ILE M 149 40.46 12.75 -31.46
C ILE M 149 41.35 13.96 -31.30
N TYR M 150 40.88 14.95 -30.55
CA TYR M 150 41.65 16.18 -30.27
C TYR M 150 42.09 16.34 -28.82
N GLU M 151 43.37 16.62 -28.59
CA GLU M 151 43.86 16.93 -27.23
C GLU M 151 43.34 18.29 -26.77
N SER N 2 15.84 0.16 -65.12
CA SER N 2 14.64 1.05 -64.86
C SER N 2 15.01 2.15 -63.88
N SER N 3 14.00 2.91 -63.48
CA SER N 3 14.18 4.12 -62.69
C SER N 3 13.44 4.06 -61.36
N GLU N 4 13.21 2.85 -60.85
CA GLU N 4 12.78 2.69 -59.47
C GLU N 4 13.73 3.46 -58.54
N ARG N 5 13.20 4.04 -57.47
CA ARG N 5 13.99 4.87 -56.57
C ARG N 5 13.66 4.54 -55.14
N THR N 6 14.65 4.67 -54.28
CA THR N 6 14.43 4.41 -52.87
C THR N 6 15.12 5.49 -52.05
N PHE N 7 14.59 5.71 -50.86
CA PHE N 7 15.12 6.65 -49.90
C PHE N 7 15.98 5.87 -48.88
N ILE N 8 17.23 6.28 -48.73
CA ILE N 8 18.01 5.70 -47.65
C ILE N 8 18.57 6.80 -46.76
N ALA N 9 18.36 6.66 -45.45
CA ALA N 9 18.92 7.61 -44.54
C ALA N 9 19.89 6.92 -43.60
N VAL N 10 21.00 7.59 -43.32
CA VAL N 10 21.85 7.18 -42.18
C VAL N 10 21.30 7.90 -40.93
N LYS N 11 21.03 7.18 -39.86
CA LYS N 11 20.45 7.82 -38.70
C LYS N 11 21.54 8.42 -37.81
N PRO N 12 21.14 9.21 -36.79
CA PRO N 12 22.19 9.97 -36.05
C PRO N 12 23.32 9.10 -35.51
N ASP N 13 22.98 7.89 -35.08
CA ASP N 13 23.98 6.98 -34.50
C ASP N 13 24.89 6.49 -35.60
N GLY N 14 24.32 6.33 -36.80
CA GLY N 14 25.17 6.06 -37.96
C GLY N 14 26.13 7.17 -38.36
N VAL N 15 25.67 8.42 -38.30
CA VAL N 15 26.56 9.52 -38.63
C VAL N 15 27.61 9.69 -37.51
N GLN N 16 27.17 9.71 -36.25
CA GLN N 16 28.10 9.77 -35.15
C GLN N 16 29.18 8.68 -35.23
N ARG N 17 28.86 7.52 -35.81
CA ARG N 17 29.83 6.43 -35.78
C ARG N 17 30.72 6.34 -37.03
N GLY N 18 30.65 7.34 -37.90
CA GLY N 18 31.45 7.36 -39.10
C GLY N 18 31.08 6.25 -40.05
N LEU N 19 29.79 5.95 -40.22
CA LEU N 19 29.40 4.90 -41.13
C LEU N 19 28.86 5.40 -42.49
N VAL N 20 28.95 6.70 -42.75
CA VAL N 20 28.34 7.26 -43.96
C VAL N 20 28.96 6.68 -45.24
N GLY N 21 30.26 6.73 -45.32
CA GLY N 21 30.97 6.20 -46.47
C GLY N 21 30.78 4.73 -46.73
N GLU N 22 30.96 3.90 -45.71
CA GLU N 22 30.75 2.47 -45.79
C GLU N 22 29.38 2.19 -46.43
N ILE N 23 28.32 2.77 -45.88
CA ILE N 23 26.98 2.65 -46.46
C ILE N 23 26.88 3.12 -47.92
N ILE N 24 27.40 4.30 -48.23
CA ILE N 24 27.41 4.75 -49.64
C ILE N 24 28.20 3.77 -50.52
N ALA N 25 29.40 3.41 -50.06
CA ALA N 25 30.25 2.39 -50.73
C ALA N 25 29.45 1.14 -51.04
N ARG N 26 28.57 0.75 -50.13
CA ARG N 26 27.84 -0.49 -50.31
C ARG N 26 26.81 -0.47 -51.45
N PHE N 27 25.94 0.54 -51.47
CA PHE N 27 25.09 0.82 -52.60
C PHE N 27 25.86 1.08 -53.93
N GLU N 28 27.00 1.76 -53.88
CA GLU N 28 27.74 2.05 -55.13
C GLU N 28 28.25 0.75 -55.77
N ARG N 29 28.87 -0.13 -54.98
CA ARG N 29 29.43 -1.36 -55.53
C ARG N 29 28.40 -2.39 -55.99
N LYS N 30 27.17 -2.24 -55.54
CA LYS N 30 26.08 -3.07 -55.95
C LYS N 30 25.56 -2.66 -57.35
N GLY N 31 25.85 -1.43 -57.75
CA GLY N 31 25.55 -0.96 -59.07
C GLY N 31 24.52 0.12 -59.10
N TYR N 32 24.07 0.59 -57.93
CA TYR N 32 22.95 1.47 -57.91
C TYR N 32 23.46 2.89 -58.09
N LYS N 33 22.56 3.83 -58.41
CA LYS N 33 22.98 5.18 -58.85
C LYS N 33 22.50 6.22 -57.85
N LEU N 34 23.46 6.94 -57.27
CA LEU N 34 23.18 8.05 -56.35
C LEU N 34 22.57 9.24 -57.14
N VAL N 35 21.48 9.77 -56.62
CA VAL N 35 20.71 10.70 -57.45
C VAL N 35 20.29 11.94 -56.66
N ALA N 36 20.28 11.82 -55.32
CA ALA N 36 20.13 12.94 -54.36
C ALA N 36 20.88 12.67 -53.04
N LEU N 37 21.31 13.73 -52.36
CA LEU N 37 22.16 13.58 -51.13
C LEU N 37 22.16 14.83 -50.32
N LYS N 38 21.81 14.72 -49.04
CA LYS N 38 22.06 15.82 -48.12
C LYS N 38 22.22 15.35 -46.71
N ILE N 39 22.80 16.24 -45.91
CA ILE N 39 22.94 16.06 -44.46
C ILE N 39 22.15 17.17 -43.74
N LEU N 40 21.37 16.83 -42.73
CA LEU N 40 20.69 17.87 -41.96
C LEU N 40 20.21 17.29 -40.68
N GLN N 41 19.96 18.12 -39.70
CA GLN N 41 19.39 17.64 -38.45
C GLN N 41 17.87 17.85 -38.50
N PRO N 42 17.11 16.75 -38.56
CA PRO N 42 15.67 16.81 -38.67
C PRO N 42 15.05 17.55 -37.50
N THR N 43 14.00 18.30 -37.74
CA THR N 43 13.18 18.76 -36.60
C THR N 43 12.31 17.65 -36.09
N THR N 44 11.68 17.95 -34.99
CA THR N 44 10.78 17.03 -34.37
C THR N 44 9.54 16.81 -35.26
N GLU N 45 9.14 17.84 -36.02
CA GLU N 45 8.08 17.70 -37.02
C GLU N 45 8.53 16.86 -38.19
N GLN N 46 9.80 17.01 -38.57
CA GLN N 46 10.35 16.16 -39.64
C GLN N 46 10.44 14.70 -39.23
N ALA N 47 10.79 14.45 -37.97
CA ALA N 47 10.92 13.07 -37.55
C ALA N 47 9.55 12.42 -37.52
N GLN N 48 8.57 13.10 -36.94
CA GLN N 48 7.19 12.62 -36.85
C GLN N 48 6.68 12.29 -38.24
N GLY N 49 6.82 13.24 -39.16
CA GLY N 49 6.21 13.18 -40.47
C GLY N 49 6.76 12.03 -41.29
N HIS N 50 8.00 11.68 -40.97
CA HIS N 50 8.72 10.62 -41.64
C HIS N 50 8.35 9.24 -41.09
N TYR N 51 8.18 9.15 -39.76
CA TYR N 51 7.69 7.92 -39.11
C TYR N 51 6.15 7.93 -38.85
N LYS N 52 5.37 8.33 -39.85
CA LYS N 52 3.91 8.50 -39.72
C LYS N 52 3.20 7.23 -39.22
N ASP N 53 3.31 6.14 -39.98
CA ASP N 53 2.67 4.87 -39.62
C ASP N 53 2.77 4.54 -38.11
N LEU N 54 3.94 4.75 -37.54
CA LEU N 54 4.28 4.10 -36.28
C LEU N 54 3.88 4.84 -35.02
N CYS N 55 3.08 5.90 -35.08
CA CYS N 55 2.76 6.54 -33.79
C CYS N 55 1.81 5.69 -32.94
N SER N 56 1.96 5.81 -31.63
CA SER N 56 1.20 5.02 -30.66
C SER N 56 1.83 3.67 -30.37
N LYS N 57 2.82 3.30 -31.18
CA LYS N 57 3.72 2.20 -30.83
C LYS N 57 4.50 2.77 -29.65
N PRO N 58 4.80 1.95 -28.64
CA PRO N 58 5.40 2.53 -27.44
C PRO N 58 6.80 3.12 -27.68
N PHE N 59 7.48 2.63 -28.71
CA PHE N 59 8.82 3.13 -29.03
C PHE N 59 8.84 4.50 -29.78
N PHE N 60 7.69 4.91 -30.33
CA PHE N 60 7.59 6.12 -31.16
C PHE N 60 8.16 7.43 -30.59
N PRO N 61 7.79 7.80 -29.35
CA PRO N 61 8.33 9.07 -28.85
C PRO N 61 9.83 9.02 -28.73
N ALA N 62 10.36 7.84 -28.43
CA ALA N 62 11.80 7.62 -28.26
C ALA N 62 12.53 7.74 -29.59
N LEU N 63 11.97 7.05 -30.61
CA LEU N 63 12.42 7.11 -31.99
C LEU N 63 12.51 8.53 -32.44
N VAL N 64 11.39 9.22 -32.35
CA VAL N 64 11.26 10.61 -32.78
C VAL N 64 12.22 11.55 -32.05
N LYS N 65 12.43 11.33 -30.76
CA LYS N 65 13.42 12.12 -30.02
C LYS N 65 14.77 11.85 -30.66
N TYR N 66 15.10 10.56 -30.83
CA TYR N 66 16.40 10.14 -31.34
C TYR N 66 16.77 10.64 -32.73
N PHE N 67 15.84 10.44 -33.66
CA PHE N 67 16.02 10.73 -35.05
C PHE N 67 16.23 12.21 -35.25
N SER N 68 15.86 13.01 -34.26
CA SER N 68 15.94 14.47 -34.37
C SER N 68 17.07 15.08 -33.56
N SER N 69 17.77 14.22 -32.82
CA SER N 69 18.88 14.67 -31.97
C SER N 69 20.19 15.02 -32.69
N GLY N 70 20.30 14.72 -33.98
CA GLY N 70 21.56 14.99 -34.68
C GLY N 70 21.46 14.93 -36.19
N PRO N 71 22.56 15.20 -36.93
CA PRO N 71 22.50 15.08 -38.37
C PRO N 71 22.19 13.67 -38.81
N ILE N 72 21.39 13.56 -39.87
CA ILE N 72 21.19 12.34 -40.61
C ILE N 72 21.67 12.66 -41.98
N VAL N 73 21.85 11.64 -42.81
CA VAL N 73 22.24 11.83 -44.17
C VAL N 73 21.17 11.19 -45.06
N CYS N 74 20.50 12.01 -45.86
CA CYS N 74 19.43 11.53 -46.69
C CYS N 74 20.02 11.29 -48.02
N MET N 75 19.59 10.20 -48.65
CA MET N 75 20.09 9.81 -49.96
C MET N 75 18.90 9.33 -50.78
N VAL N 76 19.01 9.46 -52.09
CA VAL N 76 18.15 8.73 -53.03
C VAL N 76 18.98 7.91 -54.02
N TRP N 77 18.63 6.63 -54.16
CA TRP N 77 19.31 5.66 -55.08
C TRP N 77 18.38 5.20 -56.22
N GLU N 78 18.93 5.08 -57.41
CA GLU N 78 18.15 4.64 -58.55
C GLU N 78 18.65 3.30 -59.16
N GLY N 79 17.68 2.44 -59.49
CA GLY N 79 17.95 1.14 -60.12
C GLY N 79 16.83 0.09 -60.07
N LYS N 80 16.94 -0.86 -60.99
CA LYS N 80 16.00 -1.96 -61.02
C LYS N 80 16.04 -2.62 -59.66
N ASN N 81 14.90 -2.62 -58.99
CA ASN N 81 14.78 -3.23 -57.68
C ASN N 81 15.46 -2.57 -56.47
N VAL N 82 15.78 -1.25 -56.53
CA VAL N 82 16.43 -0.66 -55.36
C VAL N 82 15.69 -0.84 -54.06
N VAL N 83 14.37 -0.66 -54.06
CA VAL N 83 13.63 -0.72 -52.82
C VAL N 83 13.88 -2.07 -52.17
N LYS N 84 13.56 -3.15 -52.88
CA LYS N 84 13.80 -4.46 -52.33
C LYS N 84 15.29 -4.73 -52.02
N SER N 85 16.19 -4.49 -52.97
CA SER N 85 17.62 -4.71 -52.73
C SER N 85 18.22 -3.84 -51.61
N GLY N 86 17.72 -2.64 -51.43
CA GLY N 86 18.30 -1.73 -50.44
C GLY N 86 17.97 -2.14 -49.04
N ARG N 87 16.77 -2.67 -48.88
CA ARG N 87 16.39 -3.25 -47.64
C ARG N 87 17.24 -4.49 -47.31
N VAL N 88 17.45 -5.35 -48.30
CA VAL N 88 18.28 -6.56 -48.15
C VAL N 88 19.70 -6.18 -47.75
N LEU N 89 20.22 -5.11 -48.36
CA LEU N 89 21.54 -4.58 -48.04
C LEU N 89 21.60 -4.12 -46.59
N LEU N 90 20.55 -3.46 -46.14
CA LEU N 90 20.52 -2.98 -44.77
C LEU N 90 20.36 -4.11 -43.78
N GLY N 91 19.55 -5.09 -44.10
CA GLY N 91 19.36 -6.19 -43.18
C GLY N 91 18.16 -5.99 -42.29
N ALA N 92 17.75 -7.04 -41.61
CA ALA N 92 16.58 -6.97 -40.75
C ALA N 92 16.65 -5.73 -39.88
N THR N 93 15.48 -5.09 -39.72
CA THR N 93 15.25 -3.87 -38.94
C THR N 93 15.79 -3.98 -37.49
N ASN N 94 15.49 -5.08 -36.83
CA ASN N 94 16.12 -5.41 -35.58
C ASN N 94 17.39 -6.23 -35.73
N PRO N 95 18.58 -5.66 -35.37
CA PRO N 95 19.86 -6.34 -35.65
C PRO N 95 19.95 -7.72 -35.04
N ALA N 96 19.29 -7.94 -33.91
CA ALA N 96 19.28 -9.28 -33.35
C ALA N 96 18.96 -10.27 -34.46
N ASP N 97 18.15 -9.85 -35.43
CA ASP N 97 17.84 -10.76 -36.53
C ASP N 97 18.69 -10.57 -37.77
N SER N 98 19.62 -9.63 -37.77
CA SER N 98 20.35 -9.33 -39.01
C SER N 98 21.46 -10.31 -39.29
N GLN N 99 21.72 -10.59 -40.56
CA GLN N 99 22.83 -11.44 -40.96
C GLN N 99 24.08 -10.61 -41.18
N PRO N 100 25.23 -11.10 -40.70
CA PRO N 100 26.52 -10.52 -41.09
C PRO N 100 26.55 -10.43 -42.60
N GLY N 101 27.19 -9.39 -43.12
CA GLY N 101 27.13 -9.11 -44.54
C GLY N 101 26.16 -7.99 -44.84
N THR N 102 25.22 -7.74 -43.92
CA THR N 102 24.32 -6.57 -44.03
C THR N 102 24.81 -5.43 -43.14
N ILE N 103 24.35 -4.21 -43.42
CA ILE N 103 24.74 -3.06 -42.60
C ILE N 103 24.41 -3.24 -41.14
N ARG N 104 23.19 -3.67 -40.84
CA ARG N 104 22.82 -3.80 -39.44
C ARG N 104 23.50 -4.98 -38.79
N GLY N 105 23.69 -6.04 -39.56
CA GLY N 105 24.48 -7.21 -39.15
C GLY N 105 25.96 -6.95 -38.86
N ASP N 106 26.61 -6.06 -39.62
CA ASP N 106 28.00 -5.70 -39.34
C ASP N 106 28.17 -4.63 -38.19
N PHE N 107 27.21 -3.72 -38.05
CA PHE N 107 27.43 -2.50 -37.27
C PHE N 107 26.50 -2.23 -36.10
N ALA N 108 25.41 -2.97 -36.01
CA ALA N 108 24.41 -2.59 -35.07
C ALA N 108 24.05 -3.67 -34.04
N VAL N 109 23.64 -3.22 -32.86
CA VAL N 109 23.30 -4.13 -31.80
C VAL N 109 21.82 -4.02 -31.43
N ASP N 110 21.30 -2.81 -31.21
CA ASP N 110 19.93 -2.71 -30.78
C ASP N 110 19.02 -1.85 -31.66
N VAL N 111 17.72 -2.13 -31.63
CA VAL N 111 16.79 -1.63 -32.67
C VAL N 111 16.63 -0.15 -32.54
N GLY N 112 16.88 0.39 -31.35
CA GLY N 112 16.75 1.82 -31.18
C GLY N 112 17.95 2.56 -31.73
N ARG N 113 18.96 1.81 -32.17
CA ARG N 113 20.19 2.39 -32.69
C ARG N 113 20.57 1.57 -33.90
N ASN N 114 19.71 1.58 -34.90
CA ASN N 114 19.87 0.64 -35.96
C ASN N 114 20.52 1.23 -37.19
N VAL N 115 21.30 2.28 -36.96
CA VAL N 115 22.17 2.96 -37.92
C VAL N 115 21.61 3.54 -39.21
N CYS N 116 20.64 2.87 -39.80
N CYS N 116 20.62 2.87 -39.80
CA CYS N 116 20.12 3.39 -41.05
CA CYS N 116 20.24 3.16 -41.17
C CYS N 116 18.62 3.21 -41.17
C CYS N 116 18.81 2.73 -41.59
N HIS N 117 18.10 3.59 -42.33
CA HIS N 117 16.70 3.41 -42.68
C HIS N 117 16.61 3.29 -44.22
N GLY N 118 15.74 2.40 -44.71
CA GLY N 118 15.42 2.32 -46.12
C GLY N 118 13.94 2.16 -46.32
N SER N 119 13.40 2.72 -47.40
CA SER N 119 11.96 2.67 -47.67
C SER N 119 11.46 1.25 -47.74
N ASP N 120 10.32 0.92 -47.12
CA ASP N 120 9.82 -0.46 -47.13
C ASP N 120 9.04 -0.92 -48.38
N SER N 121 8.75 0.01 -49.29
CA SER N 121 8.04 -0.30 -50.55
C SER N 121 8.13 0.88 -51.48
N VAL N 122 7.81 0.69 -52.75
CA VAL N 122 7.97 1.77 -53.74
C VAL N 122 7.05 2.95 -53.47
N GLU N 123 5.87 2.63 -52.96
CA GLU N 123 4.91 3.65 -52.56
C GLU N 123 5.50 4.43 -51.39
N SER N 124 6.02 3.72 -50.39
CA SER N 124 6.73 4.35 -49.27
C SER N 124 7.87 5.20 -49.75
N ALA N 125 8.64 4.67 -50.71
CA ALA N 125 9.81 5.35 -51.24
C ALA N 125 9.41 6.69 -51.84
N GLU N 126 8.41 6.69 -52.74
CA GLU N 126 8.00 7.95 -53.38
C GLU N 126 7.50 8.93 -52.35
N ARG N 127 6.89 8.42 -51.30
CA ARG N 127 6.49 9.32 -50.24
C ARG N 127 7.73 9.89 -49.51
N GLU N 128 8.69 9.05 -49.16
CA GLU N 128 9.79 9.50 -48.34
C GLU N 128 10.68 10.46 -49.13
N ILE N 129 10.74 10.24 -50.42
CA ILE N 129 11.62 11.01 -51.26
C ILE N 129 11.12 12.45 -51.36
N ALA N 130 9.81 12.63 -51.51
CA ALA N 130 9.28 13.99 -51.72
C ALA N 130 9.15 14.71 -50.40
N PHE N 131 9.12 13.97 -49.32
CA PHE N 131 9.17 14.59 -48.02
C PHE N 131 10.53 15.27 -47.79
N TRP N 132 11.64 14.70 -48.25
CA TRP N 132 12.92 15.19 -47.81
C TRP N 132 13.54 15.96 -48.92
N PHE N 133 13.06 15.75 -50.13
CA PHE N 133 13.73 16.32 -51.25
C PHE N 133 12.78 16.99 -52.18
N LYS N 134 13.04 18.26 -52.46
CA LYS N 134 12.37 18.97 -53.50
C LYS N 134 12.90 18.45 -54.85
N ALA N 135 12.12 18.59 -55.92
CA ALA N 135 12.43 17.90 -57.17
C ALA N 135 13.68 18.42 -57.82
N ASP N 136 14.02 19.63 -57.44
CA ASP N 136 15.17 20.30 -57.97
C ASP N 136 16.43 19.78 -57.30
N GLU N 137 16.25 18.99 -56.25
CA GLU N 137 17.39 18.46 -55.54
C GLU N 137 17.85 17.15 -56.15
N ILE N 138 16.99 16.51 -56.93
CA ILE N 138 17.20 15.16 -57.47
C ILE N 138 17.97 15.32 -58.76
N ALA N 139 19.10 14.64 -58.90
CA ALA N 139 19.93 14.82 -60.09
C ALA N 139 19.54 13.75 -61.06
N SER N 140 19.72 14.05 -62.34
CA SER N 140 19.32 13.17 -63.41
C SER N 140 20.51 13.03 -64.27
N TRP N 141 21.11 11.84 -64.25
CA TRP N 141 22.28 11.57 -65.06
C TRP N 141 22.29 10.13 -65.44
N THR N 142 23.24 9.80 -66.29
CA THR N 142 23.35 8.51 -66.85
C THR N 142 24.69 7.94 -66.47
N SER N 143 24.66 6.84 -65.71
CA SER N 143 25.88 6.12 -65.36
C SER N 143 26.51 5.52 -66.61
N HIS N 144 27.80 5.72 -66.80
CA HIS N 144 28.51 5.10 -67.93
C HIS N 144 28.58 3.58 -67.85
N SER N 145 28.17 3.01 -66.73
CA SER N 145 28.26 1.55 -66.52
C SER N 145 26.92 0.82 -66.70
N VAL N 146 25.86 1.56 -67.04
CA VAL N 146 24.52 0.98 -67.04
C VAL N 146 24.37 -0.31 -67.85
N SER N 147 25.11 -0.43 -68.96
CA SER N 147 25.03 -1.66 -69.72
C SER N 147 25.88 -2.78 -69.17
N GLN N 148 26.66 -2.51 -68.12
CA GLN N 148 27.42 -3.57 -67.43
C GLN N 148 26.59 -4.19 -66.30
N ILE N 149 25.58 -3.46 -65.88
CA ILE N 149 24.83 -3.79 -64.71
C ILE N 149 23.44 -4.30 -65.10
N TYR N 150 22.81 -3.67 -66.10
CA TYR N 150 21.50 -4.16 -66.53
C TYR N 150 21.48 -4.79 -67.89
N GLU N 151 20.91 -5.99 -67.94
CA GLU N 151 20.69 -6.79 -69.16
C GLU N 151 20.15 -5.96 -70.30
#